data_4GKO
#
_entry.id   4GKO
#
_cell.length_a   62.830
_cell.length_b   110.130
_cell.length_c   367.410
_cell.angle_alpha   90.000
_cell.angle_beta   90.000
_cell.angle_gamma   90.000
#
_symmetry.space_group_name_H-M   'P 21 21 21'
#
loop_
_entity.id
_entity.type
_entity.pdbx_description
1 polymer 'Ig epsilon chain C region'
2 polymer 'Low affinity immunoglobulin epsilon Fc receptor'
3 branched alpha-D-mannopyranose-(1-3)-[alpha-D-mannopyranose-(1-6)]beta-D-mannopyranose-(1-4)-2-acetamido-2-deoxy-beta-D-glucopyranose-(1-4)-2-acetamido-2-deoxy-beta-D-glucopyranose
4 non-polymer alpha-D-mannopyranose
5 non-polymer 'CALCIUM ION'
#
loop_
_entity_poly.entity_id
_entity_poly.type
_entity_poly.pdbx_seq_one_letter_code
_entity_poly.pdbx_strand_id
1 'polypeptide(L)'
;ADPCADSNPRGVSAYLSRPSPFDLFIRKSPTITCLVVDLAPSKGTVQLTWSRASGKPVQHSTRKEEKQRNGTLTVTSTLP
VGTRDWIEGETYQCRVTHPHLPRALMRSTTKTSGPRAAPEVYAFATPEWPGSRDKRTLACLIQNFMPEDISVQWLHNEVQ
LPDARHSTTQPRKTKGSGFFVFSRLEVTRAEWEQKDEFICRAVHEAASPSQTVQRAVSVNPGK
;
A,B,C,D,E,F
2 'polypeptide(L)'
;SGFVCNTCPEKWINFQRKCYYFGKGTKQWVHARYACDDMEGQLVSIHSPEEQDFLTKHASHTGSWIGLRNLDLKGEFIWV
DGSHVDYSNWAPGEPTSRSQGEDCVMMRGSGRWNDAFCDRKLGAWVCDRLATCTPPASEGSAE
;
G,H,I,J,K,L
#
# COMPACT_ATOMS: atom_id res chain seq x y z
N GLY A 11 52.29 27.87 -0.08
CA GLY A 11 50.85 27.52 -0.16
C GLY A 11 50.17 28.12 -1.37
N VAL A 12 49.29 27.34 -2.04
CA VAL A 12 48.69 27.70 -3.34
C VAL A 12 47.58 26.73 -3.86
N SER A 13 46.43 27.34 -4.23
CA SER A 13 45.22 26.62 -4.69
C SER A 13 44.75 27.03 -6.12
N ALA A 14 43.72 26.37 -6.66
CA ALA A 14 43.23 26.58 -8.05
C ALA A 14 41.81 26.11 -8.15
N TYR A 15 41.05 26.61 -9.12
CA TYR A 15 39.62 26.30 -9.17
C TYR A 15 39.17 26.07 -10.61
N LEU A 16 38.09 25.33 -10.77
CA LEU A 16 37.50 25.00 -12.11
C LEU A 16 35.96 24.94 -12.06
N SER A 17 35.33 25.93 -12.68
CA SER A 17 33.91 26.21 -12.41
C SER A 17 33.07 25.76 -13.58
N ARG A 18 31.95 25.06 -13.30
CA ARG A 18 31.00 24.58 -14.33
C ARG A 18 30.43 25.77 -15.14
N PRO A 19 29.78 25.52 -16.27
CA PRO A 19 29.27 26.65 -16.98
C PRO A 19 28.00 27.21 -16.30
N SER A 20 27.51 28.34 -16.77
CA SER A 20 26.36 29.01 -16.14
C SER A 20 25.10 28.54 -16.78
N PRO A 21 24.13 28.04 -15.97
CA PRO A 21 22.91 27.55 -16.55
C PRO A 21 22.34 28.45 -17.68
N PHE A 22 22.56 29.75 -17.50
CA PHE A 22 22.22 30.71 -18.56
C PHE A 22 23.00 30.53 -19.93
N ASP A 23 24.31 30.37 -19.83
CA ASP A 23 25.16 30.22 -20.98
C ASP A 23 24.81 28.90 -21.67
N LEU A 24 24.51 27.88 -20.86
CA LEU A 24 24.33 26.50 -21.31
C LEU A 24 22.98 26.32 -21.91
N PHE A 25 21.91 26.60 -21.14
CA PHE A 25 20.54 26.28 -21.52
C PHE A 25 19.88 27.31 -22.42
N ILE A 26 20.28 28.56 -22.31
CA ILE A 26 19.62 29.64 -23.05
C ILE A 26 20.54 30.25 -24.11
N ARG A 27 21.67 30.78 -23.67
CA ARG A 27 22.68 31.35 -24.57
C ARG A 27 23.29 30.28 -25.48
N LYS A 28 23.19 29.02 -25.05
CA LYS A 28 23.67 27.86 -25.81
C LYS A 28 25.12 27.93 -26.18
N SER A 29 25.89 28.73 -25.45
CA SER A 29 27.36 28.81 -25.60
C SER A 29 28.06 28.86 -24.22
N PRO A 30 27.95 27.75 -23.49
CA PRO A 30 28.57 27.65 -22.19
C PRO A 30 30.07 27.63 -22.25
N THR A 31 30.63 28.11 -21.16
CA THR A 31 32.08 28.12 -20.97
C THR A 31 32.35 27.67 -19.58
N ILE A 32 33.45 26.96 -19.39
CA ILE A 32 33.96 26.77 -18.05
C ILE A 32 35.14 27.73 -17.89
N THR A 33 35.45 28.07 -16.63
CA THR A 33 36.64 28.86 -16.33
C THR A 33 37.52 28.14 -15.27
N CYS A 34 38.82 28.05 -15.55
CA CYS A 34 39.77 27.58 -14.60
C CYS A 34 40.41 28.81 -14.00
N LEU A 35 40.15 29.04 -12.70
CA LEU A 35 40.73 30.17 -11.96
C LEU A 35 41.82 29.68 -11.04
N VAL A 36 43.01 30.23 -11.23
CA VAL A 36 44.08 29.99 -10.27
C VAL A 36 44.52 31.25 -9.47
N VAL A 37 44.34 31.16 -8.16
CA VAL A 37 44.68 32.19 -7.21
C VAL A 37 46.07 31.96 -6.66
N ASP A 38 47.01 32.78 -7.08
CA ASP A 38 48.34 32.71 -6.53
C ASP A 38 48.54 33.67 -5.37
N LEU A 39 48.80 33.07 -4.20
CA LEU A 39 48.91 33.81 -2.94
C LEU A 39 50.27 34.50 -2.75
N ALA A 40 51.13 34.38 -3.76
CA ALA A 40 52.33 35.22 -3.92
C ALA A 40 52.91 34.86 -5.31
N PRO A 41 52.81 35.79 -6.31
CA PRO A 41 53.32 35.58 -7.67
C PRO A 41 54.84 35.66 -7.79
N SER A 42 55.41 34.65 -8.42
CA SER A 42 56.80 34.65 -8.72
C SER A 42 56.98 35.03 -10.18
N LYS A 43 58.22 35.33 -10.51
CA LYS A 43 58.62 35.97 -11.79
C LYS A 43 58.59 34.98 -12.95
N GLY A 44 57.70 34.00 -12.85
CA GLY A 44 57.46 33.05 -13.93
C GLY A 44 56.03 33.00 -14.45
N THR A 45 55.80 32.13 -15.43
CA THR A 45 54.50 31.94 -16.10
C THR A 45 53.78 30.67 -15.60
N VAL A 46 52.50 30.54 -15.94
CA VAL A 46 51.65 29.60 -15.22
C VAL A 46 51.09 28.41 -16.03
N GLN A 47 51.11 28.50 -17.37
CA GLN A 47 50.76 27.35 -18.24
C GLN A 47 49.37 26.59 -18.01
N LEU A 48 48.21 27.26 -18.19
CA LEU A 48 46.91 26.59 -18.00
C LEU A 48 46.55 25.68 -19.17
N THR A 49 46.61 24.36 -19.01
CA THR A 49 46.44 23.39 -20.12
C THR A 49 45.05 22.74 -20.06
N TRP A 50 44.44 22.59 -21.23
CA TRP A 50 43.10 22.02 -21.34
C TRP A 50 43.07 20.68 -21.98
N SER A 51 42.24 19.77 -21.48
CA SER A 51 42.16 18.40 -22.00
C SER A 51 40.81 17.76 -21.74
N ARG A 52 40.32 17.00 -22.71
CA ARG A 52 39.03 16.29 -22.51
C ARG A 52 39.31 14.86 -22.10
N ALA A 53 38.48 14.32 -21.21
CA ALA A 53 38.64 12.97 -20.70
C ALA A 53 38.50 11.94 -21.77
N SER A 54 37.73 12.25 -22.82
CA SER A 54 37.61 11.38 -24.04
C SER A 54 38.91 11.35 -24.85
N GLY A 55 39.65 12.44 -24.74
CA GLY A 55 40.81 12.65 -25.54
C GLY A 55 40.46 13.41 -26.80
N LYS A 56 39.22 13.89 -26.91
CA LYS A 56 38.87 14.76 -28.02
C LYS A 56 39.57 16.10 -27.93
N PRO A 57 39.68 16.82 -29.05
CA PRO A 57 40.31 18.15 -29.05
C PRO A 57 39.48 19.17 -28.27
N VAL A 58 40.11 19.93 -27.39
CA VAL A 58 39.46 21.11 -26.79
C VAL A 58 39.50 22.33 -27.74
N GLN A 59 38.46 23.14 -27.73
CA GLN A 59 38.43 24.40 -28.48
C GLN A 59 39.49 25.36 -27.89
N HIS A 60 39.77 26.44 -28.61
CA HIS A 60 40.69 27.46 -28.10
C HIS A 60 40.09 28.29 -26.97
N SER A 61 40.84 28.41 -25.88
CA SER A 61 40.39 29.09 -24.64
C SER A 61 40.91 30.52 -24.47
N THR A 62 40.17 31.33 -23.70
CA THR A 62 40.52 32.75 -23.33
C THR A 62 41.27 32.91 -22.01
N GLU A 65 44.75 36.95 -17.14
CA GLU A 65 45.60 37.20 -15.97
C GLU A 65 45.43 38.61 -15.36
N GLU A 66 45.45 38.74 -14.03
CA GLU A 66 45.20 40.04 -13.41
C GLU A 66 45.82 40.22 -12.06
N LYS A 67 46.40 41.40 -11.85
CA LYS A 67 46.92 41.78 -10.55
C LYS A 67 45.84 42.31 -9.60
N GLN A 68 45.67 41.58 -8.50
CA GLN A 68 44.72 41.98 -7.51
C GLN A 68 45.27 43.01 -6.65
N ARG A 69 44.35 43.58 -5.92
CA ARG A 69 44.60 44.74 -5.14
C ARG A 69 45.26 44.36 -3.83
N ASN A 70 46.08 43.30 -3.81
CA ASN A 70 46.88 42.92 -2.68
C ASN A 70 48.15 42.16 -3.06
N GLY A 71 48.66 42.45 -4.27
CA GLY A 71 49.86 41.81 -4.84
C GLY A 71 49.74 40.32 -5.10
N THR A 72 48.52 39.88 -5.37
CA THR A 72 48.33 38.46 -5.70
C THR A 72 47.90 38.41 -7.12
N LEU A 73 48.44 37.44 -7.84
CA LEU A 73 48.08 37.35 -9.21
C LEU A 73 46.90 36.38 -9.31
N THR A 74 45.90 36.80 -10.09
CA THR A 74 44.74 35.96 -10.38
C THR A 74 44.67 35.85 -11.88
N VAL A 75 44.89 34.64 -12.40
CA VAL A 75 44.74 34.31 -13.84
C VAL A 75 43.65 33.26 -14.11
N THR A 76 42.80 33.56 -15.09
CA THR A 76 41.64 32.72 -15.40
C THR A 76 41.56 32.37 -16.90
N SER A 77 41.42 31.08 -17.19
CA SER A 77 41.29 30.64 -18.57
C SER A 77 39.86 30.21 -18.73
N THR A 78 39.21 30.80 -19.73
CA THR A 78 37.83 30.50 -20.08
C THR A 78 37.73 29.60 -21.33
N LEU A 79 37.46 28.32 -21.10
CA LEU A 79 37.31 27.38 -22.19
C LEU A 79 35.87 27.26 -22.56
N PRO A 80 35.54 27.50 -23.86
CA PRO A 80 34.17 27.32 -24.30
C PRO A 80 33.92 25.84 -24.59
N VAL A 81 32.78 25.31 -24.10
CA VAL A 81 32.50 23.88 -24.30
C VAL A 81 31.33 23.63 -25.27
N GLY A 82 31.17 22.39 -25.66
CA GLY A 82 29.97 21.99 -26.39
C GLY A 82 28.75 21.95 -25.49
N THR A 83 27.67 22.55 -25.96
CA THR A 83 26.39 22.46 -25.29
C THR A 83 25.97 21.00 -25.07
N ARG A 84 25.83 20.24 -26.14
CA ARG A 84 25.48 18.86 -25.99
C ARG A 84 26.57 18.10 -25.24
N ASP A 85 27.83 18.45 -25.56
CA ASP A 85 29.01 17.77 -25.06
C ASP A 85 29.01 17.73 -23.56
N TRP A 86 28.65 18.87 -22.95
CA TRP A 86 28.62 19.02 -21.51
C TRP A 86 27.49 18.28 -20.85
N ILE A 87 26.29 18.45 -21.41
CA ILE A 87 25.03 17.91 -20.85
C ILE A 87 25.03 16.38 -20.83
N GLU A 88 25.74 15.79 -21.81
CA GLU A 88 25.83 14.33 -21.97
C GLU A 88 26.76 13.66 -21.00
N GLY A 89 27.72 14.43 -20.46
CA GLY A 89 28.58 13.94 -19.37
C GLY A 89 30.08 14.01 -19.61
N GLU A 90 30.52 14.75 -20.61
CA GLU A 90 31.93 14.91 -20.87
C GLU A 90 32.67 15.54 -19.66
N THR A 91 33.81 14.94 -19.32
CA THR A 91 34.65 15.46 -18.24
C THR A 91 35.74 16.31 -18.88
N TYR A 92 35.87 17.56 -18.41
CA TYR A 92 36.91 18.50 -18.83
C TYR A 92 37.98 18.70 -17.74
N GLN A 93 39.24 18.75 -18.13
CA GLN A 93 40.37 18.90 -17.18
C GLN A 93 41.29 20.04 -17.43
N CYS A 94 41.76 20.57 -16.31
CA CYS A 94 42.60 21.75 -16.26
C CYS A 94 43.98 21.34 -15.67
N ARG A 95 45.03 21.53 -16.49
CA ARG A 95 46.38 21.13 -16.12
C ARG A 95 47.31 22.36 -16.07
N VAL A 96 47.70 22.78 -14.86
CA VAL A 96 48.36 24.08 -14.71
C VAL A 96 49.83 23.95 -14.36
N THR A 97 50.71 24.42 -15.28
CA THR A 97 52.16 24.16 -15.20
C THR A 97 52.85 25.20 -14.34
N HIS A 98 52.84 25.00 -13.03
CA HIS A 98 53.28 25.99 -12.08
C HIS A 98 54.78 25.96 -11.74
N PRO A 99 55.45 27.14 -11.65
CA PRO A 99 56.87 27.06 -11.36
C PRO A 99 57.21 26.82 -9.88
N HIS A 100 56.25 26.48 -9.02
CA HIS A 100 56.56 26.39 -7.55
C HIS A 100 55.97 25.24 -6.77
N LEU A 101 55.11 24.46 -7.42
CA LEU A 101 54.63 23.21 -6.81
C LEU A 101 55.29 22.04 -7.50
N PRO A 102 55.89 21.13 -6.70
CA PRO A 102 56.79 20.08 -7.20
C PRO A 102 56.39 19.50 -8.55
N ARG A 103 55.08 19.25 -8.69
CA ARG A 103 54.43 18.77 -9.92
C ARG A 103 53.16 19.63 -10.17
N ALA A 104 52.32 19.19 -11.11
CA ALA A 104 51.29 19.99 -11.72
C ALA A 104 50.00 19.98 -10.95
N LEU A 105 49.07 20.77 -11.48
CA LEU A 105 47.71 20.85 -11.01
C LEU A 105 46.70 20.18 -11.95
N MET A 106 45.93 19.21 -11.43
CA MET A 106 44.91 18.57 -12.25
C MET A 106 43.51 18.84 -11.74
N ARG A 107 42.92 19.98 -12.11
CA ARG A 107 41.51 20.22 -11.78
C ARG A 107 40.55 19.65 -12.85
N SER A 108 39.51 18.93 -12.42
CA SER A 108 38.63 18.24 -13.36
C SER A 108 37.15 18.53 -13.16
N THR A 109 36.38 18.67 -14.23
CA THR A 109 34.96 19.09 -14.09
C THR A 109 34.01 18.29 -14.96
N THR A 110 32.85 17.91 -14.41
CA THR A 110 31.81 17.21 -15.17
C THR A 110 30.39 17.49 -14.63
N LYS A 111 29.39 17.13 -15.48
CA LYS A 111 27.98 17.28 -15.14
C LYS A 111 27.57 16.47 -13.88
N THR A 112 26.99 17.18 -12.90
CA THR A 112 26.66 16.73 -11.53
C THR A 112 25.51 15.78 -11.68
N SER A 113 25.75 14.49 -11.48
CA SER A 113 24.77 13.50 -11.91
C SER A 113 23.92 12.92 -10.76
N GLY A 114 22.64 13.27 -10.71
CA GLY A 114 21.71 12.78 -9.65
C GLY A 114 20.43 13.61 -9.66
N PRO A 115 19.64 13.66 -8.53
CA PRO A 115 18.23 14.17 -8.48
C PRO A 115 18.01 15.59 -8.95
N ARG A 116 16.84 15.81 -9.54
CA ARG A 116 16.48 17.16 -9.92
C ARG A 116 15.34 17.78 -9.07
N ALA A 117 15.32 19.09 -9.05
CA ALA A 117 14.19 19.80 -8.46
C ALA A 117 14.16 21.18 -9.07
N ALA A 118 12.96 21.58 -9.51
CA ALA A 118 12.75 22.92 -10.05
C ALA A 118 12.76 24.04 -8.96
N PRO A 119 13.38 25.19 -9.23
CA PRO A 119 13.51 26.14 -8.24
C PRO A 119 12.16 26.86 -7.96
N GLU A 120 11.90 27.25 -6.67
CA GLU A 120 10.75 28.08 -6.24
C GLU A 120 11.17 29.54 -6.28
N VAL A 121 10.46 30.35 -7.05
CA VAL A 121 10.77 31.76 -7.10
C VAL A 121 9.85 32.65 -6.27
N TYR A 122 10.47 33.50 -5.43
CA TYR A 122 9.77 34.52 -4.72
C TYR A 122 10.48 35.87 -4.97
N ALA A 123 9.74 36.93 -5.32
CA ALA A 123 10.22 38.29 -5.40
C ALA A 123 9.41 39.24 -4.45
N PHE A 124 10.11 39.94 -3.57
CA PHE A 124 9.59 41.01 -2.72
C PHE A 124 10.28 42.35 -2.99
N ALA A 125 9.73 43.37 -2.35
CA ALA A 125 10.25 44.69 -2.43
C ALA A 125 10.33 45.20 -0.99
N THR A 126 11.29 46.06 -0.66
CA THR A 126 11.33 46.62 0.71
C THR A 126 10.36 47.76 0.88
N PRO A 127 9.70 47.79 2.03
CA PRO A 127 8.94 48.96 2.43
C PRO A 127 9.81 50.21 2.44
N GLU A 128 9.18 51.40 2.42
CA GLU A 128 9.94 52.68 2.39
C GLU A 128 10.61 53.03 3.70
N TRP A 129 11.88 53.31 3.58
CA TRP A 129 12.61 53.82 4.70
C TRP A 129 12.79 55.30 4.60
N PRO A 130 12.48 56.02 5.69
CA PRO A 130 12.44 57.47 5.60
C PRO A 130 13.82 58.08 5.29
N GLY A 131 13.90 58.88 4.25
CA GLY A 131 15.17 59.54 3.88
C GLY A 131 15.87 58.87 2.71
N SER A 132 15.17 57.87 2.20
CA SER A 132 15.49 57.15 1.02
C SER A 132 14.15 56.96 0.25
N ARG A 133 13.60 58.09 -0.15
CA ARG A 133 12.38 58.13 -0.91
C ARG A 133 12.64 57.78 -2.36
N ASP A 134 13.80 58.17 -2.88
CA ASP A 134 14.18 57.94 -4.25
C ASP A 134 14.66 56.53 -4.62
N LYS A 135 14.81 55.66 -3.63
CA LYS A 135 15.32 54.28 -3.89
C LYS A 135 14.68 53.21 -3.01
N ARG A 136 14.55 52.02 -3.57
CA ARG A 136 14.07 50.87 -2.82
C ARG A 136 14.97 49.67 -3.14
N THR A 137 14.80 48.56 -2.43
CA THR A 137 15.61 47.33 -2.62
C THR A 137 14.68 46.17 -2.78
N LEU A 138 14.80 45.49 -3.89
CA LEU A 138 13.96 44.36 -4.19
C LEU A 138 14.69 43.11 -3.83
N ALA A 139 14.04 42.19 -3.11
CA ALA A 139 14.67 40.91 -2.81
C ALA A 139 14.06 39.78 -3.65
N CYS A 140 14.85 38.80 -4.08
CA CYS A 140 14.33 37.57 -4.64
C CYS A 140 14.86 36.35 -3.87
N LEU A 141 13.99 35.46 -3.45
CA LEU A 141 14.38 34.20 -2.84
C LEU A 141 14.07 33.03 -3.79
N ILE A 142 15.13 32.33 -4.20
CA ILE A 142 15.08 31.17 -5.12
C ILE A 142 15.49 29.95 -4.34
N GLN A 143 14.54 29.02 -4.12
CA GLN A 143 14.80 27.91 -3.17
C GLN A 143 14.21 26.54 -3.57
N ASN A 144 14.66 25.52 -2.82
CA ASN A 144 14.22 24.13 -2.98
C ASN A 144 14.60 23.46 -4.33
N PHE A 145 15.66 23.97 -4.96
CA PHE A 145 16.14 23.44 -6.20
C PHE A 145 17.39 22.54 -6.03
N MET A 146 17.67 21.69 -7.04
CA MET A 146 18.92 20.96 -7.16
C MET A 146 19.16 20.39 -8.59
N PRO A 147 20.44 20.35 -9.02
CA PRO A 147 21.70 20.68 -8.33
C PRO A 147 21.94 22.19 -8.05
N GLU A 148 23.02 22.52 -7.35
CA GLU A 148 23.29 23.92 -6.95
C GLU A 148 23.46 24.93 -8.14
N ASP A 149 23.80 24.41 -9.32
CA ASP A 149 24.03 25.26 -10.49
C ASP A 149 22.78 26.00 -10.86
N ILE A 150 22.81 27.32 -10.80
CA ILE A 150 21.67 28.15 -11.11
C ILE A 150 22.14 29.55 -11.53
N SER A 151 21.39 30.18 -12.41
CA SER A 151 21.69 31.54 -12.91
C SER A 151 20.59 32.49 -12.50
N VAL A 152 20.91 33.66 -11.96
CA VAL A 152 19.85 34.61 -11.42
C VAL A 152 19.93 36.01 -12.04
N GLN A 153 18.81 36.44 -12.59
CA GLN A 153 18.79 37.63 -13.40
C GLN A 153 17.63 38.58 -13.08
N TRP A 154 17.89 39.87 -13.29
CA TRP A 154 16.87 40.84 -13.07
C TRP A 154 16.52 41.54 -14.34
N LEU A 155 15.24 41.83 -14.54
CA LEU A 155 14.74 42.38 -15.80
C LEU A 155 14.08 43.78 -15.61
N HIS A 156 13.97 44.58 -16.68
CA HIS A 156 13.17 45.83 -16.70
C HIS A 156 12.81 46.14 -18.11
N ASN A 157 11.73 46.89 -18.35
CA ASN A 157 11.48 47.30 -19.73
C ASN A 157 11.86 46.11 -20.70
N GLU A 158 11.51 44.91 -20.25
CA GLU A 158 11.81 43.67 -20.96
C GLU A 158 13.17 43.56 -21.64
N VAL A 159 14.12 44.30 -21.05
CA VAL A 159 15.57 44.07 -21.23
C VAL A 159 16.24 43.77 -19.88
N GLN A 160 17.34 43.04 -19.90
CA GLN A 160 17.90 42.47 -18.70
C GLN A 160 18.82 43.47 -18.03
N LEU A 161 18.68 43.71 -16.73
CA LEU A 161 19.65 44.51 -15.98
C LEU A 161 21.03 43.86 -15.96
N PRO A 162 22.10 44.65 -16.20
CA PRO A 162 23.48 44.17 -16.11
C PRO A 162 23.87 43.65 -14.69
N ASP A 163 24.82 42.72 -14.75
CA ASP A 163 25.14 41.81 -13.66
C ASP A 163 25.58 42.51 -12.40
N ALA A 164 26.39 43.53 -12.59
CA ALA A 164 26.89 44.31 -11.51
C ALA A 164 25.73 44.84 -10.62
N ARG A 165 24.58 45.10 -11.23
CA ARG A 165 23.54 45.90 -10.58
C ARG A 165 22.91 45.28 -9.32
N HIS A 166 23.07 43.98 -9.15
CA HIS A 166 22.41 43.21 -8.08
C HIS A 166 23.38 42.26 -7.50
N SER A 167 23.02 41.63 -6.38
CA SER A 167 23.95 40.72 -5.72
C SER A 167 23.33 39.48 -5.12
N THR A 168 23.81 38.35 -5.60
CA THR A 168 23.21 37.02 -5.34
C THR A 168 24.17 36.08 -4.60
N THR A 169 23.70 35.53 -3.47
CA THR A 169 24.52 34.67 -2.64
C THR A 169 24.88 33.30 -3.28
N GLN A 170 25.88 32.67 -2.67
CA GLN A 170 26.30 31.34 -3.11
C GLN A 170 25.18 30.40 -2.59
N PRO A 171 24.79 29.44 -3.44
CA PRO A 171 23.76 28.43 -3.04
C PRO A 171 24.18 27.69 -1.77
N ARG A 172 23.32 27.74 -0.78
CA ARG A 172 23.51 26.99 0.48
C ARG A 172 22.46 25.89 0.49
N LYS A 173 22.71 24.83 1.27
CA LYS A 173 21.70 23.75 1.40
C LYS A 173 20.55 24.23 2.28
N THR A 174 19.37 23.76 1.94
CA THR A 174 18.17 23.96 2.78
C THR A 174 18.09 22.89 3.85
N LYS A 175 17.22 23.11 4.82
CA LYS A 175 16.99 22.11 5.88
C LYS A 175 16.63 20.72 5.32
N GLY A 176 16.02 20.71 4.14
CA GLY A 176 15.60 19.47 3.49
C GLY A 176 16.64 19.04 2.47
N SER A 177 16.18 18.75 1.25
CA SER A 177 17.10 18.34 0.18
C SER A 177 17.57 19.46 -0.77
N GLY A 178 16.75 20.52 -0.92
CA GLY A 178 17.07 21.62 -1.83
C GLY A 178 18.31 22.49 -1.57
N PHE A 179 18.35 23.57 -2.29
CA PHE A 179 19.40 24.56 -2.14
C PHE A 179 18.66 25.90 -2.22
N PHE A 180 19.25 27.01 -1.78
CA PHE A 180 18.58 28.32 -1.89
C PHE A 180 19.54 29.49 -2.11
N VAL A 181 19.12 30.48 -2.87
CA VAL A 181 19.87 31.75 -2.95
C VAL A 181 18.95 32.94 -2.79
N PHE A 182 19.52 34.12 -2.49
CA PHE A 182 18.78 35.36 -2.40
C PHE A 182 19.42 36.29 -3.34
N SER A 183 18.66 37.07 -4.03
CA SER A 183 19.28 38.04 -4.87
C SER A 183 18.77 39.38 -4.40
N ARG A 184 19.61 40.42 -4.40
CA ARG A 184 19.24 41.74 -3.80
C ARG A 184 19.44 42.80 -4.86
N LEU A 185 18.47 43.68 -5.07
CA LEU A 185 18.60 44.64 -6.14
C LEU A 185 18.09 46.01 -5.76
N GLU A 186 18.96 46.99 -5.75
CA GLU A 186 18.55 48.33 -5.46
C GLU A 186 18.01 49.02 -6.71
N VAL A 187 16.85 49.64 -6.60
CA VAL A 187 16.24 50.37 -7.74
C VAL A 187 15.99 51.85 -7.52
N THR A 188 16.27 52.67 -8.54
CA THR A 188 15.99 54.11 -8.46
C THR A 188 14.54 54.44 -8.77
N ARG A 189 14.05 55.53 -8.22
CA ARG A 189 12.70 55.97 -8.49
C ARG A 189 12.49 56.14 -10.01
N ALA A 190 13.50 56.61 -10.75
CA ALA A 190 13.42 56.76 -12.21
C ALA A 190 12.95 55.46 -12.85
N GLU A 191 13.48 54.35 -12.34
CA GLU A 191 13.23 53.05 -12.90
C GLU A 191 11.77 52.64 -12.68
N TRP A 192 11.32 52.62 -11.43
CA TRP A 192 9.98 52.21 -11.20
C TRP A 192 8.94 53.24 -11.56
N GLU A 193 9.34 54.49 -11.74
CA GLU A 193 8.42 55.49 -12.29
C GLU A 193 8.45 55.49 -13.84
N GLN A 194 9.13 54.53 -14.44
CA GLN A 194 9.01 54.28 -15.85
C GLN A 194 8.01 53.13 -16.05
N LYS A 195 8.43 51.92 -15.68
CA LYS A 195 7.52 50.74 -15.59
C LYS A 195 7.75 50.16 -14.21
N ASP A 196 6.71 50.22 -13.41
CA ASP A 196 6.76 49.69 -12.05
C ASP A 196 6.67 48.17 -11.97
N GLU A 197 7.35 47.45 -12.87
CA GLU A 197 7.44 45.97 -12.75
C GLU A 197 8.84 45.43 -13.06
N PHE A 198 9.36 44.66 -12.11
CA PHE A 198 10.72 44.15 -12.17
C PHE A 198 10.62 42.63 -12.05
N ILE A 199 11.28 41.91 -12.97
CA ILE A 199 11.23 40.46 -13.00
C ILE A 199 12.54 39.85 -12.47
N CYS A 200 12.37 38.93 -11.55
CA CYS A 200 13.45 38.11 -11.03
C CYS A 200 13.45 36.77 -11.75
N ARG A 201 14.46 36.53 -12.61
CA ARG A 201 14.62 35.29 -13.41
C ARG A 201 15.62 34.25 -12.83
N ALA A 202 15.26 32.95 -12.84
CA ALA A 202 16.19 31.88 -12.45
C ALA A 202 16.22 30.81 -13.50
N VAL A 203 17.37 30.71 -14.21
CA VAL A 203 17.65 29.60 -15.16
C VAL A 203 18.25 28.41 -14.38
N HIS A 204 17.48 27.32 -14.34
CA HIS A 204 17.91 26.11 -13.66
C HIS A 204 17.57 24.90 -14.48
N GLU A 205 18.51 23.95 -14.47
CA GLU A 205 18.37 22.63 -15.12
C GLU A 205 16.94 22.11 -15.13
N ALA A 206 16.37 21.97 -13.93
CA ALA A 206 15.07 21.32 -13.68
C ALA A 206 13.83 22.14 -13.98
N ALA A 207 14.01 23.41 -14.28
CA ALA A 207 12.87 24.30 -14.49
C ALA A 207 12.35 24.10 -15.91
N SER A 208 11.07 23.73 -16.03
CA SER A 208 10.44 23.57 -17.33
C SER A 208 9.12 24.41 -17.38
N PRO A 209 8.67 24.69 -18.62
CA PRO A 209 9.49 24.49 -19.84
C PRO A 209 10.54 25.65 -20.02
N SER A 210 11.44 25.39 -20.96
CA SER A 210 12.50 26.35 -21.33
C SER A 210 13.44 26.71 -20.18
N GLN A 211 13.59 25.81 -19.22
CA GLN A 211 14.56 25.99 -18.11
C GLN A 211 14.43 27.38 -17.35
N THR A 212 13.19 27.86 -17.18
CA THR A 212 13.02 29.18 -16.57
C THR A 212 11.86 29.21 -15.63
N VAL A 213 12.16 29.77 -14.44
CA VAL A 213 11.14 30.16 -13.46
C VAL A 213 11.38 31.63 -13.13
N GLN A 214 10.32 32.46 -13.12
CA GLN A 214 10.40 33.90 -12.85
C GLN A 214 9.22 34.48 -12.07
N ARG A 215 9.47 35.46 -11.21
CA ARG A 215 8.42 36.21 -10.51
C ARG A 215 8.53 37.69 -10.85
N ALA A 216 7.37 38.31 -10.89
CA ALA A 216 7.28 39.71 -11.16
C ALA A 216 7.03 40.47 -9.81
N VAL A 217 7.55 41.73 -9.67
CA VAL A 217 7.63 42.45 -8.35
C VAL A 217 7.48 43.98 -8.43
N SER A 218 6.55 44.53 -7.65
CA SER A 218 6.10 45.94 -7.85
C SER A 218 6.31 46.82 -6.61
N VAL A 219 6.80 48.02 -6.83
CA VAL A 219 7.01 48.90 -5.74
C VAL A 219 5.65 49.54 -5.51
N ASN A 220 5.02 49.19 -4.39
CA ASN A 220 3.63 49.62 -4.04
C ASN A 220 2.60 49.61 -5.15
N PRO A 221 2.09 48.40 -5.50
CA PRO A 221 1.03 48.23 -6.52
C PRO A 221 -0.41 48.31 -5.97
N VAL B 12 47.50 23.48 6.70
CA VAL B 12 47.28 24.21 8.00
C VAL B 12 47.07 25.71 7.84
N SER B 13 45.80 26.12 7.80
CA SER B 13 45.48 27.53 8.00
C SER B 13 45.14 27.76 9.50
N ALA B 14 44.89 29.04 9.89
CA ALA B 14 44.48 29.44 11.25
C ALA B 14 43.51 30.62 11.16
N TYR B 15 42.60 30.75 12.12
CA TYR B 15 41.60 31.81 12.11
C TYR B 15 41.28 32.32 13.52
N LEU B 16 40.68 33.51 13.59
CA LEU B 16 40.37 34.16 14.86
C LEU B 16 39.15 35.06 14.70
N SER B 17 38.08 34.72 15.41
CA SER B 17 36.77 35.35 15.20
C SER B 17 36.39 36.25 16.33
N ARG B 18 35.85 37.43 15.97
CA ARG B 18 35.39 38.41 16.95
C ARG B 18 34.21 37.85 17.75
N PRO B 19 33.81 38.51 18.88
CA PRO B 19 32.64 37.99 19.60
C PRO B 19 31.34 38.26 18.81
N SER B 20 30.22 37.64 19.20
CA SER B 20 28.91 37.95 18.62
C SER B 20 28.31 39.20 19.31
N PRO B 21 27.89 40.19 18.49
CA PRO B 21 27.36 41.43 19.12
C PRO B 21 26.29 41.10 20.17
N PHE B 22 25.59 39.97 20.02
CA PHE B 22 24.65 39.53 21.07
C PHE B 22 25.31 39.20 22.42
N ASP B 23 26.44 38.47 22.39
CA ASP B 23 27.22 38.14 23.60
C ASP B 23 27.78 39.38 24.28
N LEU B 24 28.15 40.32 23.42
CA LEU B 24 28.83 41.52 23.80
C LEU B 24 27.85 42.52 24.38
N PHE B 25 26.85 42.91 23.57
CA PHE B 25 25.94 44.00 23.93
C PHE B 25 24.80 43.64 24.84
N ILE B 26 24.33 42.42 24.73
CA ILE B 26 23.17 42.04 25.49
C ILE B 26 23.56 41.12 26.63
N ARG B 27 24.11 39.96 26.24
CA ARG B 27 24.51 38.93 27.19
C ARG B 27 25.63 39.41 28.08
N LYS B 28 26.34 40.44 27.64
CA LYS B 28 27.43 41.07 28.41
C LYS B 28 28.49 40.07 28.87
N SER B 29 28.65 38.98 28.09
CA SER B 29 29.73 38.03 28.29
C SER B 29 30.24 37.52 26.93
N PRO B 30 30.92 38.41 26.18
CA PRO B 30 31.48 38.08 24.87
C PRO B 30 32.59 37.07 24.96
N THR B 31 32.71 36.26 23.90
CA THR B 31 33.79 35.30 23.73
C THR B 31 34.33 35.38 22.29
N ILE B 32 35.65 35.27 22.13
CA ILE B 32 36.25 35.12 20.81
C ILE B 32 36.74 33.69 20.66
N THR B 33 36.91 33.24 19.41
CA THR B 33 37.39 31.90 19.19
C THR B 33 38.48 31.79 18.13
N CYS B 34 39.51 31.04 18.48
CA CYS B 34 40.58 30.74 17.58
C CYS B 34 40.33 29.36 16.98
N LEU B 35 40.00 29.32 15.70
CA LEU B 35 39.74 28.08 14.95
C LEU B 35 40.90 27.74 14.03
N VAL B 36 41.49 26.55 14.22
CA VAL B 36 42.48 26.02 13.27
C VAL B 36 42.04 24.73 12.57
N VAL B 37 41.98 24.82 11.24
CA VAL B 37 41.66 23.71 10.38
C VAL B 37 42.90 22.92 9.90
N PRO B 41 47.09 16.11 9.79
CA PRO B 41 47.06 16.05 11.24
C PRO B 41 47.61 14.72 11.80
N SER B 42 48.59 14.81 12.70
CA SER B 42 49.41 13.66 13.12
C SER B 42 49.50 13.57 14.64
N LYS B 43 50.73 13.61 15.16
CA LYS B 43 51.03 13.66 16.60
C LYS B 43 50.56 14.97 17.15
N GLY B 44 49.43 14.92 17.85
CA GLY B 44 48.73 16.13 18.29
C GLY B 44 49.28 16.91 19.47
N THR B 45 50.55 17.33 19.39
CA THR B 45 51.13 18.27 20.37
C THR B 45 50.81 19.74 20.02
N VAL B 46 49.52 20.02 19.79
CA VAL B 46 49.07 21.37 19.41
C VAL B 46 49.04 22.24 20.64
N GLN B 47 49.42 23.51 20.48
CA GLN B 47 49.44 24.44 21.61
C GLN B 47 48.82 25.78 21.25
N LEU B 48 47.55 25.96 21.56
CA LEU B 48 46.93 27.29 21.40
C LEU B 48 47.27 28.23 22.57
N THR B 49 48.07 29.27 22.27
CA THR B 49 48.52 30.28 23.25
C THR B 49 47.73 31.59 23.12
N TRP B 50 47.26 32.11 24.25
CA TRP B 50 46.54 33.36 24.31
C TRP B 50 47.33 34.46 25.00
N SER B 51 47.27 35.67 24.43
CA SER B 51 48.01 36.82 24.96
C SER B 51 47.34 38.14 24.60
N ARG B 52 47.37 39.08 25.52
CA ARG B 52 46.85 40.44 25.28
C ARG B 52 47.99 41.35 24.85
N ALA B 53 47.69 42.26 23.92
CA ALA B 53 48.66 43.23 23.41
C ALA B 53 49.16 44.15 24.53
N SER B 54 48.35 44.30 25.58
CA SER B 54 48.73 45.06 26.80
C SER B 54 49.75 44.29 27.61
N GLY B 55 49.65 42.97 27.56
CA GLY B 55 50.49 42.13 28.40
C GLY B 55 49.78 41.73 29.68
N LYS B 56 48.53 42.18 29.82
CA LYS B 56 47.71 41.82 30.98
C LYS B 56 47.27 40.35 30.94
N PRO B 57 46.92 39.77 32.11
CA PRO B 57 46.56 38.34 32.14
C PRO B 57 45.23 38.04 31.41
N VAL B 58 45.24 37.08 30.47
CA VAL B 58 43.99 36.62 29.76
C VAL B 58 43.23 35.62 30.64
N GLN B 59 41.90 35.60 30.56
CA GLN B 59 41.10 34.60 31.30
C GLN B 59 41.34 33.19 30.75
N HIS B 60 40.88 32.18 31.49
CA HIS B 60 41.02 30.79 31.04
C HIS B 60 40.06 30.43 29.93
N SER B 61 40.62 29.83 28.88
CA SER B 61 39.88 29.51 27.65
C SER B 61 39.42 28.05 27.56
N THR B 62 38.41 27.78 26.73
CA THR B 62 37.84 26.44 26.56
C THR B 62 38.30 25.82 25.25
N ARG B 63 39.10 24.77 25.40
CA ARG B 63 39.60 23.99 24.28
C ARG B 63 38.64 22.86 23.93
N LYS B 64 38.49 22.59 22.64
CA LYS B 64 37.89 21.35 22.14
C LYS B 64 38.39 21.01 20.74
N GLU B 65 38.93 19.80 20.63
CA GLU B 65 39.40 19.24 19.37
C GLU B 65 38.33 18.33 18.74
N GLU B 66 38.18 18.36 17.41
CA GLU B 66 37.25 17.44 16.75
C GLU B 66 37.75 16.95 15.40
N LYS B 67 37.59 15.64 15.15
CA LYS B 67 37.80 15.07 13.85
C LYS B 67 36.66 15.26 12.90
N GLN B 68 36.98 15.87 11.77
CA GLN B 68 36.05 16.16 10.73
C GLN B 68 35.87 15.00 9.79
N ARG B 69 34.80 15.11 9.03
CA ARG B 69 34.33 14.03 8.20
C ARG B 69 35.13 13.99 6.91
N ASN B 70 36.44 14.24 7.01
CA ASN B 70 37.37 14.07 5.91
C ASN B 70 38.84 13.92 6.37
N GLY B 71 39.02 13.34 7.55
CA GLY B 71 40.39 13.11 8.09
C GLY B 71 41.19 14.36 8.44
N THR B 72 40.45 15.42 8.74
CA THR B 72 41.06 16.66 9.18
C THR B 72 40.67 16.88 10.60
N LEU B 73 41.62 17.33 11.39
CA LEU B 73 41.36 17.75 12.73
C LEU B 73 40.94 19.23 12.69
N THR B 74 39.87 19.54 13.42
CA THR B 74 39.44 20.91 13.68
C THR B 74 39.42 21.16 15.18
N VAL B 75 40.40 21.95 15.65
CA VAL B 75 40.52 22.31 17.08
C VAL B 75 40.29 23.84 17.28
N THR B 76 39.47 24.16 18.30
CA THR B 76 39.06 25.54 18.59
C THR B 76 39.27 25.87 20.07
N SER B 77 39.81 27.06 20.30
CA SER B 77 39.92 27.60 21.63
C SER B 77 39.00 28.82 21.73
N THR B 78 38.13 28.80 22.74
CA THR B 78 37.20 29.91 22.98
C THR B 78 37.55 30.67 24.24
N LEU B 79 38.02 31.90 24.04
CA LEU B 79 38.44 32.78 25.12
C LEU B 79 37.38 33.80 25.46
N PRO B 80 37.01 33.87 26.73
CA PRO B 80 36.09 34.90 27.17
C PRO B 80 36.85 36.20 27.46
N VAL B 81 36.32 37.34 27.02
CA VAL B 81 36.96 38.67 27.23
C VAL B 81 36.14 39.66 28.09
N GLY B 82 36.81 40.70 28.56
CA GLY B 82 36.14 41.80 29.23
C GLY B 82 35.24 42.54 28.26
N THR B 83 34.00 42.81 28.66
CA THR B 83 33.04 43.62 27.89
C THR B 83 33.63 44.98 27.55
N ARG B 84 33.92 45.76 28.59
CA ARG B 84 34.55 47.05 28.44
C ARG B 84 35.88 46.96 27.75
N ASP B 85 36.67 45.99 28.14
CA ASP B 85 38.03 45.83 27.65
C ASP B 85 38.05 45.67 26.15
N TRP B 86 37.11 44.83 25.63
CA TRP B 86 36.92 44.58 24.15
C TRP B 86 36.49 45.82 23.45
N ILE B 87 35.44 46.47 23.97
CA ILE B 87 34.81 47.64 23.33
C ILE B 87 35.80 48.79 23.17
N GLU B 88 36.67 48.89 24.19
CA GLU B 88 37.57 50.01 24.34
C GLU B 88 38.82 49.85 23.45
N GLY B 89 39.08 48.64 22.97
CA GLY B 89 39.95 48.43 21.80
C GLY B 89 41.11 47.46 21.98
N GLU B 90 41.09 46.66 23.06
CA GLU B 90 42.12 45.68 23.36
C GLU B 90 42.31 44.66 22.19
N THR B 91 43.56 44.40 21.88
CA THR B 91 43.92 43.43 20.87
C THR B 91 44.32 42.12 21.50
N TYR B 92 43.66 41.06 21.06
CA TYR B 92 43.86 39.73 21.63
C TYR B 92 44.56 38.88 20.58
N GLN B 93 45.52 38.01 21.00
CA GLN B 93 46.28 37.19 20.09
C GLN B 93 46.32 35.73 20.40
N CYS B 94 46.44 34.95 19.31
CA CYS B 94 46.42 33.49 19.29
C CYS B 94 47.65 32.86 18.57
N ARG B 95 48.48 32.13 19.33
CA ARG B 95 49.75 31.55 18.82
C ARG B 95 49.75 30.02 18.80
N VAL B 96 50.21 29.40 17.71
CA VAL B 96 50.19 27.92 17.61
C VAL B 96 51.53 27.27 17.21
N THR B 97 52.03 26.32 18.02
CA THR B 97 53.27 25.56 17.72
C THR B 97 53.04 24.04 17.66
N HIS B 98 53.64 23.37 16.65
CA HIS B 98 53.20 22.04 16.15
C HIS B 98 54.22 21.27 15.30
N PRO B 99 54.32 19.94 15.53
CA PRO B 99 55.22 19.02 14.79
C PRO B 99 55.05 18.94 13.25
N HIS B 100 53.85 19.19 12.74
CA HIS B 100 53.51 19.17 11.27
C HIS B 100 53.35 20.59 10.72
N LEU B 101 53.93 21.55 11.44
CA LEU B 101 53.90 22.98 11.09
C LEU B 101 55.30 23.55 11.04
N PRO B 102 55.62 24.32 9.98
CA PRO B 102 56.96 24.84 9.75
C PRO B 102 57.35 26.07 10.60
N ARG B 103 56.49 27.09 10.65
CA ARG B 103 56.78 28.37 11.36
C ARG B 103 55.56 29.03 12.00
N ALA B 104 55.43 28.78 13.30
CA ALA B 104 54.24 29.06 14.13
C ALA B 104 53.26 30.13 13.66
N LEU B 105 51.98 29.79 13.61
CA LEU B 105 50.96 30.72 13.15
C LEU B 105 50.48 31.63 14.30
N MET B 106 50.39 32.93 13.99
CA MET B 106 50.17 33.96 14.99
C MET B 106 48.99 34.85 14.58
N ARG B 107 47.79 34.57 15.12
CA ARG B 107 46.56 35.31 14.74
C ARG B 107 46.11 36.33 15.80
N SER B 108 45.65 37.48 15.33
CA SER B 108 45.25 38.56 16.23
C SER B 108 43.85 39.12 15.90
N THR B 109 43.11 39.55 16.91
CA THR B 109 41.79 40.16 16.69
C THR B 109 41.58 41.42 17.57
N THR B 110 40.95 42.48 17.00
CA THR B 110 40.58 43.70 17.75
C THR B 110 39.31 44.35 17.25
N LYS B 111 38.74 45.24 18.05
CA LYS B 111 37.57 45.90 17.60
C LYS B 111 37.79 46.71 16.27
N THR B 112 36.92 46.47 15.28
CA THR B 112 36.96 47.09 13.94
C THR B 112 36.72 48.59 14.05
N SER B 113 37.75 49.40 14.00
CA SER B 113 37.52 50.81 14.39
C SER B 113 37.20 51.75 13.21
N GLY B 114 35.92 52.08 13.03
CA GLY B 114 35.51 52.72 11.79
C GLY B 114 34.19 53.43 11.91
N PRO B 115 33.59 53.81 10.77
CA PRO B 115 32.24 54.41 10.73
C PRO B 115 31.15 53.41 11.18
N ARG B 116 30.05 53.98 11.66
CA ARG B 116 28.93 53.15 12.06
C ARG B 116 27.64 53.53 11.36
N ALA B 117 26.82 52.50 11.13
CA ALA B 117 25.53 52.62 10.46
C ALA B 117 24.63 51.51 11.02
N ALA B 118 23.45 51.92 11.48
CA ALA B 118 22.52 51.00 12.11
C ALA B 118 21.76 50.17 11.06
N PRO B 119 21.51 48.87 11.30
CA PRO B 119 20.91 47.98 10.30
C PRO B 119 19.42 48.27 9.98
N GLU B 120 19.05 48.17 8.69
CA GLU B 120 17.63 48.25 8.21
C GLU B 120 17.08 46.85 8.15
N VAL B 121 16.05 46.58 8.96
CA VAL B 121 15.52 45.23 9.04
C VAL B 121 14.16 45.16 8.33
N TYR B 122 13.99 44.12 7.50
CA TYR B 122 12.75 43.92 6.80
C TYR B 122 12.45 42.41 6.86
N ALA B 123 11.20 41.97 7.03
CA ALA B 123 10.90 40.54 7.28
C ALA B 123 9.68 40.06 6.54
N PHE B 124 9.84 38.99 5.78
CA PHE B 124 8.82 38.45 4.85
C PHE B 124 8.46 37.01 5.18
N ALA B 125 7.27 36.60 4.82
CA ALA B 125 6.89 35.20 4.85
C ALA B 125 6.49 34.87 3.43
N THR B 126 6.86 33.68 2.97
CA THR B 126 6.71 33.35 1.56
C THR B 126 5.28 32.95 1.24
N PRO B 127 4.78 33.39 0.07
CA PRO B 127 3.53 32.90 -0.48
C PRO B 127 3.37 31.37 -0.37
N GLU B 128 2.10 30.90 -0.34
CA GLU B 128 1.79 29.46 -0.36
C GLU B 128 2.21 28.78 -1.66
N TRP B 129 3.00 27.72 -1.50
CA TRP B 129 3.39 26.88 -2.60
C TRP B 129 2.50 25.68 -2.77
N PRO B 130 2.04 25.46 -4.03
CA PRO B 130 1.26 24.25 -4.31
C PRO B 130 1.94 22.93 -3.84
N GLY B 131 1.32 22.27 -2.86
CA GLY B 131 1.74 20.95 -2.42
C GLY B 131 2.53 21.07 -1.15
N SER B 132 2.28 22.13 -0.38
CA SER B 132 3.11 22.46 0.78
C SER B 132 2.32 23.40 1.72
N ARG B 133 1.23 22.88 2.25
CA ARG B 133 0.26 23.67 2.98
C ARG B 133 0.65 24.01 4.42
N ASP B 134 1.14 23.00 5.13
CA ASP B 134 1.39 23.16 6.56
C ASP B 134 2.75 23.77 6.86
N LYS B 135 3.49 24.19 5.82
CA LYS B 135 4.76 24.88 5.97
C LYS B 135 5.00 26.11 5.07
N ARG B 136 5.65 27.11 5.67
CA ARG B 136 6.07 28.37 5.03
C ARG B 136 7.52 28.66 5.33
N THR B 137 8.05 29.61 4.62
CA THR B 137 9.40 30.04 4.80
C THR B 137 9.39 31.53 5.04
N LEU B 138 9.99 31.93 6.14
CA LEU B 138 10.14 33.29 6.46
C LEU B 138 11.53 33.73 6.02
N ALA B 139 11.61 34.98 5.59
CA ALA B 139 12.85 35.60 5.16
C ALA B 139 13.07 36.89 5.89
N CYS B 140 14.33 37.23 6.16
CA CYS B 140 14.68 38.53 6.78
C CYS B 140 15.92 39.18 6.15
N LEU B 141 15.75 40.39 5.62
CA LEU B 141 16.83 41.14 5.00
C LEU B 141 17.26 42.20 5.95
N ILE B 142 18.53 42.16 6.40
CA ILE B 142 19.12 43.17 7.28
C ILE B 142 20.26 43.83 6.49
N GLN B 143 20.15 45.10 6.22
CA GLN B 143 21.11 45.77 5.32
C GLN B 143 21.52 47.22 5.73
N ASN B 144 22.49 47.77 5.00
CA ASN B 144 23.01 49.13 5.22
C ASN B 144 23.63 49.43 6.59
N PHE B 145 24.12 48.36 7.22
CA PHE B 145 24.80 48.48 8.50
C PHE B 145 26.32 48.36 8.34
N MET B 146 27.05 48.93 9.31
CA MET B 146 28.48 48.66 9.48
C MET B 146 28.97 48.95 10.89
N PRO B 147 29.94 48.15 11.36
CA PRO B 147 30.71 47.12 10.65
C PRO B 147 29.93 45.86 10.37
N GLU B 148 30.58 44.90 9.73
CA GLU B 148 29.90 43.67 9.37
C GLU B 148 29.40 42.83 10.58
N ASP B 149 30.02 42.98 11.73
CA ASP B 149 29.63 42.21 12.92
C ASP B 149 28.16 42.43 13.27
N ILE B 150 27.41 41.36 13.20
CA ILE B 150 25.98 41.46 13.44
C ILE B 150 25.44 40.13 13.95
N SER B 151 24.47 40.21 14.87
CA SER B 151 23.84 39.00 15.37
C SER B 151 22.38 38.93 14.89
N VAL B 152 21.97 37.80 14.25
CA VAL B 152 20.57 37.59 13.75
C VAL B 152 19.85 36.47 14.51
N GLN B 153 18.62 36.76 14.95
CA GLN B 153 17.83 35.84 15.74
C GLN B 153 16.38 35.92 15.34
N TRP B 154 15.65 34.83 15.63
CA TRP B 154 14.22 34.71 15.33
C TRP B 154 13.52 34.37 16.55
N LEU B 155 12.35 34.98 16.69
CA LEU B 155 11.56 34.86 17.91
C LEU B 155 10.14 34.34 17.67
N HIS B 156 9.46 33.92 18.75
CA HIS B 156 8.11 33.29 18.74
C HIS B 156 7.60 33.09 20.16
N ASN B 157 6.53 33.79 20.60
CA ASN B 157 5.94 33.59 21.97
C ASN B 157 6.88 33.86 23.13
N GLU B 158 7.51 35.02 23.14
CA GLU B 158 8.51 35.34 24.21
C GLU B 158 9.82 34.54 24.04
N VAL B 159 9.78 33.42 23.30
CA VAL B 159 10.94 32.50 23.25
C VAL B 159 11.76 32.65 21.99
N GLN B 160 13.08 32.70 22.13
CA GLN B 160 13.99 32.85 21.02
C GLN B 160 14.23 31.52 20.34
N LEU B 161 13.97 31.45 19.04
CA LEU B 161 14.14 30.23 18.30
C LEU B 161 15.60 29.76 18.25
N PRO B 162 15.82 28.42 18.32
CA PRO B 162 17.15 27.80 18.30
C PRO B 162 17.94 28.13 17.05
N ASP B 163 19.27 28.29 17.20
CA ASP B 163 20.13 28.85 16.17
C ASP B 163 20.15 28.00 14.90
N ALA B 164 20.13 26.68 15.06
CA ALA B 164 20.13 25.72 13.91
C ALA B 164 18.94 25.93 12.99
N ARG B 165 17.84 26.44 13.58
CA ARG B 165 16.52 26.57 12.92
C ARG B 165 16.53 27.47 11.67
N HIS B 166 17.41 28.46 11.74
CA HIS B 166 17.52 29.43 10.68
C HIS B 166 18.89 29.51 10.17
N SER B 167 19.10 30.16 9.04
CA SER B 167 20.43 30.22 8.41
C SER B 167 20.66 31.58 7.78
N THR B 168 21.76 32.20 8.24
CA THR B 168 22.02 33.57 7.89
C THR B 168 23.31 33.77 7.18
N THR B 169 23.28 34.60 6.13
CA THR B 169 24.42 34.70 5.21
C THR B 169 25.59 35.47 5.77
N GLN B 170 26.79 35.18 5.25
CA GLN B 170 27.97 35.98 5.56
C GLN B 170 27.71 37.40 5.03
N PRO B 171 28.00 38.41 5.85
CA PRO B 171 27.78 39.79 5.44
C PRO B 171 28.46 40.13 4.10
N ARG B 172 27.68 40.45 3.04
CA ARG B 172 28.19 40.99 1.76
C ARG B 172 28.05 42.50 1.68
N LYS B 173 28.95 43.14 0.96
CA LYS B 173 28.92 44.61 0.80
C LYS B 173 27.72 45.02 -0.04
N THR B 174 27.10 46.12 0.31
CA THR B 174 26.01 46.70 -0.48
C THR B 174 26.55 47.63 -1.52
N LYS B 175 25.66 48.08 -2.40
CA LYS B 175 26.03 49.01 -3.47
C LYS B 175 26.64 50.28 -2.89
N GLY B 176 26.15 50.69 -1.72
CA GLY B 176 26.64 51.86 -1.04
C GLY B 176 27.81 51.55 -0.14
N SER B 177 27.68 51.96 1.12
CA SER B 177 28.77 51.74 2.08
C SER B 177 28.53 50.57 3.03
N GLY B 178 27.26 50.24 3.25
CA GLY B 178 26.89 49.27 4.23
C GLY B 178 27.18 47.81 3.89
N PHE B 179 26.54 46.93 4.65
CA PHE B 179 26.65 45.50 4.44
C PHE B 179 25.22 44.99 4.50
N PHE B 180 24.97 43.79 3.99
CA PHE B 180 23.67 43.15 4.12
C PHE B 180 23.81 41.68 4.45
N VAL B 181 22.87 41.16 5.24
CA VAL B 181 22.76 39.72 5.43
C VAL B 181 21.32 39.27 5.15
N PHE B 182 21.09 38.01 4.76
CA PHE B 182 19.75 37.43 4.67
C PHE B 182 19.65 36.29 5.66
N SER B 183 18.48 36.14 6.24
CA SER B 183 18.26 34.99 7.10
C SER B 183 17.03 34.24 6.65
N ARG B 184 17.07 32.92 6.75
CA ARG B 184 15.99 32.08 6.17
C ARG B 184 15.42 31.13 7.19
N LEU B 185 14.09 31.08 7.29
CA LEU B 185 13.49 30.38 8.41
C LEU B 185 12.26 29.61 8.01
N GLU B 186 12.31 28.28 8.09
CA GLU B 186 11.17 27.46 7.73
C GLU B 186 10.31 27.26 8.94
N VAL B 187 8.99 27.38 8.77
CA VAL B 187 8.04 27.39 9.89
C VAL B 187 6.80 26.45 9.72
N THR B 188 6.43 25.74 10.80
CA THR B 188 5.22 24.90 10.84
C THR B 188 3.95 25.65 11.12
N ARG B 189 2.87 25.05 10.61
CA ARG B 189 1.52 25.58 10.77
C ARG B 189 1.15 25.76 12.25
N ALA B 190 1.55 24.82 13.10
CA ALA B 190 1.17 24.91 14.50
C ALA B 190 1.81 26.09 15.18
N GLU B 191 2.97 26.53 14.74
CA GLU B 191 3.61 27.75 15.27
C GLU B 191 2.77 29.02 15.01
N TRP B 192 2.39 29.20 13.74
CA TRP B 192 1.71 30.38 13.33
C TRP B 192 0.25 30.38 13.64
N GLU B 193 -0.40 29.22 13.72
CA GLU B 193 -1.85 29.26 14.05
C GLU B 193 -2.06 29.57 15.54
N GLN B 194 -1.12 29.09 16.36
CA GLN B 194 -1.00 29.36 17.80
C GLN B 194 -0.82 30.84 18.02
N LYS B 195 0.29 31.36 17.51
CA LYS B 195 0.59 32.79 17.57
C LYS B 195 1.27 33.21 16.26
N ASP B 196 0.48 33.81 15.38
CA ASP B 196 0.92 34.11 14.02
C ASP B 196 1.86 35.31 13.96
N GLU B 197 2.83 35.39 14.87
CA GLU B 197 3.84 36.46 14.83
C GLU B 197 5.31 36.01 15.07
N PHE B 198 6.15 36.28 14.09
CA PHE B 198 7.55 35.85 14.16
C PHE B 198 8.49 37.05 14.01
N ILE B 199 9.42 37.19 14.96
CA ILE B 199 10.21 38.42 15.04
C ILE B 199 11.59 38.10 14.53
N CYS B 200 12.07 38.95 13.64
CA CYS B 200 13.43 38.91 13.17
C CYS B 200 14.27 39.97 13.88
N ARG B 201 15.18 39.57 14.75
CA ARG B 201 15.98 40.53 15.59
C ARG B 201 17.45 40.68 15.25
N ALA B 202 17.90 41.91 15.12
CA ALA B 202 19.27 42.22 14.84
C ALA B 202 19.90 42.91 16.06
N VAL B 203 20.97 42.31 16.56
CA VAL B 203 21.83 42.99 17.51
C VAL B 203 22.98 43.50 16.67
N HIS B 204 23.22 44.82 16.75
CA HIS B 204 24.35 45.47 16.06
C HIS B 204 24.80 46.61 16.85
N GLU B 205 26.10 46.81 16.80
CA GLU B 205 26.78 47.89 17.44
C GLU B 205 26.09 49.25 17.37
N ALA B 206 25.70 49.67 16.16
CA ALA B 206 25.13 51.02 15.89
C ALA B 206 23.59 51.18 16.18
N ALA B 207 22.92 50.07 16.46
CA ALA B 207 21.49 50.02 16.66
C ALA B 207 21.09 50.64 17.99
N SER B 208 20.31 51.70 17.95
CA SER B 208 19.84 52.35 19.18
C SER B 208 18.31 52.31 19.28
N PRO B 209 17.74 52.26 20.50
CA PRO B 209 18.50 52.13 21.74
C PRO B 209 18.73 50.65 22.11
N SER B 210 19.73 50.45 22.98
CA SER B 210 20.05 49.13 23.53
C SER B 210 20.36 48.07 22.47
N GLN B 211 21.09 48.52 21.47
CA GLN B 211 21.69 47.69 20.40
C GLN B 211 20.77 46.66 19.75
N THR B 212 19.53 47.07 19.46
CA THR B 212 18.51 46.20 18.87
C THR B 212 17.70 46.89 17.80
N VAL B 213 17.60 46.21 16.63
CA VAL B 213 16.62 46.48 15.58
C VAL B 213 15.83 45.20 15.37
N GLN B 214 14.51 45.26 15.29
CA GLN B 214 13.70 44.07 14.94
C GLN B 214 12.47 44.33 14.03
N ARG B 215 12.11 43.35 13.20
CA ARG B 215 10.84 43.36 12.46
C ARG B 215 9.99 42.15 12.80
N ALA B 216 8.71 42.41 13.03
CA ALA B 216 7.71 41.38 13.20
C ALA B 216 7.08 41.04 11.83
N VAL B 217 6.81 39.76 11.56
CA VAL B 217 6.18 39.36 10.29
C VAL B 217 5.11 38.29 10.50
N SER B 218 3.94 38.41 9.87
CA SER B 218 2.91 37.37 9.95
C SER B 218 2.77 36.59 8.65
N VAL B 219 2.39 35.32 8.78
CA VAL B 219 2.08 34.46 7.65
C VAL B 219 0.64 34.87 7.34
N ASN B 220 0.48 35.45 6.15
CA ASN B 220 -0.80 36.07 5.66
C ASN B 220 -1.54 36.98 6.67
N PRO B 221 -0.99 38.18 6.95
CA PRO B 221 -1.52 39.10 7.99
C PRO B 221 -2.82 39.82 7.61
N VAL C 12 25.54 -23.61 28.27
CA VAL C 12 26.19 -23.61 26.92
C VAL C 12 25.76 -24.82 26.07
N SER C 13 24.88 -24.58 25.07
CA SER C 13 24.41 -25.66 24.12
C SER C 13 25.39 -25.95 22.98
N ALA C 14 25.38 -27.21 22.52
CA ALA C 14 26.10 -27.59 21.30
C ALA C 14 25.31 -28.53 20.37
N TYR C 15 25.34 -28.22 19.07
CA TYR C 15 24.61 -29.04 18.09
C TYR C 15 25.49 -29.53 16.94
N LEU C 16 25.42 -30.84 16.63
CA LEU C 16 26.11 -31.41 15.47
C LEU C 16 25.09 -31.86 14.43
N SER C 17 25.18 -31.28 13.26
CA SER C 17 24.12 -31.47 12.27
C SER C 17 24.52 -32.35 11.04
N ARG C 18 23.67 -33.33 10.72
CA ARG C 18 23.89 -34.30 9.66
C ARG C 18 24.07 -33.58 8.33
N PRO C 19 24.35 -34.28 7.22
CA PRO C 19 24.60 -33.51 6.01
C PRO C 19 23.35 -33.35 5.26
N SER C 20 23.35 -32.43 4.32
CA SER C 20 22.15 -32.15 3.59
C SER C 20 21.91 -33.15 2.49
N PRO C 21 20.74 -33.79 2.44
CA PRO C 21 20.54 -34.81 1.44
C PRO C 21 20.99 -34.35 0.03
N PHE C 22 20.95 -33.04 -0.23
CA PHE C 22 21.51 -32.46 -1.46
C PHE C 22 23.03 -32.58 -1.55
N ASP C 23 23.76 -32.19 -0.51
CA ASP C 23 25.24 -32.38 -0.48
C ASP C 23 25.59 -33.87 -0.62
N LEU C 24 24.71 -34.70 -0.08
CA LEU C 24 24.93 -36.12 0.08
C LEU C 24 24.59 -36.82 -1.17
N PHE C 25 23.33 -36.79 -1.56
CA PHE C 25 22.97 -37.64 -2.67
C PHE C 25 23.24 -37.06 -4.07
N ILE C 26 23.28 -35.75 -4.19
CA ILE C 26 23.37 -35.12 -5.48
C ILE C 26 24.73 -34.50 -5.67
N ARG C 27 25.08 -33.54 -4.83
CA ARG C 27 26.40 -32.92 -4.90
C ARG C 27 27.55 -33.96 -4.62
N LYS C 28 27.18 -35.09 -4.02
CA LYS C 28 28.08 -36.15 -3.65
C LYS C 28 29.28 -35.65 -2.81
N SER C 29 29.10 -34.49 -2.15
CA SER C 29 30.13 -33.96 -1.26
C SER C 29 29.58 -33.51 0.05
N PRO C 30 29.00 -34.44 0.85
CA PRO C 30 28.28 -34.04 2.04
C PRO C 30 29.24 -33.40 3.01
N THR C 31 28.74 -32.47 3.84
CA THR C 31 29.50 -32.00 5.00
C THR C 31 28.60 -32.08 6.19
N ILE C 32 29.18 -32.23 7.37
CA ILE C 32 28.44 -32.06 8.58
C ILE C 32 28.94 -30.79 9.26
N THR C 33 28.17 -30.23 10.19
CA THR C 33 28.62 -29.03 10.95
C THR C 33 28.33 -29.12 12.43
N CYS C 34 29.34 -28.78 13.20
CA CYS C 34 29.26 -28.74 14.63
C CYS C 34 29.11 -27.30 15.03
N LEU C 35 27.94 -26.93 15.57
CA LEU C 35 27.67 -25.58 16.02
C LEU C 35 27.59 -25.50 17.53
N VAL C 36 28.43 -24.67 18.12
CA VAL C 36 28.35 -24.39 19.56
C VAL C 36 27.99 -22.93 19.86
N VAL C 37 26.88 -22.76 20.57
CA VAL C 37 26.38 -21.47 20.96
C VAL C 37 26.79 -21.04 22.39
N ASP C 38 27.71 -20.09 22.43
CA ASP C 38 28.62 -19.86 23.55
C ASP C 38 28.12 -18.73 24.39
N LEU C 39 27.93 -19.04 25.67
CA LEU C 39 27.56 -18.11 26.75
C LEU C 39 28.79 -17.72 27.62
N ALA C 40 29.98 -17.73 27.00
CA ALA C 40 31.27 -17.26 27.60
C ALA C 40 32.37 -16.90 26.54
N PRO C 41 32.38 -15.64 26.02
CA PRO C 41 33.31 -15.35 24.92
C PRO C 41 34.56 -14.50 25.26
N SER C 42 35.76 -15.03 25.00
CA SER C 42 36.93 -14.15 24.71
C SER C 42 37.77 -14.67 23.55
N LEU C 48 37.29 -27.19 19.14
CA LEU C 48 36.61 -28.17 18.26
C LEU C 48 37.45 -29.40 17.68
N THR C 49 37.30 -30.53 18.34
CA THR C 49 37.94 -31.76 17.94
C THR C 49 36.95 -32.64 17.15
N TRP C 50 37.47 -33.32 16.13
CA TRP C 50 36.75 -34.28 15.31
C TRP C 50 37.34 -35.67 15.36
N SER C 51 36.48 -36.68 15.48
CA SER C 51 36.93 -38.06 15.48
C SER C 51 35.93 -38.99 14.80
N ARG C 52 36.44 -39.97 14.07
CA ARG C 52 35.61 -41.03 13.53
C ARG C 52 35.54 -42.23 14.49
N ALA C 53 34.33 -42.76 14.71
CA ALA C 53 34.12 -43.91 15.63
C ALA C 53 34.97 -45.12 15.26
N SER C 54 35.30 -45.19 13.99
CA SER C 54 36.20 -46.22 13.45
C SER C 54 37.63 -45.94 13.92
N GLY C 55 37.93 -44.65 14.06
CA GLY C 55 39.27 -44.22 14.36
C GLY C 55 40.01 -43.92 13.08
N LYS C 56 39.32 -43.96 11.95
CA LYS C 56 39.93 -43.56 10.73
C LYS C 56 40.24 -42.07 10.69
N PRO C 57 41.05 -41.61 9.71
CA PRO C 57 41.37 -40.17 9.58
C PRO C 57 40.18 -39.26 9.31
N VAL C 58 39.87 -38.28 10.16
CA VAL C 58 38.99 -37.14 9.75
C VAL C 58 39.70 -36.11 8.83
N GLN C 59 39.04 -35.68 7.74
CA GLN C 59 39.59 -34.72 6.77
C GLN C 59 39.73 -33.39 7.50
N HIS C 60 40.48 -32.43 6.94
CA HIS C 60 40.59 -31.15 7.60
C HIS C 60 39.31 -30.35 7.50
N SER C 61 38.84 -29.84 8.65
CA SER C 61 37.57 -29.11 8.74
C SER C 61 37.72 -27.58 8.74
N THR C 62 36.64 -26.91 8.36
CA THR C 62 36.60 -25.46 8.32
C THR C 62 35.95 -24.91 9.59
N ARG C 63 36.81 -24.40 10.49
CA ARG C 63 36.48 -23.66 11.74
C ARG C 63 36.20 -22.15 11.51
N LYS C 64 35.12 -21.69 12.09
CA LYS C 64 34.67 -20.30 11.89
C LYS C 64 33.88 -19.79 13.09
N GLU C 65 34.49 -18.84 13.80
CA GLU C 65 33.89 -18.22 14.98
C GLU C 65 33.27 -16.84 14.65
N GLU C 66 32.12 -16.52 15.24
CA GLU C 66 31.45 -15.25 14.98
C GLU C 66 30.70 -14.66 16.18
N LYS C 67 30.90 -13.36 16.39
CA LYS C 67 30.26 -12.61 17.50
C LYS C 67 28.87 -12.15 17.10
N GLN C 68 27.88 -12.59 17.87
CA GLN C 68 26.52 -12.32 17.53
C GLN C 68 26.12 -11.06 18.10
N ARG C 69 25.07 -10.46 17.56
CA ARG C 69 24.77 -9.09 18.02
C ARG C 69 23.92 -9.19 19.26
N ASN C 70 24.52 -9.85 20.25
CA ASN C 70 24.06 -9.83 21.61
C ASN C 70 25.12 -10.35 22.56
N GLY C 71 26.39 -10.13 22.26
CA GLY C 71 27.49 -10.51 23.18
C GLY C 71 27.66 -12.02 23.42
N THR C 72 27.20 -12.84 22.45
CA THR C 72 27.42 -14.28 22.46
C THR C 72 28.25 -14.67 21.28
N LEU C 73 29.18 -15.58 21.51
CA LEU C 73 30.00 -16.08 20.46
C LEU C 73 29.26 -17.30 19.89
N THR C 74 29.28 -17.43 18.56
CA THR C 74 28.81 -18.62 17.81
C THR C 74 29.96 -19.11 16.96
N VAL C 75 30.51 -20.26 17.33
CA VAL C 75 31.53 -20.96 16.51
C VAL C 75 31.00 -22.24 15.89
N THR C 76 31.32 -22.41 14.63
CA THR C 76 30.94 -23.59 13.90
C THR C 76 32.13 -24.27 13.20
N SER C 77 32.24 -25.59 13.32
CA SER C 77 33.21 -26.31 12.58
C SER C 77 32.44 -27.11 11.54
N THR C 78 32.81 -26.98 10.26
CA THR C 78 32.22 -27.75 9.16
C THR C 78 33.20 -28.85 8.64
N LEU C 79 32.87 -30.10 8.94
CA LEU C 79 33.65 -31.26 8.47
C LEU C 79 33.06 -31.91 7.19
N PRO C 80 33.83 -31.99 6.10
CA PRO C 80 33.41 -32.72 4.88
C PRO C 80 33.66 -34.24 4.98
N VAL C 81 32.67 -35.07 4.66
CA VAL C 81 32.80 -36.54 4.86
C VAL C 81 32.78 -37.37 3.59
N GLY C 82 33.18 -38.62 3.70
CA GLY C 82 32.90 -39.60 2.67
C GLY C 82 31.42 -39.89 2.39
N THR C 83 31.06 -39.79 1.13
CA THR C 83 29.71 -40.09 0.65
C THR C 83 29.26 -41.47 1.12
N ARG C 84 29.98 -42.48 0.66
CA ARG C 84 29.68 -43.87 1.00
C ARG C 84 30.00 -44.18 2.45
N ASP C 85 31.03 -43.53 3.00
CA ASP C 85 31.33 -43.68 4.41
C ASP C 85 30.10 -43.31 5.20
N TRP C 86 29.45 -42.18 4.84
CA TRP C 86 28.26 -41.69 5.57
C TRP C 86 27.08 -42.58 5.49
N ILE C 87 26.75 -42.91 4.27
CA ILE C 87 25.53 -43.64 4.01
C ILE C 87 25.53 -44.98 4.72
N GLU C 88 26.70 -45.60 4.80
CA GLU C 88 26.82 -46.94 5.35
C GLU C 88 26.74 -46.93 6.90
N GLY C 89 27.02 -45.82 7.51
CA GLY C 89 26.77 -45.77 8.94
C GLY C 89 27.86 -45.24 9.85
N GLU C 90 28.87 -44.62 9.25
CA GLU C 90 29.97 -44.08 9.99
C GLU C 90 29.47 -43.10 11.01
N THR C 91 29.93 -43.21 12.27
CA THR C 91 29.63 -42.23 13.32
C THR C 91 30.77 -41.21 13.36
N TYR C 92 30.36 -39.93 13.24
CA TYR C 92 31.25 -38.77 13.38
C TYR C 92 30.99 -38.01 14.70
N GLN C 93 32.05 -37.63 15.39
CA GLN C 93 31.92 -37.05 16.73
C GLN C 93 32.62 -35.75 16.81
N CYS C 94 32.12 -34.92 17.72
CA CYS C 94 32.56 -33.56 17.86
C CYS C 94 32.79 -33.13 19.34
N ARG C 95 33.90 -32.46 19.56
CA ARG C 95 34.38 -32.15 20.88
C ARG C 95 34.73 -30.69 20.99
N VAL C 96 34.76 -30.18 22.23
CA VAL C 96 35.17 -28.80 22.51
C VAL C 96 35.75 -28.70 23.89
N LEU C 105 32.20 -30.19 25.55
CA LEU C 105 30.87 -30.77 25.23
C LEU C 105 31.01 -31.96 24.29
N MET C 106 29.93 -32.67 23.99
CA MET C 106 30.03 -34.11 23.63
C MET C 106 29.06 -34.61 22.55
N ARG C 107 29.37 -34.42 21.27
CA ARG C 107 28.33 -34.62 20.25
C ARG C 107 28.68 -35.62 19.14
N SER C 108 27.75 -36.50 18.84
CA SER C 108 27.96 -37.42 17.73
C SER C 108 26.83 -37.37 16.73
N THR C 109 27.15 -37.72 15.50
CA THR C 109 26.19 -37.83 14.41
C THR C 109 26.32 -39.16 13.54
N THR C 110 25.20 -39.85 13.29
CA THR C 110 25.17 -40.92 12.30
C THR C 110 23.86 -41.04 11.57
N LYS C 111 23.84 -41.77 10.47
CA LYS C 111 22.61 -41.95 9.71
C LYS C 111 21.45 -42.59 10.50
N THR C 112 20.31 -41.93 10.43
CA THR C 112 19.17 -42.19 11.31
C THR C 112 18.46 -43.42 10.84
N SER C 113 18.64 -44.51 11.59
CA SER C 113 18.30 -45.87 11.16
C SER C 113 16.85 -46.42 11.45
N GLY C 114 15.93 -46.23 10.49
CA GLY C 114 14.49 -46.56 10.55
C GLY C 114 13.77 -46.37 9.18
N PRO C 115 12.42 -46.48 9.17
CA PRO C 115 11.49 -46.60 7.99
C PRO C 115 11.47 -45.45 7.05
N ARG C 116 11.19 -45.70 5.78
CA ARG C 116 11.22 -44.64 4.79
C ARG C 116 9.83 -44.23 4.30
N ALA C 117 9.80 -43.03 3.75
CA ALA C 117 8.64 -42.53 3.07
C ALA C 117 9.10 -41.37 2.20
N ALA C 118 8.71 -41.44 0.93
CA ALA C 118 9.14 -40.45 -0.08
C ALA C 118 8.25 -39.24 0.01
N PRO C 119 8.83 -38.00 -0.16
CA PRO C 119 8.10 -36.74 0.06
C PRO C 119 6.96 -36.48 -0.93
N GLU C 120 5.86 -35.90 -0.42
CA GLU C 120 4.83 -35.38 -1.30
C GLU C 120 5.12 -33.89 -1.53
N VAL C 121 5.46 -33.41 -2.72
CA VAL C 121 5.64 -31.93 -2.93
C VAL C 121 4.38 -31.30 -3.45
N TYR C 122 3.97 -30.20 -2.87
CA TYR C 122 2.89 -29.42 -3.41
C TYR C 122 3.37 -27.95 -3.64
N ALA C 123 2.96 -27.36 -4.75
CA ALA C 123 3.33 -25.96 -5.04
C ALA C 123 2.13 -25.00 -5.32
N PHE C 124 1.95 -24.02 -4.45
CA PHE C 124 0.89 -23.06 -4.58
C PHE C 124 1.51 -21.70 -5.01
N ALA C 125 0.84 -20.96 -5.92
CA ALA C 125 1.16 -19.52 -6.18
C ALA C 125 -0.01 -18.55 -5.81
N THR C 126 0.20 -17.70 -4.81
CA THR C 126 -0.89 -16.94 -4.19
C THR C 126 -1.71 -16.02 -5.12
N PRO C 127 -3.02 -16.04 -4.92
CA PRO C 127 -3.85 -15.21 -5.77
C PRO C 127 -3.41 -13.73 -5.66
N GLU C 128 -3.94 -12.86 -6.53
CA GLU C 128 -3.57 -11.46 -6.42
C GLU C 128 -4.23 -10.74 -5.25
N TRP C 129 -3.40 -10.06 -4.49
CA TRP C 129 -3.89 -9.16 -3.47
C TRP C 129 -3.86 -7.74 -3.91
N PRO C 130 -5.01 -7.04 -3.81
CA PRO C 130 -5.05 -5.66 -4.30
C PRO C 130 -4.12 -4.75 -3.47
N GLY C 131 -3.16 -4.11 -4.15
CA GLY C 131 -2.09 -3.34 -3.48
C GLY C 131 -0.73 -4.00 -3.60
N SER C 132 -0.67 -5.07 -4.40
CA SER C 132 0.51 -5.94 -4.49
C SER C 132 0.53 -6.59 -5.89
N ARG C 133 0.60 -5.75 -6.93
CA ARG C 133 0.51 -6.24 -8.32
C ARG C 133 1.85 -6.71 -8.88
N ASP C 134 2.93 -5.99 -8.53
CA ASP C 134 4.30 -6.31 -9.00
C ASP C 134 5.03 -7.44 -8.22
N LYS C 135 4.34 -8.07 -7.26
CA LYS C 135 4.88 -9.21 -6.47
C LYS C 135 3.80 -10.23 -6.07
N ARG C 136 4.20 -11.50 -6.05
CA ARG C 136 3.37 -12.61 -5.59
C ARG C 136 4.25 -13.52 -4.74
N THR C 137 3.61 -14.34 -3.90
CA THR C 137 4.30 -15.21 -2.94
C THR C 137 4.07 -16.67 -3.30
N LEU C 138 5.17 -17.37 -3.52
CA LEU C 138 5.11 -18.74 -3.89
C LEU C 138 5.26 -19.64 -2.67
N ALA C 139 4.37 -20.63 -2.56
CA ALA C 139 4.32 -21.56 -1.41
C ALA C 139 4.52 -22.96 -1.82
N CYS C 140 5.16 -23.76 -0.97
CA CYS C 140 5.43 -25.17 -1.27
C CYS C 140 5.31 -26.09 0.00
N LEU C 141 4.49 -27.12 -0.17
CA LEU C 141 4.24 -28.11 0.88
C LEU C 141 4.82 -29.42 0.59
N ILE C 142 5.80 -29.83 1.36
CA ILE C 142 6.52 -31.09 1.21
C ILE C 142 6.35 -32.00 2.44
N GLN C 143 5.49 -32.99 2.36
CA GLN C 143 5.04 -33.70 3.52
C GLN C 143 5.00 -35.18 3.43
N ASN C 144 4.72 -35.86 4.54
CA ASN C 144 4.59 -37.32 4.53
C ASN C 144 5.87 -38.16 4.22
N PHE C 145 7.02 -37.53 4.47
CA PHE C 145 8.31 -38.19 4.32
C PHE C 145 8.95 -38.53 5.68
N MET C 146 9.90 -39.48 5.63
CA MET C 146 10.77 -39.78 6.76
C MET C 146 12.03 -40.54 6.30
N PRO C 147 13.16 -40.33 7.01
CA PRO C 147 13.26 -39.57 8.27
C PRO C 147 13.28 -38.05 7.99
N GLU C 148 13.47 -37.24 9.02
CA GLU C 148 13.41 -35.80 8.81
C GLU C 148 14.36 -35.21 7.81
N ASP C 149 15.53 -35.82 7.65
CA ASP C 149 16.50 -35.29 6.71
C ASP C 149 15.88 -34.96 5.34
N ILE C 150 15.77 -33.68 4.99
CA ILE C 150 15.30 -33.30 3.69
C ILE C 150 15.87 -31.94 3.26
N SER C 151 16.12 -31.84 1.96
CA SER C 151 16.62 -30.59 1.37
C SER C 151 15.46 -29.92 0.59
N VAL C 152 15.43 -28.59 0.54
CA VAL C 152 14.42 -27.90 -0.25
C VAL C 152 15.08 -26.76 -1.04
N GLN C 153 14.75 -26.65 -2.34
CA GLN C 153 15.28 -25.64 -3.28
C GLN C 153 14.24 -25.02 -4.15
N TRP C 154 14.52 -23.78 -4.58
CA TRP C 154 13.71 -23.08 -5.56
C TRP C 154 14.50 -22.75 -6.76
N LEU C 155 13.98 -23.05 -7.95
CA LEU C 155 14.65 -22.63 -9.17
C LEU C 155 13.84 -21.72 -10.13
N HIS C 156 14.55 -21.18 -11.13
CA HIS C 156 14.00 -20.25 -12.14
C HIS C 156 14.96 -20.07 -13.30
N ASN C 157 14.64 -20.58 -14.49
CA ASN C 157 15.54 -20.52 -15.67
C ASN C 157 16.67 -21.53 -15.66
N GLU C 158 16.31 -22.78 -15.34
CA GLU C 158 17.31 -23.87 -15.21
C GLU C 158 18.27 -23.63 -14.00
N VAL C 159 18.26 -22.41 -13.41
CA VAL C 159 19.14 -22.03 -12.27
C VAL C 159 18.47 -21.89 -10.88
N GLN C 160 19.20 -22.31 -9.86
CA GLN C 160 18.68 -22.43 -8.52
C GLN C 160 18.78 -21.12 -7.80
N LEU C 161 17.69 -20.75 -7.15
CA LEU C 161 17.62 -19.49 -6.43
C LEU C 161 18.49 -19.52 -5.17
N PRO C 162 19.22 -18.40 -4.86
CA PRO C 162 19.96 -18.19 -3.58
C PRO C 162 19.15 -18.43 -2.35
N ASP C 163 19.83 -18.98 -1.34
CA ASP C 163 19.20 -19.62 -0.16
C ASP C 163 18.41 -18.62 0.63
N ALA C 164 19.01 -17.44 0.81
CA ALA C 164 18.40 -16.39 1.55
C ALA C 164 17.04 -15.95 0.94
N ARG C 165 16.83 -16.21 -0.35
CA ARG C 165 15.65 -15.75 -1.11
C ARG C 165 14.34 -16.43 -0.72
N HIS C 166 14.43 -17.62 -0.13
CA HIS C 166 13.26 -18.35 0.35
C HIS C 166 13.44 -18.68 1.86
N SER C 167 12.37 -19.17 2.52
CA SER C 167 12.42 -19.51 3.97
C SER C 167 11.55 -20.79 4.24
N THR C 168 12.22 -21.83 4.75
CA THR C 168 11.58 -23.09 4.97
C THR C 168 11.67 -23.54 6.45
N THR C 169 10.59 -24.21 6.85
CA THR C 169 10.38 -24.69 8.21
C THR C 169 11.19 -25.91 8.58
N GLN C 170 11.40 -26.09 9.90
CA GLN C 170 11.99 -27.38 10.37
C GLN C 170 10.92 -28.40 10.16
N PRO C 171 11.34 -29.59 9.84
CA PRO C 171 10.43 -30.69 9.78
C PRO C 171 9.60 -30.81 11.07
N ARG C 172 8.29 -30.86 10.89
CA ARG C 172 7.35 -31.18 11.94
C ARG C 172 6.70 -32.55 11.71
N LYS C 173 6.32 -33.25 12.81
CA LYS C 173 5.59 -34.53 12.70
C LYS C 173 4.23 -34.30 12.07
N THR C 174 3.83 -35.21 11.18
CA THR C 174 2.43 -35.24 10.73
C THR C 174 1.60 -36.04 11.75
N LYS C 175 0.29 -35.86 11.64
CA LYS C 175 -0.73 -36.62 12.37
C LYS C 175 -0.42 -38.14 12.30
N GLY C 176 0.03 -38.57 11.11
CA GLY C 176 0.29 -39.97 10.79
C GLY C 176 1.74 -40.29 11.08
N SER C 177 2.44 -40.81 10.06
CA SER C 177 3.78 -41.29 10.26
C SER C 177 4.88 -40.34 9.75
N GLY C 178 4.60 -39.64 8.65
CA GLY C 178 5.58 -38.76 8.06
C GLY C 178 6.00 -37.49 8.79
N PHE C 179 6.69 -36.62 8.07
CA PHE C 179 7.10 -35.26 8.50
C PHE C 179 6.73 -34.30 7.37
N PHE C 180 6.86 -33.02 7.66
CA PHE C 180 6.50 -32.00 6.68
C PHE C 180 7.16 -30.66 6.89
N VAL C 181 7.41 -30.00 5.77
CA VAL C 181 7.95 -28.63 5.75
C VAL C 181 7.06 -27.69 4.92
N PHE C 182 7.34 -26.42 4.96
CA PHE C 182 6.72 -25.48 4.07
C PHE C 182 7.84 -24.51 3.66
N SER C 183 7.81 -24.09 2.40
CA SER C 183 8.81 -23.10 1.99
C SER C 183 8.07 -21.99 1.40
N ARG C 184 8.69 -20.80 1.51
CA ARG C 184 8.03 -19.53 1.11
C ARG C 184 9.00 -18.77 0.21
N LEU C 185 8.49 -18.21 -0.88
CA LEU C 185 9.39 -17.57 -1.86
C LEU C 185 8.71 -16.41 -2.61
N GLU C 186 9.19 -15.19 -2.38
CA GLU C 186 8.58 -14.03 -2.99
C GLU C 186 9.27 -13.76 -4.32
N VAL C 187 8.49 -13.52 -5.39
CA VAL C 187 9.04 -13.14 -6.72
C VAL C 187 8.55 -11.79 -7.26
N THR C 188 9.44 -11.07 -7.93
CA THR C 188 9.14 -9.83 -8.67
C THR C 188 8.52 -10.10 -10.05
N ARG C 189 7.79 -9.11 -10.53
CA ARG C 189 7.05 -9.20 -11.79
C ARG C 189 7.98 -9.49 -12.96
N ALA C 190 9.17 -8.91 -13.00
CA ALA C 190 10.05 -9.18 -14.16
C ALA C 190 10.61 -10.63 -14.17
N GLU C 191 10.61 -11.29 -12.99
CA GLU C 191 10.98 -12.72 -12.89
C GLU C 191 9.98 -13.63 -13.66
N TRP C 192 8.70 -13.53 -13.27
CA TRP C 192 7.64 -14.35 -13.91
C TRP C 192 7.28 -13.90 -15.30
N GLU C 193 7.69 -12.68 -15.67
CA GLU C 193 7.55 -12.24 -17.04
C GLU C 193 8.59 -12.92 -17.92
N GLN C 194 9.77 -13.08 -17.34
CA GLN C 194 10.88 -13.71 -18.06
C GLN C 194 10.80 -15.25 -18.18
N LYS C 195 10.06 -15.92 -17.27
CA LYS C 195 9.71 -17.35 -17.40
C LYS C 195 8.65 -17.67 -16.36
N ASP C 196 7.35 -17.71 -16.73
CA ASP C 196 6.27 -17.91 -15.76
C ASP C 196 6.14 -19.38 -15.30
N GLU C 197 7.29 -19.98 -14.92
CA GLU C 197 7.39 -21.25 -14.14
C GLU C 197 8.50 -21.29 -13.10
N PHE C 198 8.07 -21.65 -11.90
CA PHE C 198 8.94 -21.74 -10.73
C PHE C 198 8.86 -23.17 -10.13
N ILE C 199 10.03 -23.78 -9.93
CA ILE C 199 10.22 -25.19 -9.55
C ILE C 199 10.70 -25.29 -8.07
N CYS C 200 9.97 -26.08 -7.31
CA CYS C 200 10.22 -26.27 -5.90
C CYS C 200 10.69 -27.68 -5.69
N ARG C 201 11.97 -27.84 -5.28
CA ARG C 201 12.77 -29.14 -5.43
C ARG C 201 13.22 -29.76 -4.15
N ALA C 202 12.95 -31.03 -4.01
CA ALA C 202 13.07 -31.65 -2.73
C ALA C 202 13.98 -32.87 -2.82
N VAL C 203 15.20 -32.78 -2.29
CA VAL C 203 16.12 -33.93 -2.25
C VAL C 203 15.78 -34.75 -0.98
N HIS C 204 15.30 -35.99 -1.15
CA HIS C 204 15.05 -36.86 -0.01
C HIS C 204 15.46 -38.27 -0.28
N GLU C 205 16.10 -38.88 0.72
CA GLU C 205 16.58 -40.28 0.75
C GLU C 205 15.71 -41.22 0.01
N ALA C 206 14.44 -41.28 0.40
CA ALA C 206 13.50 -42.25 -0.14
C ALA C 206 12.92 -41.94 -1.54
N ALA C 207 13.15 -40.71 -2.04
CA ALA C 207 12.58 -40.26 -3.31
C ALA C 207 13.30 -40.93 -4.44
N SER C 208 12.55 -41.67 -5.23
CA SER C 208 13.10 -42.40 -6.36
CA SER C 208 13.10 -42.40 -6.37
C SER C 208 12.44 -41.87 -7.67
N PRO C 209 13.20 -41.83 -8.81
CA PRO C 209 14.63 -42.08 -8.92
C PRO C 209 15.46 -40.77 -8.69
N SER C 210 16.75 -41.02 -8.41
CA SER C 210 17.76 -39.97 -8.20
C SER C 210 17.47 -39.10 -7.01
N GLN C 211 16.79 -39.63 -6.00
CA GLN C 211 16.53 -38.91 -4.74
C GLN C 211 15.90 -37.49 -4.93
N THR C 212 14.94 -37.34 -5.86
CA THR C 212 14.35 -36.00 -6.17
C THR C 212 12.86 -36.06 -6.42
N VAL C 213 12.16 -35.13 -5.79
CA VAL C 213 10.75 -34.82 -6.10
C VAL C 213 10.62 -33.30 -6.24
N GLN C 214 10.00 -32.87 -7.35
CA GLN C 214 9.73 -31.42 -7.66
C GLN C 214 8.31 -31.06 -8.17
N ARG C 215 7.86 -29.87 -7.87
CA ARG C 215 6.63 -29.38 -8.43
C ARG C 215 6.97 -28.05 -9.04
N ALA C 216 6.12 -27.64 -9.95
CA ALA C 216 6.19 -26.38 -10.62
C ALA C 216 4.79 -25.76 -10.39
N VAL C 217 4.80 -24.42 -10.39
CA VAL C 217 3.58 -23.71 -10.37
C VAL C 217 3.86 -22.24 -10.67
N SER C 218 2.89 -21.58 -11.34
CA SER C 218 3.09 -20.33 -12.12
C SER C 218 2.10 -19.20 -11.82
N VAL C 219 2.62 -17.97 -11.79
CA VAL C 219 1.84 -16.77 -11.53
C VAL C 219 0.82 -16.57 -12.66
N ASN C 220 -0.43 -16.98 -12.41
CA ASN C 220 -1.50 -17.14 -13.44
C ASN C 220 -0.99 -17.57 -14.85
N PRO C 221 -0.69 -18.89 -15.00
CA PRO C 221 0.11 -19.55 -16.04
C PRO C 221 -0.11 -19.25 -17.48
N GLY D 11 21.79 -24.48 30.61
CA GLY D 11 20.55 -25.31 30.46
C GLY D 11 19.15 -24.78 30.81
N VAL D 12 19.09 -23.71 31.58
CA VAL D 12 17.79 -23.32 32.21
C VAL D 12 16.98 -22.18 31.49
N SER D 13 16.23 -22.47 30.41
CA SER D 13 15.59 -21.39 29.60
C SER D 13 14.15 -20.97 30.06
N ALA D 14 13.73 -19.77 29.68
CA ALA D 14 12.41 -19.22 30.08
C ALA D 14 11.90 -18.02 29.24
N TYR D 15 10.63 -18.07 28.86
CA TYR D 15 9.98 -16.98 28.07
C TYR D 15 8.58 -16.73 28.52
N LEU D 16 8.22 -15.47 28.42
CA LEU D 16 6.96 -15.01 28.87
C LEU D 16 6.23 -14.61 27.65
N SER D 17 5.07 -15.23 27.38
CA SER D 17 4.42 -15.15 26.06
C SER D 17 3.13 -14.31 26.13
N ARG D 18 2.92 -13.44 25.10
CA ARG D 18 1.77 -12.45 25.00
C ARG D 18 0.43 -13.14 25.06
N PRO D 19 -0.66 -12.45 25.08
CA PRO D 19 -1.91 -13.20 25.13
C PRO D 19 -2.42 -13.42 23.76
N SER D 20 -3.39 -14.32 23.57
CA SER D 20 -3.60 -14.78 22.20
C SER D 20 -4.60 -13.86 21.64
N PRO D 21 -4.40 -13.31 20.39
CA PRO D 21 -5.38 -12.37 19.84
C PRO D 21 -6.78 -12.88 19.94
N PHE D 22 -7.00 -14.17 19.85
CA PHE D 22 -8.31 -14.71 20.14
C PHE D 22 -8.77 -14.62 21.62
N ASP D 23 -7.89 -14.85 22.61
CA ASP D 23 -8.25 -14.66 24.04
C ASP D 23 -8.60 -13.20 24.33
N LEU D 24 -7.82 -12.33 23.71
CA LEU D 24 -7.84 -10.90 23.97
C LEU D 24 -8.99 -10.26 23.24
N PHE D 25 -9.01 -10.37 21.91
CA PHE D 25 -9.92 -9.55 21.15
C PHE D 25 -11.28 -10.14 21.00
N ILE D 26 -11.43 -11.45 21.17
CA ILE D 26 -12.71 -12.08 20.97
C ILE D 26 -13.26 -12.66 22.25
N ARG D 27 -12.52 -13.55 22.89
CA ARG D 27 -13.00 -14.14 24.14
C ARG D 27 -13.10 -13.07 25.25
N LYS D 28 -12.34 -11.99 25.05
CA LYS D 28 -12.34 -10.89 25.99
C LYS D 28 -11.82 -11.26 27.38
N SER D 29 -11.02 -12.32 27.48
CA SER D 29 -10.41 -12.70 28.73
C SER D 29 -9.00 -13.22 28.49
N PRO D 30 -8.09 -12.35 28.16
CA PRO D 30 -6.72 -12.71 27.86
C PRO D 30 -5.94 -13.10 29.04
N THR D 31 -4.92 -13.92 28.81
CA THR D 31 -3.99 -14.45 29.77
C THR D 31 -2.58 -14.32 29.23
N ILE D 32 -1.58 -14.09 30.06
CA ILE D 32 -0.21 -14.35 29.62
C ILE D 32 0.35 -15.59 30.32
N THR D 33 1.39 -16.18 29.73
CA THR D 33 2.02 -17.32 30.36
C THR D 33 3.53 -17.13 30.44
N CYS D 34 4.07 -17.55 31.57
CA CYS D 34 5.49 -17.62 31.75
C CYS D 34 5.88 -19.08 31.59
N LEU D 35 6.63 -19.42 30.53
CA LEU D 35 7.14 -20.78 30.32
C LEU D 35 8.63 -20.96 30.64
N VAL D 36 8.91 -21.85 31.56
CA VAL D 36 10.28 -22.07 32.00
C VAL D 36 10.74 -23.51 31.77
N VAL D 37 11.80 -23.67 31.01
CA VAL D 37 12.31 -24.98 30.65
C VAL D 37 13.60 -25.23 31.42
N ASP D 38 13.55 -26.19 32.32
CA ASP D 38 14.72 -26.56 33.10
C ASP D 38 15.34 -27.81 32.45
N LEU D 39 16.64 -27.79 32.16
CA LEU D 39 17.28 -28.99 31.64
C LEU D 39 17.87 -29.88 32.72
N ALA D 40 18.36 -29.23 33.80
CA ALA D 40 19.10 -29.84 34.95
C ALA D 40 18.30 -29.96 36.25
N GLY D 44 11.87 -31.46 43.15
CA GLY D 44 12.14 -30.48 42.11
C GLY D 44 11.10 -29.35 41.99
N THR D 45 11.23 -28.30 42.82
CA THR D 45 10.29 -27.15 42.79
C THR D 45 10.94 -25.74 42.55
N VAL D 46 10.33 -24.93 41.69
CA VAL D 46 10.83 -23.58 41.35
C VAL D 46 9.67 -22.59 41.33
N GLN D 47 9.91 -21.39 41.86
CA GLN D 47 8.82 -20.40 42.03
C GLN D 47 8.48 -19.57 40.77
N LEU D 48 7.28 -19.00 40.77
CA LEU D 48 6.86 -18.01 39.78
C LEU D 48 6.11 -16.80 40.43
N THR D 49 6.77 -15.65 40.48
CA THR D 49 6.21 -14.44 41.08
C THR D 49 5.76 -13.46 40.00
N TRP D 50 4.58 -12.86 40.17
CA TRP D 50 4.03 -11.97 39.17
C TRP D 50 3.92 -10.56 39.68
N SER D 51 4.21 -9.60 38.78
CA SER D 51 4.23 -8.17 39.13
C SER D 51 3.85 -7.25 37.99
N ARG D 52 2.98 -6.28 38.22
CA ARG D 52 2.65 -5.26 37.21
C ARG D 52 3.62 -4.12 37.26
N ALA D 53 4.00 -3.58 36.12
CA ALA D 53 4.98 -2.49 36.08
C ALA D 53 4.49 -1.21 36.73
N SER D 54 3.17 -1.16 36.95
CA SER D 54 2.51 -0.12 37.72
C SER D 54 2.73 -0.38 39.24
N GLY D 55 2.76 -1.64 39.61
CA GLY D 55 2.74 -1.94 41.01
C GLY D 55 1.34 -2.24 41.48
N LYS D 56 0.38 -2.24 40.59
CA LYS D 56 -0.99 -2.66 40.91
C LYS D 56 -1.05 -4.17 41.20
N PRO D 57 -2.09 -4.64 41.91
CA PRO D 57 -2.21 -6.10 42.17
C PRO D 57 -2.52 -6.91 40.90
N VAL D 58 -1.73 -7.94 40.63
CA VAL D 58 -2.01 -8.92 39.55
C VAL D 58 -3.04 -9.92 40.01
N GLN D 59 -3.84 -10.45 39.12
CA GLN D 59 -4.82 -11.45 39.53
C GLN D 59 -4.10 -12.72 39.94
N HIS D 60 -4.79 -13.72 40.50
CA HIS D 60 -4.13 -14.99 40.86
C HIS D 60 -3.88 -15.88 39.65
N SER D 61 -2.65 -16.36 39.56
CA SER D 61 -2.21 -17.17 38.46
C SER D 61 -2.25 -18.70 38.65
N THR D 62 -2.38 -19.43 37.52
CA THR D 62 -2.47 -20.90 37.51
C THR D 62 -1.14 -21.56 37.06
N GLU D 66 5.35 -29.78 34.75
CA GLU D 66 5.32 -31.09 34.10
C GLU D 66 6.70 -31.61 33.74
N LYS D 67 6.93 -32.90 34.01
CA LYS D 67 8.17 -33.59 33.59
C LYS D 67 8.12 -34.01 32.12
N GLN D 68 9.13 -33.55 31.40
CA GLN D 68 9.28 -33.90 30.03
C GLN D 68 10.02 -35.18 29.93
N ARG D 69 9.86 -35.81 28.78
CA ARG D 69 10.29 -37.16 28.56
C ARG D 69 11.75 -37.12 28.13
N ASN D 70 12.54 -36.36 28.88
CA ASN D 70 14.00 -36.38 28.79
C ASN D 70 14.66 -35.80 30.07
N GLY D 71 14.01 -35.96 31.22
CA GLY D 71 14.55 -35.50 32.51
C GLY D 71 14.60 -33.99 32.71
N THR D 72 13.72 -33.29 32.00
CA THR D 72 13.62 -31.85 32.12
C THR D 72 12.26 -31.47 32.65
N LEU D 73 12.22 -30.61 33.68
CA LEU D 73 10.96 -30.08 34.23
C LEU D 73 10.57 -28.86 33.39
N THR D 74 9.32 -28.86 32.91
CA THR D 74 8.70 -27.73 32.19
C THR D 74 7.43 -27.25 32.91
N VAL D 75 7.54 -26.13 33.64
CA VAL D 75 6.38 -25.58 34.37
C VAL D 75 5.96 -24.30 33.67
N THR D 76 4.64 -24.12 33.61
CA THR D 76 4.04 -22.89 33.10
C THR D 76 3.08 -22.22 34.12
N SER D 77 3.28 -20.92 34.37
CA SER D 77 2.32 -20.15 35.17
C SER D 77 1.56 -19.27 34.23
N THR D 78 0.23 -19.40 34.27
CA THR D 78 -0.64 -18.67 33.38
C THR D 78 -1.44 -17.62 34.21
N LEU D 79 -1.10 -16.34 33.98
CA LEU D 79 -1.75 -15.19 34.59
C LEU D 79 -2.81 -14.56 33.67
N PRO D 80 -4.06 -14.43 34.18
CA PRO D 80 -5.11 -13.72 33.41
C PRO D 80 -4.96 -12.21 33.58
N VAL D 81 -5.00 -11.44 32.51
CA VAL D 81 -4.85 -9.98 32.62
C VAL D 81 -6.11 -9.24 32.21
N GLY D 82 -6.18 -7.93 32.55
CA GLY D 82 -7.25 -7.02 32.08
C GLY D 82 -7.20 -6.84 30.57
N THR D 83 -8.35 -6.99 29.91
CA THR D 83 -8.47 -6.74 28.44
C THR D 83 -7.90 -5.36 28.07
N ARG D 84 -8.55 -4.35 28.67
CA ARG D 84 -8.20 -2.97 28.53
C ARG D 84 -6.87 -2.64 29.10
N ASP D 85 -6.52 -3.26 30.21
CA ASP D 85 -5.24 -2.99 30.82
C ASP D 85 -4.08 -3.38 29.95
N TRP D 86 -4.23 -4.53 29.28
CA TRP D 86 -3.26 -5.00 28.26
C TRP D 86 -3.17 -4.12 27.10
N ILE D 87 -4.32 -3.80 26.54
CA ILE D 87 -4.29 -3.13 25.24
C ILE D 87 -3.63 -1.77 25.24
N GLU D 88 -3.76 -1.13 26.37
CA GLU D 88 -3.30 0.24 26.44
C GLU D 88 -1.79 0.24 26.76
N GLY D 89 -1.22 -0.88 27.27
CA GLY D 89 0.25 -0.96 27.48
C GLY D 89 0.79 -1.20 28.90
N GLU D 90 -0.01 -1.83 29.71
CA GLU D 90 0.54 -2.33 30.94
C GLU D 90 1.66 -3.31 30.65
N THR D 91 2.79 -3.17 31.32
CA THR D 91 3.84 -4.17 31.17
C THR D 91 3.69 -5.18 32.30
N TYR D 92 3.73 -6.46 32.00
CA TYR D 92 3.62 -7.48 33.03
C TYR D 92 4.96 -8.18 33.19
N GLN D 93 5.20 -8.77 34.35
CA GLN D 93 6.53 -9.26 34.71
C GLN D 93 6.42 -10.63 35.35
N CYS D 94 7.46 -11.43 35.19
CA CYS D 94 7.54 -12.79 35.72
C CYS D 94 8.85 -13.08 36.44
N ARG D 95 8.76 -13.36 37.73
CA ARG D 95 9.92 -13.55 38.61
C ARG D 95 10.09 -15.01 39.01
N VAL D 96 11.08 -15.67 38.41
CA VAL D 96 11.27 -17.14 38.48
C VAL D 96 12.63 -17.51 39.07
N THR D 97 12.62 -18.32 40.13
CA THR D 97 13.81 -18.47 40.98
C THR D 97 14.21 -19.93 41.12
N HIS D 98 15.38 -20.28 40.59
CA HIS D 98 15.71 -21.69 40.33
C HIS D 98 16.78 -22.34 41.14
N PRO D 99 16.51 -23.61 41.55
CA PRO D 99 17.37 -24.41 42.39
C PRO D 99 18.83 -24.40 41.97
N HIS D 100 19.09 -24.49 40.69
CA HIS D 100 20.48 -24.60 40.22
C HIS D 100 20.81 -23.47 39.28
N LEU D 101 20.76 -22.24 39.81
CA LEU D 101 21.28 -21.05 39.11
C LEU D 101 22.05 -20.17 40.05
N PRO D 102 23.06 -19.44 39.52
CA PRO D 102 23.57 -18.27 40.25
C PRO D 102 22.51 -17.23 40.64
N ARG D 103 21.44 -17.09 39.84
CA ARG D 103 20.39 -16.05 40.04
C ARG D 103 18.91 -16.48 40.02
N ALA D 104 18.06 -15.56 39.57
CA ALA D 104 16.61 -15.77 39.52
C ALA D 104 15.92 -14.96 38.42
N LEU D 105 16.02 -15.44 37.18
CA LEU D 105 15.61 -14.70 35.98
C LEU D 105 14.19 -14.07 35.92
N MET D 106 14.11 -12.74 36.02
CA MET D 106 12.90 -11.94 35.73
C MET D 106 12.62 -11.79 34.23
N ARG D 107 11.36 -11.93 33.86
CA ARG D 107 10.88 -11.74 32.49
C ARG D 107 9.76 -10.70 32.45
N SER D 108 9.75 -9.80 31.48
CA SER D 108 8.66 -8.81 31.41
C SER D 108 8.08 -8.83 29.96
N THR D 109 6.76 -8.63 29.83
CA THR D 109 6.07 -8.59 28.51
C THR D 109 5.14 -7.38 28.36
N THR D 110 5.12 -6.77 27.18
CA THR D 110 4.16 -5.67 26.91
C THR D 110 3.69 -5.67 25.45
N LYS D 111 2.58 -4.98 25.21
CA LYS D 111 2.07 -4.90 23.90
C LYS D 111 3.13 -4.27 22.99
N THR D 112 3.32 -4.86 21.80
CA THR D 112 4.34 -4.41 20.83
C THR D 112 3.82 -3.13 20.23
N SER D 113 4.40 -1.99 20.57
CA SER D 113 3.86 -0.75 20.01
C SER D 113 4.58 -0.13 18.81
N GLY D 114 4.03 -0.44 17.60
CA GLY D 114 4.46 -0.06 16.23
C GLY D 114 3.33 -0.35 15.23
N PRO D 115 3.60 -0.13 13.91
CA PRO D 115 2.68 -0.26 12.76
C PRO D 115 1.86 -1.51 12.65
N ARG D 116 0.65 -1.33 12.15
CA ARG D 116 -0.27 -2.43 11.91
C ARG D 116 -0.52 -2.69 10.42
N ALA D 117 -0.85 -3.95 10.14
CA ALA D 117 -1.19 -4.45 8.79
C ALA D 117 -2.06 -5.69 8.95
N ALA D 118 -3.27 -5.69 8.40
CA ALA D 118 -4.14 -6.86 8.53
C ALA D 118 -3.59 -8.07 7.71
N PRO D 119 -3.75 -9.30 8.23
CA PRO D 119 -3.22 -10.49 7.51
C PRO D 119 -3.84 -10.73 6.12
N GLU D 120 -3.07 -11.25 5.19
CA GLU D 120 -3.59 -11.82 3.93
C GLU D 120 -3.84 -13.31 4.08
N VAL D 121 -5.10 -13.73 3.97
CA VAL D 121 -5.45 -15.14 4.10
C VAL D 121 -5.61 -15.82 2.69
N TYR D 122 -4.90 -16.94 2.55
CA TYR D 122 -5.13 -17.87 1.48
C TYR D 122 -5.30 -19.27 2.12
N ALA D 123 -6.45 -19.93 1.94
CA ALA D 123 -6.51 -21.35 2.15
C ALA D 123 -6.46 -22.08 0.77
N PHE D 124 -5.44 -22.96 0.58
CA PHE D 124 -5.34 -23.85 -0.59
C PHE D 124 -5.53 -25.32 -0.21
N ALA D 125 -5.74 -26.09 -1.28
CA ALA D 125 -6.08 -27.50 -1.24
C ALA D 125 -4.91 -28.32 -1.85
N THR D 126 -4.48 -29.39 -1.21
CA THR D 126 -3.59 -30.33 -1.91
C THR D 126 -4.40 -31.30 -2.77
N PRO D 127 -3.96 -31.53 -4.03
CA PRO D 127 -4.58 -32.51 -4.91
C PRO D 127 -4.51 -33.93 -4.32
N GLU D 128 -5.32 -34.83 -4.88
CA GLU D 128 -5.49 -36.22 -4.43
C GLU D 128 -4.25 -37.06 -4.74
N TRP D 129 -3.76 -37.75 -3.72
CA TRP D 129 -2.60 -38.64 -3.88
C TRP D 129 -2.92 -40.10 -4.08
N LYS D 135 -8.23 -39.39 2.77
CA LYS D 135 -7.75 -38.17 3.42
C LYS D 135 -7.12 -37.15 2.44
N ARG D 136 -7.28 -35.89 2.79
CA ARG D 136 -6.66 -34.81 2.04
C ARG D 136 -5.97 -33.91 2.99
N THR D 137 -5.15 -33.01 2.43
CA THR D 137 -4.43 -32.04 3.25
C THR D 137 -4.77 -30.64 2.78
N CYS D 140 -3.11 -23.36 5.32
CA CYS D 140 -3.43 -21.98 5.21
C CYS D 140 -2.14 -21.16 5.23
N LEU D 141 -2.00 -20.18 4.36
CA LEU D 141 -0.91 -19.22 4.48
C LEU D 141 -1.51 -17.86 4.81
N ILE D 142 -1.09 -17.36 5.99
CA ILE D 142 -1.53 -16.10 6.54
C ILE D 142 -0.33 -15.20 6.60
N GLN D 143 -0.31 -14.14 5.79
CA GLN D 143 0.93 -13.39 5.55
C GLN D 143 0.77 -11.90 5.46
N ASN D 144 1.93 -11.21 5.43
CA ASN D 144 2.06 -9.74 5.29
C ASN D 144 1.49 -8.89 6.40
N PHE D 145 1.27 -9.51 7.57
CA PHE D 145 0.62 -8.89 8.71
C PHE D 145 1.63 -8.39 9.77
N MET D 146 1.23 -7.40 10.55
CA MET D 146 2.03 -7.03 11.68
C MET D 146 1.17 -6.34 12.80
N PRO D 147 1.52 -6.53 14.09
CA PRO D 147 2.73 -7.23 14.63
C PRO D 147 2.57 -8.75 14.56
N GLU D 148 3.57 -9.50 15.04
CA GLU D 148 3.59 -10.95 14.82
C GLU D 148 2.41 -11.72 15.47
N ASP D 149 1.94 -11.23 16.60
CA ASP D 149 0.79 -11.82 17.34
C ASP D 149 -0.38 -12.10 16.41
N ILE D 150 -0.79 -13.33 16.33
CA ILE D 150 -1.88 -13.70 15.45
C ILE D 150 -2.48 -14.98 15.98
N SER D 151 -3.75 -15.21 15.78
CA SER D 151 -4.34 -16.49 16.25
C SER D 151 -4.92 -17.26 15.04
N VAL D 152 -4.62 -18.54 14.84
CA VAL D 152 -5.20 -19.34 13.70
C VAL D 152 -6.23 -20.40 14.17
N GLN D 153 -7.41 -20.35 13.56
CA GLN D 153 -8.45 -21.34 13.74
C GLN D 153 -8.93 -22.02 12.44
N TRP D 154 -9.40 -23.25 12.62
CA TRP D 154 -10.01 -24.02 11.56
C TRP D 154 -11.37 -24.42 12.02
N LEU D 155 -12.35 -24.29 11.16
CA LEU D 155 -13.71 -24.53 11.60
C LEU D 155 -14.32 -25.69 10.84
N HIS D 156 -15.39 -26.29 11.39
CA HIS D 156 -16.22 -27.25 10.62
C HIS D 156 -17.63 -27.30 11.17
N GLN D 160 -15.61 -24.97 15.44
CA GLN D 160 -14.19 -24.74 15.48
C GLN D 160 -13.43 -25.98 15.90
N LEU D 161 -12.45 -26.36 15.10
CA LEU D 161 -11.62 -27.51 15.35
C LEU D 161 -10.66 -27.33 16.56
N PRO D 162 -10.42 -28.41 17.33
CA PRO D 162 -9.43 -28.49 18.44
C PRO D 162 -8.00 -28.18 18.01
N ASP D 163 -7.22 -27.55 18.91
CA ASP D 163 -5.87 -27.07 18.63
C ASP D 163 -4.87 -28.14 18.19
N ALA D 164 -4.99 -29.32 18.78
CA ALA D 164 -4.08 -30.40 18.51
C ALA D 164 -4.10 -30.82 17.04
N ARG D 165 -5.29 -30.76 16.44
CA ARG D 165 -5.60 -31.33 15.07
C ARG D 165 -4.76 -30.75 13.91
N HIS D 166 -4.46 -29.46 14.12
CA HIS D 166 -3.69 -28.70 13.18
C HIS D 166 -2.45 -28.19 13.80
N SER D 167 -1.57 -27.75 12.92
CA SER D 167 -0.33 -27.22 13.40
C SER D 167 -0.01 -25.92 12.69
N THR D 168 0.26 -24.90 13.49
CA THR D 168 0.61 -23.60 12.93
C THR D 168 2.01 -23.20 13.31
N THR D 169 2.73 -22.64 12.33
CA THR D 169 4.13 -22.27 12.54
C THR D 169 4.27 -20.99 13.39
N GLN D 170 5.45 -20.80 13.96
CA GLN D 170 5.84 -19.53 14.46
C GLN D 170 5.93 -18.49 13.30
N PRO D 171 5.34 -17.31 13.52
CA PRO D 171 5.46 -16.19 12.59
C PRO D 171 6.91 -15.84 12.20
N ARG D 172 7.22 -15.93 10.90
CA ARG D 172 8.49 -15.49 10.32
C ARG D 172 8.36 -14.13 9.62
N LYS D 173 9.43 -13.36 9.51
CA LYS D 173 9.40 -12.11 8.75
C LYS D 173 9.21 -12.39 7.27
N THR D 174 8.48 -11.52 6.59
CA THR D 174 8.36 -11.59 5.15
C THR D 174 9.47 -10.77 4.51
N LYS D 175 9.70 -11.03 3.23
CA LYS D 175 10.66 -10.29 2.36
C LYS D 175 10.44 -8.77 2.48
N GLY D 176 9.18 -8.38 2.72
CA GLY D 176 8.78 -7.00 2.92
C GLY D 176 8.86 -6.69 4.40
N SER D 177 7.77 -6.13 4.93
CA SER D 177 7.77 -5.62 6.30
C SER D 177 6.98 -6.48 7.29
N GLY D 178 5.95 -7.17 6.80
CA GLY D 178 5.14 -8.03 7.62
C GLY D 178 5.74 -9.34 8.14
N PHE D 179 4.85 -10.28 8.47
CA PHE D 179 5.17 -11.59 9.05
C PHE D 179 4.27 -12.59 8.38
N PHE D 180 4.56 -13.86 8.55
CA PHE D 180 3.71 -14.87 7.97
C PHE D 180 3.66 -16.12 8.84
N VAL D 181 2.56 -16.87 8.78
CA VAL D 181 2.50 -18.25 9.33
C VAL D 181 1.87 -19.20 8.34
N PHE D 182 2.08 -20.50 8.54
CA PHE D 182 1.41 -21.56 7.82
C PHE D 182 0.67 -22.39 8.83
N SER D 183 -0.48 -22.89 8.48
CA SER D 183 -1.12 -23.88 9.29
C SER D 183 -1.49 -25.05 8.44
N ARG D 184 -1.52 -26.23 9.07
CA ARG D 184 -1.67 -27.52 8.31
C ARG D 184 -2.74 -28.36 8.99
N LEU D 185 -3.59 -28.97 8.16
CA LEU D 185 -4.71 -29.71 8.70
C LEU D 185 -5.17 -30.79 7.87
N GLU D 186 -5.00 -31.99 8.42
CA GLU D 186 -5.44 -33.20 7.78
C GLU D 186 -6.85 -33.45 8.16
N VAL D 187 -7.61 -33.83 7.13
CA VAL D 187 -9.02 -34.12 7.29
C VAL D 187 -9.37 -35.57 6.85
N THR D 188 -10.23 -36.25 7.63
CA THR D 188 -10.81 -37.53 7.24
C THR D 188 -11.96 -37.33 6.24
N ARG D 189 -12.12 -38.33 5.39
CA ARG D 189 -13.16 -38.38 4.36
C ARG D 189 -14.55 -38.06 4.93
N ALA D 190 -14.82 -38.62 6.13
CA ALA D 190 -16.07 -38.43 6.89
C ALA D 190 -16.41 -36.99 7.09
N GLU D 191 -15.40 -36.18 7.29
CA GLU D 191 -15.61 -34.79 7.56
C GLU D 191 -16.07 -34.02 6.31
N TRP D 192 -15.33 -34.14 5.20
CA TRP D 192 -15.69 -33.38 3.99
C TRP D 192 -16.79 -34.00 3.21
N GLU D 193 -16.91 -35.32 3.30
CA GLU D 193 -17.92 -36.02 2.55
C GLU D 193 -19.30 -35.76 3.18
N GLN D 194 -19.32 -35.65 4.51
CA GLN D 194 -20.54 -35.23 5.22
C GLN D 194 -20.84 -33.72 5.07
N LYS D 195 -19.81 -32.87 5.04
CA LYS D 195 -19.92 -31.46 4.70
C LYS D 195 -18.59 -30.93 4.15
N ASP D 196 -18.62 -30.52 2.88
CA ASP D 196 -17.42 -30.21 2.08
C ASP D 196 -17.01 -28.73 2.08
N GLU D 197 -16.99 -28.12 3.26
CA GLU D 197 -16.40 -26.77 3.44
C GLU D 197 -15.65 -26.65 4.77
N PHE D 198 -14.40 -26.19 4.67
CA PHE D 198 -13.57 -25.90 5.82
C PHE D 198 -13.07 -24.44 5.77
N ILE D 199 -13.26 -23.73 6.90
CA ILE D 199 -12.92 -22.32 7.05
C ILE D 199 -11.61 -22.13 7.85
N CYS D 200 -10.70 -21.37 7.25
CA CYS D 200 -9.46 -20.96 7.88
C CYS D 200 -9.64 -19.53 8.39
N VAL D 203 -7.60 -14.38 13.95
CA VAL D 203 -7.74 -13.21 14.71
C VAL D 203 -6.44 -12.47 14.64
N HIS D 204 -6.52 -11.20 14.29
CA HIS D 204 -5.40 -10.29 14.30
C HIS D 204 -5.88 -8.86 14.57
N GLU D 205 -5.15 -8.19 15.48
CA GLU D 205 -5.28 -6.76 15.91
C GLU D 205 -5.76 -5.78 14.85
N ALA D 206 -5.14 -5.88 13.66
CA ALA D 206 -5.42 -4.99 12.56
C ALA D 206 -6.54 -5.51 11.62
N ALA D 207 -7.10 -6.70 11.86
CA ALA D 207 -8.09 -7.24 10.94
C ALA D 207 -9.44 -6.60 11.24
N SER D 208 -10.02 -5.88 10.26
CA SER D 208 -11.39 -5.35 10.39
C SER D 208 -12.36 -5.99 9.32
N PRO D 209 -13.63 -6.22 9.73
CA PRO D 209 -14.19 -5.86 11.05
C PRO D 209 -14.13 -7.00 12.06
N SER D 210 -14.23 -6.63 13.33
CA SER D 210 -14.25 -7.58 14.44
C SER D 210 -13.00 -8.43 14.51
N GLN D 211 -11.84 -7.83 14.21
CA GLN D 211 -10.51 -8.49 14.30
C GLN D 211 -10.38 -9.88 13.60
N THR D 212 -11.02 -10.02 12.46
CA THR D 212 -11.12 -11.32 11.81
C THR D 212 -11.01 -11.22 10.28
N VAL D 213 -10.18 -12.09 9.72
CA VAL D 213 -10.17 -12.37 8.28
C VAL D 213 -10.32 -13.86 8.12
N GLN D 214 -11.16 -14.30 7.19
CA GLN D 214 -11.25 -15.73 6.87
C GLN D 214 -11.27 -16.11 5.37
N ARG D 215 -10.79 -17.34 5.05
CA ARG D 215 -11.04 -17.95 3.76
C ARG D 215 -11.70 -19.31 3.92
N ALA D 216 -12.53 -19.64 2.92
CA ALA D 216 -13.01 -21.03 2.70
C ALA D 216 -12.27 -21.68 1.52
N VAL D 217 -12.20 -23.01 1.42
CA VAL D 217 -11.34 -23.61 0.37
C VAL D 217 -11.93 -24.69 -0.60
N GLY E 11 -35.37 -17.56 6.81
CA GLY E 11 -36.80 -17.31 7.13
C GLY E 11 -37.81 -17.35 5.97
N VAL E 12 -38.57 -16.26 5.81
CA VAL E 12 -39.69 -16.14 4.86
C VAL E 12 -39.59 -14.90 3.99
N SER E 13 -40.75 -14.48 3.48
CA SER E 13 -40.99 -13.11 2.93
C SER E 13 -42.45 -12.99 2.45
N ALA E 14 -43.00 -11.75 2.46
CA ALA E 14 -44.44 -11.53 2.28
C ALA E 14 -44.70 -10.32 1.44
N TYR E 15 -45.72 -10.42 0.58
CA TYR E 15 -46.02 -9.34 -0.37
C TYR E 15 -47.39 -8.72 -0.15
N LEU E 16 -47.45 -7.39 -0.15
CA LEU E 16 -48.69 -6.68 0.14
C LEU E 16 -49.14 -5.86 -1.10
N SER E 17 -50.24 -6.33 -1.70
CA SER E 17 -50.58 -5.92 -3.08
C SER E 17 -51.71 -4.94 -3.09
N ARG E 18 -51.59 -3.92 -3.91
CA ARG E 18 -52.62 -2.89 -3.96
C ARG E 18 -53.94 -3.49 -4.53
N PRO E 19 -55.06 -2.75 -4.40
CA PRO E 19 -56.30 -3.25 -4.99
C PRO E 19 -56.31 -3.16 -6.51
N SER E 20 -57.22 -3.87 -7.13
CA SER E 20 -57.18 -3.94 -8.56
C SER E 20 -57.94 -2.76 -9.06
N PRO E 21 -57.39 -2.05 -10.06
CA PRO E 21 -58.11 -0.89 -10.57
C PRO E 21 -59.60 -1.22 -10.84
N PHE E 22 -59.90 -2.46 -11.23
CA PHE E 22 -61.28 -2.90 -11.41
C PHE E 22 -62.11 -3.01 -10.09
N ASP E 23 -61.51 -3.48 -9.00
CA ASP E 23 -62.19 -3.51 -7.68
C ASP E 23 -62.41 -2.09 -7.16
N LEU E 24 -61.45 -1.23 -7.45
CA LEU E 24 -61.45 0.14 -6.98
C LEU E 24 -62.42 1.06 -7.77
N PHE E 25 -62.19 1.15 -9.07
CA PHE E 25 -62.86 2.12 -9.93
C PHE E 25 -64.21 1.65 -10.46
N ILE E 26 -64.38 0.34 -10.66
CA ILE E 26 -65.62 -0.14 -11.26
C ILE E 26 -66.47 -0.87 -10.23
N ARG E 27 -65.92 -1.89 -9.61
CA ARG E 27 -66.66 -2.67 -8.62
C ARG E 27 -66.89 -1.87 -7.36
N LYS E 28 -66.13 -0.79 -7.18
CA LYS E 28 -66.27 0.12 -6.04
C LYS E 28 -66.15 -0.55 -4.68
N SER E 29 -65.46 -1.67 -4.65
CA SER E 29 -65.15 -2.35 -3.38
C SER E 29 -63.74 -2.92 -3.48
N PRO E 30 -62.72 -2.04 -3.47
CA PRO E 30 -61.36 -2.49 -3.55
C PRO E 30 -60.99 -3.33 -2.34
N THR E 31 -60.09 -4.29 -2.53
CA THR E 31 -59.50 -5.00 -1.42
C THR E 31 -57.99 -4.98 -1.61
N ILE E 32 -57.22 -5.03 -0.53
CA ILE E 32 -55.82 -5.36 -0.68
C ILE E 32 -55.52 -6.77 -0.14
N THR E 33 -54.43 -7.38 -0.58
CA THR E 33 -54.07 -8.70 -0.05
C THR E 33 -52.64 -8.74 0.47
N CYS E 34 -52.49 -9.34 1.64
CA CYS E 34 -51.20 -9.60 2.18
C CYS E 34 -50.92 -11.05 1.91
N LEU E 35 -49.96 -11.31 1.02
CA LEU E 35 -49.57 -12.67 0.68
C LEU E 35 -48.20 -12.99 1.31
N VAL E 36 -48.18 -14.01 2.16
CA VAL E 36 -46.91 -14.50 2.71
C VAL E 36 -46.62 -15.94 2.29
N VAL E 37 -45.49 -16.11 1.59
CA VAL E 37 -45.05 -17.43 1.14
C VAL E 37 -44.14 -18.00 2.21
N ASP E 38 -44.69 -18.97 2.95
CA ASP E 38 -43.97 -19.63 4.01
C ASP E 38 -43.09 -20.72 3.41
N LEU E 39 -41.80 -20.62 3.70
CA LEU E 39 -40.82 -21.46 3.10
C LEU E 39 -40.64 -22.83 3.89
N ALA E 40 -41.57 -23.10 4.84
CA ALA E 40 -41.80 -24.39 5.55
C ALA E 40 -42.85 -24.18 6.68
N PRO E 41 -43.92 -25.01 6.74
CA PRO E 41 -45.09 -24.84 7.64
C PRO E 41 -45.13 -25.62 8.96
N SER E 42 -45.03 -24.95 10.11
CA SER E 42 -45.12 -25.61 11.42
C SER E 42 -46.20 -24.97 12.28
N GLN E 47 -48.89 -15.11 11.79
CA GLN E 47 -48.59 -13.70 12.00
C GLN E 47 -49.16 -12.67 10.98
N LEU E 48 -50.51 -12.56 10.84
CA LEU E 48 -51.11 -11.46 10.02
C LEU E 48 -51.78 -10.29 10.79
N THR E 49 -51.04 -9.19 10.97
CA THR E 49 -51.58 -8.01 11.68
C THR E 49 -52.12 -6.98 10.69
N TRP E 50 -53.33 -6.48 10.87
CA TRP E 50 -53.80 -5.35 10.07
C TRP E 50 -53.91 -4.05 10.86
N SER E 51 -53.41 -2.97 10.26
CA SER E 51 -53.38 -1.66 10.94
C SER E 51 -53.36 -0.51 9.95
N ARG E 52 -54.08 0.56 10.28
CA ARG E 52 -54.11 1.75 9.43
C ARG E 52 -53.15 2.78 9.97
N ALA E 53 -52.50 3.51 9.05
CA ALA E 53 -51.54 4.56 9.44
C ALA E 53 -52.18 5.69 10.23
N SER E 54 -53.47 5.89 9.98
CA SER E 54 -54.28 6.86 10.72
C SER E 54 -54.54 6.36 12.12
N GLY E 55 -54.56 5.04 12.29
CA GLY E 55 -54.92 4.42 13.54
C GLY E 55 -56.41 4.15 13.59
N LYS E 56 -57.09 4.39 12.47
CA LYS E 56 -58.50 4.10 12.37
C LYS E 56 -58.75 2.60 12.34
N PRO E 57 -60.00 2.18 12.69
CA PRO E 57 -60.32 0.73 12.76
C PRO E 57 -60.35 0.06 11.38
N VAL E 58 -59.63 -1.06 11.20
CA VAL E 58 -59.70 -1.84 9.94
C VAL E 58 -60.91 -2.81 9.92
N GLN E 59 -61.52 -3.00 8.75
CA GLN E 59 -62.69 -3.88 8.60
C GLN E 59 -62.19 -5.32 8.82
N HIS E 60 -63.10 -6.30 8.93
CA HIS E 60 -62.68 -7.68 9.12
C HIS E 60 -62.12 -8.29 7.85
N SER E 61 -60.97 -8.97 7.95
CA SER E 61 -60.25 -9.60 6.80
C SER E 61 -60.38 -11.11 6.69
N THR E 62 -60.20 -11.60 5.47
CA THR E 62 -60.38 -12.99 5.12
C THR E 62 -59.06 -13.66 4.93
N ARG E 63 -58.72 -14.53 5.87
CA ARG E 63 -57.58 -15.42 5.75
C ARG E 63 -57.91 -16.65 4.86
N LYS E 64 -56.94 -17.04 4.04
CA LYS E 64 -56.94 -18.36 3.41
C LYS E 64 -55.52 -18.92 3.36
N GLU E 65 -55.31 -20.08 3.98
CA GLU E 65 -54.00 -20.72 3.95
C GLU E 65 -54.00 -21.94 3.03
N GLU E 66 -52.89 -22.18 2.37
CA GLU E 66 -52.86 -23.28 1.45
C GLU E 66 -51.47 -23.91 1.27
N LYS E 67 -51.42 -25.26 1.28
CA LYS E 67 -50.21 -25.97 0.97
C LYS E 67 -49.93 -26.12 -0.51
N GLN E 68 -48.75 -25.64 -0.86
CA GLN E 68 -48.31 -25.70 -2.21
C GLN E 68 -47.61 -26.96 -2.47
N ARG E 69 -47.47 -27.23 -3.76
CA ARG E 69 -46.96 -28.50 -4.20
C ARG E 69 -45.46 -28.63 -4.12
N ASN E 70 -44.94 -28.12 -3.01
CA ASN E 70 -43.54 -28.32 -2.68
C ASN E 70 -43.28 -28.18 -1.16
N GLY E 71 -44.28 -28.57 -0.34
CA GLY E 71 -44.20 -28.49 1.13
C GLY E 71 -44.01 -27.08 1.64
N THR E 72 -44.51 -26.08 0.91
CA THR E 72 -44.51 -24.70 1.35
C THR E 72 -45.93 -24.26 1.59
N LEU E 73 -46.17 -23.60 2.71
CA LEU E 73 -47.48 -23.05 3.00
C LEU E 73 -47.57 -21.66 2.38
N THR E 74 -48.69 -21.40 1.69
CA THR E 74 -49.01 -20.05 1.15
C THR E 74 -50.28 -19.55 1.80
N VAL E 75 -50.12 -18.58 2.70
CA VAL E 75 -51.24 -17.95 3.41
C VAL E 75 -51.49 -16.47 3.03
N THR E 76 -52.75 -16.18 2.71
CA THR E 76 -53.15 -14.86 2.19
C THR E 76 -54.33 -14.26 2.96
N SER E 77 -54.15 -13.01 3.41
CA SER E 77 -55.19 -12.31 4.12
C SER E 77 -55.66 -11.20 3.20
N THR E 78 -56.97 -11.21 2.93
CA THR E 78 -57.56 -10.23 2.02
C THR E 78 -58.40 -9.26 2.83
N LEU E 79 -57.90 -8.01 2.91
CA LEU E 79 -58.53 -6.94 3.64
C LEU E 79 -59.29 -5.99 2.69
N PRO E 80 -60.60 -5.76 2.97
CA PRO E 80 -61.41 -4.84 2.15
C PRO E 80 -61.26 -3.39 2.59
N VAL E 81 -61.01 -2.50 1.64
CA VAL E 81 -60.85 -1.11 2.00
C VAL E 81 -61.90 -0.14 1.47
N GLY E 82 -61.92 1.04 2.10
CA GLY E 82 -62.79 2.13 1.68
C GLY E 82 -62.35 2.67 0.36
N THR E 83 -63.29 2.81 -0.58
CA THR E 83 -63.04 3.39 -1.91
C THR E 83 -62.40 4.78 -1.78
N ARG E 84 -63.11 5.69 -1.12
CA ARG E 84 -62.62 7.02 -0.88
C ARG E 84 -61.33 7.01 -0.07
N ASP E 85 -61.31 6.18 0.96
CA ASP E 85 -60.19 6.17 1.87
C ASP E 85 -58.91 5.85 1.13
N TRP E 86 -58.98 4.88 0.22
CA TRP E 86 -57.81 4.49 -0.55
C TRP E 86 -57.38 5.59 -1.51
N ILE E 87 -58.35 6.13 -2.25
CA ILE E 87 -58.07 7.11 -3.33
C ILE E 87 -57.34 8.33 -2.81
N GLU E 88 -57.63 8.65 -1.55
CA GLU E 88 -57.16 9.86 -0.96
C GLU E 88 -55.73 9.70 -0.41
N GLY E 89 -55.37 8.49 -0.03
CA GLY E 89 -54.00 8.27 0.39
C GLY E 89 -53.77 7.63 1.74
N GLU E 90 -54.76 6.90 2.23
CA GLU E 90 -54.60 6.13 3.45
C GLU E 90 -53.51 5.08 3.27
N THR E 91 -52.66 4.93 4.27
CA THR E 91 -51.64 3.87 4.28
C THR E 91 -52.06 2.69 5.15
N TYR E 92 -52.10 1.50 4.54
CA TYR E 92 -52.52 0.24 5.21
C TYR E 92 -51.33 -0.67 5.46
N GLN E 93 -51.30 -1.32 6.62
CA GLN E 93 -50.12 -2.09 7.03
C GLN E 93 -50.43 -3.49 7.41
N CYS E 94 -49.43 -4.35 7.22
CA CYS E 94 -49.51 -5.77 7.51
C CYS E 94 -48.44 -6.31 8.49
N PRO E 99 -44.85 -16.47 15.28
CA PRO E 99 -44.06 -17.10 16.27
C PRO E 99 -42.65 -17.36 15.78
N HIS E 100 -42.44 -18.28 14.82
CA HIS E 100 -41.09 -18.81 14.45
C HIS E 100 -40.03 -17.76 14.10
N LEU E 101 -40.44 -16.56 13.68
CA LEU E 101 -39.52 -15.59 13.11
C LEU E 101 -38.94 -14.67 14.14
N PRO E 102 -37.74 -14.12 13.88
CA PRO E 102 -37.19 -13.07 14.73
C PRO E 102 -38.16 -11.94 14.96
N ARG E 103 -38.72 -11.38 13.88
CA ARG E 103 -39.57 -10.16 13.96
C ARG E 103 -40.90 -10.29 13.17
N ALA E 104 -41.58 -9.15 12.94
CA ALA E 104 -42.80 -9.05 12.12
C ALA E 104 -43.78 -10.26 12.21
N ARG E 107 -45.05 -5.06 6.60
CA ARG E 107 -45.32 -4.54 5.26
C ARG E 107 -46.39 -3.44 5.20
N SER E 108 -46.19 -2.45 4.33
CA SER E 108 -47.15 -1.37 4.17
C SER E 108 -47.48 -1.13 2.69
N THR E 109 -48.68 -0.59 2.42
CA THR E 109 -49.14 -0.20 1.06
C THR E 109 -49.95 1.11 1.03
N THR E 110 -49.69 1.93 0.01
CA THR E 110 -50.49 3.14 -0.29
C THR E 110 -50.55 3.45 -1.80
N LYS E 111 -51.51 4.30 -2.18
CA LYS E 111 -51.66 4.67 -3.58
C LYS E 111 -50.38 5.29 -4.14
N THR E 112 -49.95 4.78 -5.29
CA THR E 112 -48.75 5.27 -6.00
C THR E 112 -48.99 6.70 -6.48
N SER E 113 -48.43 7.68 -5.76
CA SER E 113 -48.73 9.11 -5.98
C SER E 113 -47.76 9.81 -6.93
N GLY E 114 -48.22 10.07 -8.16
CA GLY E 114 -47.35 10.61 -9.24
C GLY E 114 -48.08 10.83 -10.55
N PRO E 115 -47.33 11.01 -11.66
CA PRO E 115 -47.90 11.38 -12.97
C PRO E 115 -48.90 10.36 -13.50
N ARG E 116 -49.85 10.81 -14.33
CA ARG E 116 -50.80 9.90 -14.98
C ARG E 116 -50.71 9.85 -16.50
N ALA E 117 -51.05 8.71 -17.06
CA ALA E 117 -51.12 8.50 -18.50
C ALA E 117 -52.09 7.37 -18.81
N ALA E 118 -53.04 7.69 -19.67
CA ALA E 118 -54.04 6.70 -20.11
C ALA E 118 -53.44 5.59 -21.01
N PRO E 119 -53.87 4.33 -20.80
CA PRO E 119 -53.35 3.23 -21.60
C PRO E 119 -53.71 3.26 -23.08
N GLU E 120 -52.80 2.79 -23.92
CA GLU E 120 -53.06 2.57 -25.34
C GLU E 120 -53.38 1.10 -25.55
N VAL E 121 -54.59 0.79 -26.03
CA VAL E 121 -54.97 -0.60 -26.30
C VAL E 121 -54.88 -1.00 -27.78
N THR E 126 -54.27 -13.95 -34.26
CA THR E 126 -53.28 -14.73 -35.01
C THR E 126 -53.82 -15.32 -36.29
N PRO E 127 -53.06 -15.22 -37.38
CA PRO E 127 -53.42 -15.95 -38.60
C PRO E 127 -53.55 -17.44 -38.30
N GLU E 128 -54.20 -18.20 -39.18
CA GLU E 128 -54.33 -19.64 -38.95
C GLU E 128 -53.00 -20.35 -39.18
N TRP E 129 -52.64 -21.19 -38.22
CA TRP E 129 -51.45 -22.01 -38.36
C TRP E 129 -51.81 -23.41 -38.78
N PRO E 130 -51.06 -24.00 -39.72
CA PRO E 130 -51.32 -25.38 -40.18
C PRO E 130 -51.34 -26.43 -39.04
N GLY E 131 -52.48 -27.10 -38.89
CA GLY E 131 -52.68 -28.07 -37.81
C GLY E 131 -53.33 -27.44 -36.58
N SER E 132 -53.96 -26.27 -36.79
CA SER E 132 -54.56 -25.46 -35.71
C SER E 132 -55.75 -24.59 -36.23
N ARG E 133 -56.69 -25.29 -36.85
CA ARG E 133 -57.84 -24.71 -37.54
C ARG E 133 -58.94 -24.25 -36.62
N ASP E 134 -59.28 -25.11 -35.67
CA ASP E 134 -60.47 -24.92 -34.83
C ASP E 134 -60.30 -23.89 -33.71
N LYS E 135 -59.05 -23.51 -33.47
CA LYS E 135 -58.68 -22.62 -32.37
C LYS E 135 -57.73 -21.50 -32.80
N ARG E 136 -57.95 -20.31 -32.23
CA ARG E 136 -57.13 -19.15 -32.50
C ARG E 136 -56.67 -18.45 -31.22
N THR E 137 -55.59 -17.69 -31.35
CA THR E 137 -54.96 -17.07 -30.21
C THR E 137 -55.04 -15.59 -30.40
N LEU E 138 -55.59 -14.94 -29.39
CA LEU E 138 -55.77 -13.53 -29.46
C LEU E 138 -54.75 -12.91 -28.50
N ALA E 139 -54.11 -11.82 -28.95
CA ALA E 139 -53.10 -11.10 -28.15
C ALA E 139 -53.44 -9.61 -28.02
N CYS E 140 -53.23 -9.07 -26.82
CA CYS E 140 -53.55 -7.68 -26.55
C CYS E 140 -52.33 -6.92 -26.02
N LEU E 141 -52.05 -5.77 -26.64
CA LEU E 141 -50.96 -4.90 -26.15
C LEU E 141 -51.52 -3.59 -25.59
N ILE E 142 -51.37 -3.44 -24.28
CA ILE E 142 -51.78 -2.25 -23.53
C ILE E 142 -50.53 -1.53 -23.00
N GLN E 143 -50.25 -0.36 -23.54
CA GLN E 143 -48.97 0.30 -23.26
C GLN E 143 -49.03 1.81 -22.98
N ASN E 144 -47.86 2.37 -22.64
CA ASN E 144 -47.66 3.80 -22.41
C ASN E 144 -48.43 4.42 -21.27
N PHE E 145 -48.86 3.60 -20.32
CA PHE E 145 -49.66 4.07 -19.20
C PHE E 145 -48.86 4.21 -17.91
N MET E 146 -49.38 5.02 -16.97
CA MET E 146 -48.86 5.10 -15.60
C MET E 146 -49.91 5.68 -14.62
N PRO E 147 -49.90 5.23 -13.35
CA PRO E 147 -48.96 4.29 -12.73
C PRO E 147 -49.18 2.82 -13.15
N GLU E 148 -48.32 1.92 -12.66
CA GLU E 148 -48.33 0.56 -13.12
C GLU E 148 -49.64 -0.20 -12.84
N ASP E 149 -50.39 0.19 -11.81
CA ASP E 149 -51.68 -0.45 -11.49
C ASP E 149 -52.67 -0.42 -12.66
N ILE E 150 -53.03 -1.60 -13.14
CA ILE E 150 -53.90 -1.78 -14.31
C ILE E 150 -54.54 -3.19 -14.24
N SER E 151 -55.80 -3.25 -14.69
CA SER E 151 -56.58 -4.50 -14.74
C SER E 151 -56.97 -4.87 -16.16
N VAL E 152 -56.65 -6.11 -16.59
CA VAL E 152 -56.95 -6.62 -17.97
C VAL E 152 -57.96 -7.75 -18.03
N GLN E 153 -58.89 -7.59 -18.95
CA GLN E 153 -60.07 -8.45 -19.07
C GLN E 153 -60.37 -8.75 -20.54
N TRP E 154 -61.06 -9.86 -20.76
CA TRP E 154 -61.47 -10.26 -22.09
C TRP E 154 -62.97 -10.44 -22.23
N ASN E 157 -68.08 -13.07 -26.59
CA ASN E 157 -69.31 -12.87 -27.25
C ASN E 157 -70.20 -12.30 -26.19
N GLU E 158 -70.01 -11.03 -25.84
CA GLU E 158 -70.81 -10.31 -24.85
C GLU E 158 -70.71 -10.70 -23.38
N VAL E 159 -69.68 -11.48 -23.03
CA VAL E 159 -69.43 -11.89 -21.61
C VAL E 159 -68.07 -11.39 -21.11
N GLN E 160 -67.87 -11.20 -19.80
CA GLN E 160 -66.47 -11.17 -19.32
C GLN E 160 -65.91 -12.59 -19.17
N LEU E 161 -64.82 -12.88 -19.87
CA LEU E 161 -64.13 -14.18 -19.75
C LEU E 161 -63.47 -14.40 -18.38
N PRO E 162 -63.55 -15.62 -17.85
CA PRO E 162 -62.88 -15.98 -16.60
C PRO E 162 -61.38 -15.78 -16.66
N ASP E 163 -60.79 -15.46 -15.51
CA ASP E 163 -59.41 -15.00 -15.38
C ASP E 163 -58.34 -16.02 -15.77
N ALA E 164 -58.60 -17.28 -15.45
CA ALA E 164 -57.67 -18.34 -15.78
C ALA E 164 -57.50 -18.52 -17.30
N ARG E 165 -58.52 -18.16 -18.06
CA ARG E 165 -58.54 -18.43 -19.52
C ARG E 165 -57.49 -17.67 -20.32
N HIS E 166 -57.07 -16.53 -19.78
CA HIS E 166 -56.06 -15.72 -20.47
C HIS E 166 -54.93 -15.53 -19.56
N SER E 167 -53.87 -14.93 -20.07
CA SER E 167 -52.69 -14.74 -19.24
C SER E 167 -52.06 -13.40 -19.54
N THR E 168 -51.88 -12.59 -18.51
CA THR E 168 -51.35 -11.24 -18.70
C THR E 168 -50.03 -11.08 -17.93
N THR E 169 -49.12 -10.29 -18.50
CA THR E 169 -47.82 -10.05 -17.89
C THR E 169 -47.85 -9.02 -16.77
N GLN E 170 -46.86 -9.06 -15.90
CA GLN E 170 -46.63 -7.98 -14.94
C GLN E 170 -46.10 -6.78 -15.75
N PRO E 171 -46.60 -5.58 -15.45
CA PRO E 171 -46.22 -4.30 -16.10
C PRO E 171 -44.71 -4.04 -16.16
N ARG E 172 -44.17 -3.96 -17.38
CA ARG E 172 -42.75 -3.61 -17.62
C ARG E 172 -42.67 -2.12 -18.01
N LYS E 173 -41.53 -1.49 -17.74
CA LYS E 173 -41.33 -0.11 -18.21
C LYS E 173 -41.12 -0.08 -19.71
N THR E 174 -41.65 0.95 -20.33
CA THR E 174 -41.43 1.19 -21.74
C THR E 174 -40.16 1.98 -21.98
N LYS E 175 -39.74 2.03 -23.24
CA LYS E 175 -38.64 2.86 -23.73
C LYS E 175 -38.79 4.34 -23.32
N GLY E 176 -40.02 4.78 -23.19
CA GLY E 176 -40.30 6.13 -22.73
C GLY E 176 -40.48 6.16 -21.23
N SER E 177 -41.57 6.78 -20.80
CA SER E 177 -41.87 6.93 -19.38
C SER E 177 -42.92 5.94 -18.87
N GLY E 178 -43.79 5.44 -19.75
CA GLY E 178 -44.92 4.58 -19.38
C GLY E 178 -44.58 3.15 -18.97
N PHE E 179 -45.61 2.30 -18.97
CA PHE E 179 -45.50 0.89 -18.68
C PHE E 179 -46.25 0.11 -19.76
N PHE E 180 -45.98 -1.18 -19.88
CA PHE E 180 -46.73 -2.00 -20.83
C PHE E 180 -46.99 -3.41 -20.30
N VAL E 181 -48.11 -4.00 -20.72
CA VAL E 181 -48.43 -5.44 -20.46
C VAL E 181 -48.93 -6.13 -21.74
N PHE E 182 -48.85 -7.44 -21.76
CA PHE E 182 -49.38 -8.20 -22.88
C PHE E 182 -50.35 -9.20 -22.32
N SER E 183 -51.42 -9.47 -23.06
CA SER E 183 -52.30 -10.52 -22.62
C SER E 183 -52.36 -11.54 -23.72
N ARG E 184 -52.58 -12.79 -23.36
CA ARG E 184 -52.74 -13.89 -24.29
C ARG E 184 -54.00 -14.69 -23.98
N LEU E 185 -54.69 -15.13 -25.03
CA LEU E 185 -55.90 -15.91 -24.87
C LEU E 185 -56.07 -16.87 -26.03
N ASP E 196 -67.99 -13.95 -33.58
CA ASP E 196 -66.76 -13.57 -34.31
C ASP E 196 -66.14 -12.19 -33.87
N GLU E 197 -66.44 -11.72 -32.65
CA GLU E 197 -65.79 -10.54 -32.07
C GLU E 197 -65.65 -10.67 -30.55
N PHE E 198 -64.47 -10.31 -30.08
CA PHE E 198 -64.06 -10.46 -28.69
C PHE E 198 -63.35 -9.17 -28.28
N ILE E 199 -63.63 -8.67 -27.07
CA ILE E 199 -63.21 -7.34 -26.63
C ILE E 199 -62.17 -7.43 -25.53
N CYS E 200 -61.08 -6.68 -25.71
CA CYS E 200 -60.02 -6.58 -24.71
C CYS E 200 -60.20 -5.30 -23.94
N ARG E 201 -60.51 -5.43 -22.66
CA ARG E 201 -60.76 -4.29 -21.79
C ARG E 201 -59.60 -3.94 -20.86
N ALA E 202 -59.39 -2.63 -20.64
CA ALA E 202 -58.35 -2.13 -19.76
C ALA E 202 -58.93 -1.19 -18.72
N VAL E 203 -58.89 -1.55 -17.43
CA VAL E 203 -59.26 -0.62 -16.29
C VAL E 203 -58.02 0.04 -15.69
N HIS E 204 -57.85 1.32 -15.94
CA HIS E 204 -56.74 2.08 -15.40
C HIS E 204 -57.17 3.46 -14.95
N GLU E 205 -56.56 3.88 -13.86
CA GLU E 205 -56.78 5.20 -13.23
C GLU E 205 -57.02 6.36 -14.20
N ALA E 206 -56.15 6.49 -15.20
CA ALA E 206 -56.16 7.63 -16.13
C ALA E 206 -57.03 7.45 -17.38
N ALA E 207 -57.66 6.28 -17.50
CA ALA E 207 -58.49 6.00 -18.67
C ALA E 207 -59.83 6.72 -18.57
N SER E 208 -60.12 7.55 -19.57
CA SER E 208 -61.36 8.33 -19.62
C SER E 208 -62.21 7.99 -20.87
N PRO E 209 -63.56 7.96 -20.74
CA PRO E 209 -64.32 8.12 -19.50
C PRO E 209 -64.55 6.81 -18.77
N SER E 210 -64.87 6.93 -17.48
CA SER E 210 -65.21 5.80 -16.62
C SER E 210 -64.12 4.72 -16.56
N GLN E 211 -62.88 5.20 -16.49
CA GLN E 211 -61.67 4.36 -16.28
C GLN E 211 -61.57 3.12 -17.19
N THR E 212 -61.91 3.27 -18.48
CA THR E 212 -61.93 2.16 -19.42
C THR E 212 -61.47 2.53 -20.82
N VAL E 213 -60.56 1.71 -21.36
CA VAL E 213 -60.17 1.71 -22.76
C VAL E 213 -60.26 0.28 -23.25
N GLN E 214 -60.83 0.09 -24.44
CA GLN E 214 -61.02 -1.25 -25.01
C GLN E 214 -60.91 -1.34 -26.54
N ARG E 215 -60.52 -2.51 -27.06
CA ARG E 215 -60.44 -2.78 -28.51
C ARG E 215 -61.17 -4.11 -28.77
N ALA E 216 -61.81 -4.22 -29.94
CA ALA E 216 -62.83 -5.27 -30.25
C ALA E 216 -62.53 -6.40 -31.29
N VAL F 12 -31.70 -14.47 0.01
CA VAL F 12 -30.34 -14.87 -0.47
C VAL F 12 -30.44 -15.96 -1.55
N SER F 13 -30.25 -15.59 -2.82
CA SER F 13 -30.62 -16.45 -3.99
C SER F 13 -29.52 -16.61 -5.02
N ALA F 14 -29.73 -17.56 -5.93
CA ALA F 14 -28.82 -17.81 -7.06
C ALA F 14 -29.50 -18.47 -8.28
N TYR F 15 -29.14 -17.98 -9.47
CA TYR F 15 -29.73 -18.47 -10.73
C TYR F 15 -28.68 -18.85 -11.79
N LEU F 16 -28.37 -20.14 -11.88
CA LEU F 16 -27.47 -20.64 -12.91
C LEU F 16 -28.23 -20.79 -14.26
N SER F 17 -27.92 -19.92 -15.20
CA SER F 17 -28.76 -19.78 -16.36
C SER F 17 -28.12 -20.41 -17.56
N ARG F 18 -28.93 -21.05 -18.39
CA ARG F 18 -28.46 -21.76 -19.57
C ARG F 18 -27.80 -20.81 -20.60
N PRO F 19 -27.21 -21.35 -21.67
CA PRO F 19 -26.66 -20.42 -22.63
C PRO F 19 -27.75 -19.85 -23.56
N SER F 20 -27.41 -18.82 -24.32
CA SER F 20 -28.37 -18.26 -25.26
C SER F 20 -28.35 -19.03 -26.56
N PRO F 21 -29.52 -19.53 -27.02
CA PRO F 21 -29.60 -20.26 -28.28
C PRO F 21 -28.84 -19.61 -29.41
N PHE F 22 -28.82 -18.30 -29.41
CA PHE F 22 -28.02 -17.63 -30.37
C PHE F 22 -26.50 -17.81 -30.19
N ASP F 23 -26.01 -17.74 -28.95
CA ASP F 23 -24.61 -17.98 -28.67
C ASP F 23 -24.22 -19.37 -29.10
N LEU F 24 -25.18 -20.28 -28.91
CA LEU F 24 -24.97 -21.72 -29.00
C LEU F 24 -25.00 -22.19 -30.43
N PHE F 25 -26.13 -21.98 -31.10
CA PHE F 25 -26.34 -22.53 -32.42
C PHE F 25 -25.72 -21.72 -33.55
N ILE F 26 -25.61 -20.41 -33.37
CA ILE F 26 -25.14 -19.56 -34.46
C ILE F 26 -23.75 -19.04 -34.17
N ARG F 27 -23.62 -18.31 -33.07
CA ARG F 27 -22.33 -17.76 -32.67
C ARG F 27 -21.32 -18.86 -32.38
N LYS F 28 -21.83 -20.05 -32.06
CA LYS F 28 -21.03 -21.23 -31.73
C LYS F 28 -20.07 -20.96 -30.56
N SER F 29 -20.44 -20.00 -29.70
CA SER F 29 -19.68 -19.76 -28.48
C SER F 29 -20.61 -19.49 -27.31
N PRO F 30 -21.34 -20.51 -26.86
CA PRO F 30 -22.26 -20.35 -25.77
C PRO F 30 -21.53 -20.06 -24.43
N THR F 31 -22.18 -19.28 -23.57
CA THR F 31 -21.77 -19.16 -22.18
C THR F 31 -22.95 -19.36 -21.23
N ILE F 32 -22.67 -19.95 -20.07
CA ILE F 32 -23.65 -19.94 -18.98
C ILE F 32 -23.21 -18.94 -17.94
N THR F 33 -24.17 -18.51 -17.13
CA THR F 33 -23.86 -17.59 -16.05
C THR F 33 -24.49 -18.00 -14.71
N CYS F 34 -23.66 -18.04 -13.67
CA CYS F 34 -24.10 -18.27 -12.32
C CYS F 34 -24.32 -16.91 -11.66
N LEU F 35 -25.58 -16.57 -11.39
CA LEU F 35 -25.96 -15.29 -10.81
C LEU F 35 -26.47 -15.45 -9.37
N VAL F 36 -25.79 -14.80 -8.43
CA VAL F 36 -26.18 -14.86 -7.03
C VAL F 36 -26.49 -13.50 -6.43
N VAL F 37 -27.72 -13.38 -5.92
CA VAL F 37 -28.20 -12.15 -5.32
C VAL F 37 -28.17 -12.23 -3.79
N ASP F 38 -27.27 -11.48 -3.17
CA ASP F 38 -27.38 -11.32 -1.71
C ASP F 38 -28.37 -10.22 -1.38
N PRO F 41 -24.54 -7.74 2.44
CA PRO F 41 -23.19 -7.96 2.01
C PRO F 41 -22.17 -7.23 2.89
N SER F 42 -21.07 -7.89 3.16
CA SER F 42 -19.93 -7.27 3.84
C SER F 42 -18.71 -7.44 2.91
N LYS F 43 -17.55 -7.76 3.49
CA LYS F 43 -16.37 -8.13 2.69
C LYS F 43 -16.66 -9.48 2.02
N GLY F 44 -17.33 -9.35 0.88
CA GLY F 44 -17.88 -10.47 0.15
C GLY F 44 -16.88 -11.49 -0.36
N THR F 45 -16.24 -12.20 0.56
CA THR F 45 -15.33 -13.29 0.23
C THR F 45 -16.17 -14.49 -0.26
N VAL F 46 -16.81 -14.33 -1.42
CA VAL F 46 -17.78 -15.29 -1.92
C VAL F 46 -17.25 -16.04 -3.13
N GLN F 47 -16.70 -17.22 -2.93
CA GLN F 47 -15.94 -17.85 -4.01
C GLN F 47 -16.74 -18.82 -4.89
N LEU F 48 -16.87 -18.45 -6.17
CA LEU F 48 -17.60 -19.24 -7.19
C LEU F 48 -16.71 -20.32 -7.81
N THR F 49 -16.98 -21.58 -7.48
CA THR F 49 -16.25 -22.74 -8.05
C THR F 49 -17.06 -23.39 -9.15
N TRP F 50 -16.37 -23.70 -10.24
CA TRP F 50 -17.00 -24.40 -11.35
C TRP F 50 -16.50 -25.81 -11.40
N SER F 51 -17.40 -26.75 -11.71
CA SER F 51 -17.05 -28.17 -11.86
C SER F 51 -17.97 -28.83 -12.88
N ARG F 52 -17.43 -29.71 -13.70
CA ARG F 52 -18.23 -30.50 -14.61
C ARG F 52 -18.61 -31.83 -13.98
N ALA F 53 -19.80 -32.31 -14.30
CA ALA F 53 -20.28 -33.62 -13.78
C ALA F 53 -19.42 -34.76 -14.24
N SER F 54 -18.71 -34.58 -15.34
CA SER F 54 -17.70 -35.54 -15.79
C SER F 54 -16.47 -35.53 -14.88
N GLY F 55 -16.22 -34.36 -14.29
CA GLY F 55 -15.02 -34.12 -13.52
C GLY F 55 -13.99 -33.44 -14.37
N LYS F 56 -14.26 -33.27 -15.67
CA LYS F 56 -13.33 -32.65 -16.59
C LYS F 56 -12.96 -31.22 -16.18
N PRO F 57 -11.81 -30.75 -16.69
CA PRO F 57 -11.39 -29.38 -16.36
C PRO F 57 -12.30 -28.35 -16.99
N VAL F 58 -12.80 -27.41 -16.17
CA VAL F 58 -13.67 -26.33 -16.65
C VAL F 58 -12.83 -25.18 -17.18
N GLN F 59 -13.31 -24.49 -18.22
CA GLN F 59 -12.57 -23.34 -18.72
C GLN F 59 -12.59 -22.22 -17.69
N HIS F 60 -11.73 -21.21 -17.88
CA HIS F 60 -11.68 -20.11 -16.95
C HIS F 60 -12.81 -19.18 -17.22
N SER F 61 -13.48 -18.77 -16.15
CA SER F 61 -14.72 -17.97 -16.24
C SER F 61 -14.48 -16.49 -15.95
N THR F 62 -15.42 -15.66 -16.39
CA THR F 62 -15.39 -14.23 -16.08
C THR F 62 -16.28 -13.89 -14.88
N ARG F 63 -15.62 -13.64 -13.77
CA ARG F 63 -16.28 -13.22 -12.56
C ARG F 63 -16.40 -11.68 -12.55
N LYS F 64 -17.56 -11.17 -12.10
CA LYS F 64 -17.71 -9.75 -11.73
C LYS F 64 -18.89 -9.52 -10.77
N GLU F 65 -18.54 -8.93 -9.64
CA GLU F 65 -19.45 -8.53 -8.56
C GLU F 65 -19.90 -7.07 -8.69
N GLU F 66 -21.17 -6.79 -8.36
CA GLU F 66 -21.67 -5.41 -8.38
C GLU F 66 -22.60 -5.07 -7.22
N LYS F 67 -22.41 -3.89 -6.66
CA LYS F 67 -23.30 -3.35 -5.63
C LYS F 67 -24.53 -2.76 -6.27
N GLN F 68 -25.68 -3.26 -5.86
CA GLN F 68 -26.93 -2.77 -6.34
C GLN F 68 -27.41 -1.58 -5.55
N ARG F 69 -28.33 -0.88 -6.19
CA ARG F 69 -28.82 0.38 -5.69
C ARG F 69 -29.78 0.17 -4.54
N ASN F 70 -29.49 -0.81 -3.70
CA ASN F 70 -30.26 -1.03 -2.50
C ASN F 70 -29.47 -1.85 -1.46
N GLY F 71 -28.14 -1.66 -1.44
CA GLY F 71 -27.25 -2.30 -0.47
C GLY F 71 -27.20 -3.80 -0.56
N THR F 72 -27.39 -4.33 -1.77
CA THR F 72 -27.31 -5.75 -2.07
C THR F 72 -26.20 -5.99 -3.05
N LEU F 73 -25.43 -7.02 -2.78
CA LEU F 73 -24.37 -7.41 -3.68
C LEU F 73 -24.91 -8.44 -4.65
N THR F 74 -24.62 -8.19 -5.93
CA THR F 74 -24.95 -9.08 -7.03
C THR F 74 -23.68 -9.45 -7.80
N VAL F 75 -23.26 -10.70 -7.63
CA VAL F 75 -22.09 -11.21 -8.32
C VAL F 75 -22.50 -12.25 -9.38
N THR F 76 -21.84 -12.19 -10.55
CA THR F 76 -22.04 -13.11 -11.67
C THR F 76 -20.74 -13.70 -12.23
N SER F 77 -20.68 -15.02 -12.34
CA SER F 77 -19.56 -15.70 -13.01
C SER F 77 -20.07 -16.28 -14.33
N THR F 78 -19.44 -15.86 -15.42
CA THR F 78 -19.85 -16.33 -16.74
C THR F 78 -18.83 -17.29 -17.28
N LEU F 79 -19.23 -18.56 -17.34
CA LEU F 79 -18.37 -19.65 -17.80
C LEU F 79 -18.68 -19.93 -19.25
N PRO F 80 -17.63 -20.00 -20.06
CA PRO F 80 -17.88 -20.36 -21.44
C PRO F 80 -17.80 -21.90 -21.55
N VAL F 81 -18.75 -22.51 -22.28
CA VAL F 81 -18.75 -23.99 -22.38
C VAL F 81 -18.55 -24.53 -23.79
N GLY F 82 -18.19 -25.82 -23.85
CA GLY F 82 -18.16 -26.50 -25.11
C GLY F 82 -19.49 -26.51 -25.84
N THR F 83 -19.51 -26.02 -27.10
CA THR F 83 -20.62 -26.18 -28.00
C THR F 83 -21.14 -27.61 -27.98
N ARG F 84 -20.31 -28.52 -28.44
CA ARG F 84 -20.59 -29.93 -28.48
C ARG F 84 -20.89 -30.47 -27.09
N ASP F 85 -20.10 -30.06 -26.12
CA ASP F 85 -20.20 -30.55 -24.75
C ASP F 85 -21.57 -30.26 -24.18
N TRP F 86 -22.06 -29.06 -24.44
CA TRP F 86 -23.39 -28.70 -23.95
C TRP F 86 -24.49 -29.42 -24.66
N ILE F 87 -24.42 -29.44 -26.01
CA ILE F 87 -25.50 -30.01 -26.80
C ILE F 87 -25.70 -31.49 -26.47
N GLU F 88 -24.59 -32.15 -26.15
CA GLU F 88 -24.58 -33.58 -25.91
C GLU F 88 -25.07 -33.93 -24.48
N GLY F 89 -24.97 -32.95 -23.58
CA GLY F 89 -25.68 -33.04 -22.30
C GLY F 89 -24.82 -33.00 -21.07
N GLU F 90 -23.68 -32.33 -21.18
CA GLU F 90 -22.82 -32.19 -20.04
C GLU F 90 -23.51 -31.40 -19.00
N THR F 91 -23.36 -31.80 -17.75
CA THR F 91 -23.90 -31.08 -16.62
C THR F 91 -22.82 -30.20 -15.97
N TYR F 92 -23.13 -28.90 -15.86
CA TYR F 92 -22.22 -27.91 -15.30
C TYR F 92 -22.70 -27.41 -13.95
N GLN F 93 -21.80 -27.32 -12.96
CA GLN F 93 -22.13 -26.97 -11.57
C GLN F 93 -21.36 -25.82 -11.01
N CYS F 94 -22.04 -25.09 -10.14
CA CYS F 94 -21.53 -23.86 -9.57
C CYS F 94 -21.56 -23.91 -8.03
N ARG F 95 -20.39 -23.87 -7.40
CA ARG F 95 -20.27 -23.98 -5.93
C ARG F 95 -19.83 -22.65 -5.27
N VAL F 96 -20.71 -22.04 -4.48
CA VAL F 96 -20.44 -20.72 -3.91
C VAL F 96 -20.86 -20.56 -2.45
N THR F 97 -20.11 -19.73 -1.72
CA THR F 97 -20.43 -19.40 -0.31
C THR F 97 -19.80 -18.10 0.24
N HIS F 98 -20.54 -17.40 1.11
CA HIS F 98 -20.09 -16.15 1.79
C HIS F 98 -19.41 -16.46 3.10
N PRO F 99 -18.41 -15.63 3.49
CA PRO F 99 -17.77 -15.84 4.79
C PRO F 99 -18.72 -15.67 5.99
N HIS F 100 -19.85 -14.97 5.79
CA HIS F 100 -20.89 -14.80 6.81
C HIS F 100 -22.11 -15.63 6.49
N LEU F 101 -22.03 -16.48 5.46
CA LEU F 101 -23.17 -17.26 4.99
C LEU F 101 -23.38 -18.51 5.82
N PRO F 102 -24.64 -18.72 6.29
CA PRO F 102 -25.03 -19.85 7.10
C PRO F 102 -24.69 -21.21 6.46
N ARG F 103 -24.99 -21.40 5.18
CA ARG F 103 -24.77 -22.69 4.52
C ARG F 103 -24.23 -22.55 3.06
N ALA F 104 -23.74 -23.66 2.50
CA ALA F 104 -23.07 -23.68 1.16
C ALA F 104 -24.04 -23.99 0.03
N LEU F 105 -23.92 -23.25 -1.08
CA LEU F 105 -24.88 -23.34 -2.20
C LEU F 105 -24.34 -23.71 -3.61
N MET F 106 -24.78 -24.88 -4.11
CA MET F 106 -24.32 -25.50 -5.37
C MET F 106 -25.44 -25.60 -6.40
N ARG F 107 -25.39 -24.70 -7.39
CA ARG F 107 -26.32 -24.76 -8.51
C ARG F 107 -25.78 -25.58 -9.67
N SER F 108 -26.68 -26.27 -10.36
CA SER F 108 -26.30 -27.10 -11.49
C SER F 108 -27.20 -26.88 -12.68
N THR F 109 -26.66 -26.99 -13.89
CA THR F 109 -27.43 -26.78 -15.13
C THR F 109 -27.10 -27.79 -16.22
N THR F 110 -28.12 -28.21 -16.96
CA THR F 110 -27.94 -29.06 -18.15
C THR F 110 -29.00 -28.82 -19.23
N LYS F 111 -28.70 -29.25 -20.44
CA LYS F 111 -29.70 -29.26 -21.50
C LYS F 111 -31.01 -29.98 -21.14
N THR F 112 -32.10 -29.24 -21.20
CA THR F 112 -33.47 -29.73 -20.96
C THR F 112 -33.83 -30.76 -22.05
N SER F 113 -33.77 -32.05 -21.73
CA SER F 113 -33.92 -33.11 -22.72
C SER F 113 -35.38 -33.61 -22.84
N GLY F 114 -36.06 -33.26 -23.93
CA GLY F 114 -37.48 -33.65 -24.10
C GLY F 114 -37.93 -33.65 -25.54
N PRO F 115 -39.25 -33.56 -25.78
CA PRO F 115 -39.83 -33.26 -27.11
C PRO F 115 -39.45 -31.88 -27.62
N ARG F 116 -39.47 -31.74 -28.95
CA ARG F 116 -39.23 -30.43 -29.54
C ARG F 116 -40.37 -29.84 -30.32
N ALA F 117 -40.43 -28.51 -30.32
CA ALA F 117 -41.41 -27.81 -31.11
C ALA F 117 -40.83 -26.50 -31.59
N ALA F 118 -40.93 -26.28 -32.90
CA ALA F 118 -40.44 -25.02 -33.52
C ALA F 118 -41.37 -23.80 -33.28
N PRO F 119 -40.76 -22.65 -33.02
CA PRO F 119 -41.53 -21.50 -32.66
C PRO F 119 -42.40 -20.95 -33.82
N GLU F 120 -43.57 -20.37 -33.49
CA GLU F 120 -44.41 -19.65 -34.48
C GLU F 120 -44.19 -18.20 -34.26
N VAL F 121 -43.76 -17.51 -35.29
CA VAL F 121 -43.39 -16.10 -35.13
C VAL F 121 -44.46 -15.05 -35.55
N PRO F 127 -50.72 0.44 -34.41
CA PRO F 127 -51.34 1.48 -35.21
C PRO F 127 -50.93 2.89 -34.70
N GLU F 128 -51.31 3.96 -35.42
CA GLU F 128 -50.82 5.31 -35.10
C GLU F 128 -51.64 5.94 -33.99
N TRP F 129 -50.96 6.48 -32.99
CA TRP F 129 -51.60 7.06 -31.80
C TRP F 129 -51.46 8.56 -31.78
N PRO F 130 -52.55 9.30 -31.43
CA PRO F 130 -52.48 10.77 -31.21
C PRO F 130 -51.55 11.24 -30.07
N GLY F 131 -50.45 11.92 -30.45
CA GLY F 131 -49.35 12.27 -29.55
C GLY F 131 -48.07 11.49 -29.89
N SER F 132 -48.11 10.73 -30.98
CA SER F 132 -47.11 9.73 -31.28
C SER F 132 -47.04 9.49 -32.79
N ARG F 133 -46.82 10.55 -33.56
CA ARG F 133 -46.64 10.45 -35.01
C ARG F 133 -45.24 10.03 -35.40
N ASP F 134 -44.23 10.56 -34.69
CA ASP F 134 -42.84 10.23 -34.94
C ASP F 134 -42.35 8.88 -34.41
N LYS F 135 -43.23 8.16 -33.74
CA LYS F 135 -42.88 6.85 -33.23
C LYS F 135 -44.00 5.82 -33.31
N ARG F 136 -43.60 4.58 -33.50
CA ARG F 136 -44.52 3.46 -33.43
C ARG F 136 -43.93 2.39 -32.52
N THR F 137 -44.77 1.43 -32.14
CA THR F 137 -44.29 0.33 -31.34
C THR F 137 -44.51 -0.93 -32.15
N LEU F 138 -43.43 -1.71 -32.36
CA LEU F 138 -43.41 -2.99 -33.12
C LEU F 138 -43.40 -4.16 -32.15
N ALA F 139 -44.39 -5.05 -32.28
CA ALA F 139 -44.53 -6.17 -31.34
C ALA F 139 -44.47 -7.52 -32.04
N CYS F 140 -43.72 -8.49 -31.49
CA CYS F 140 -43.66 -9.84 -32.02
C CYS F 140 -44.11 -10.91 -31.03
N LEU F 141 -45.04 -11.76 -31.50
CA LEU F 141 -45.48 -12.92 -30.76
C LEU F 141 -44.82 -14.21 -31.29
N ILE F 142 -43.99 -14.84 -30.45
CA ILE F 142 -43.32 -16.10 -30.72
C ILE F 142 -43.85 -17.09 -29.70
N GLN F 143 -44.51 -18.13 -30.21
CA GLN F 143 -45.25 -19.07 -29.37
C GLN F 143 -45.21 -20.51 -29.84
N ASN F 144 -45.75 -21.40 -29.00
CA ASN F 144 -45.89 -22.84 -29.30
C ASN F 144 -44.60 -23.67 -29.48
N PHE F 145 -43.51 -23.11 -28.97
CA PHE F 145 -42.21 -23.74 -29.00
C PHE F 145 -41.84 -24.46 -27.68
N MET F 146 -40.95 -25.44 -27.77
CA MET F 146 -40.40 -26.11 -26.59
C MET F 146 -39.08 -26.80 -26.87
N PRO F 147 -38.15 -26.71 -25.90
CA PRO F 147 -38.30 -26.15 -24.55
C PRO F 147 -38.22 -24.64 -24.53
N GLU F 148 -38.37 -24.07 -23.32
CA GLU F 148 -38.43 -22.62 -23.19
C GLU F 148 -37.20 -21.86 -23.72
N ASP F 149 -36.05 -22.56 -23.85
CA ASP F 149 -34.80 -21.94 -24.35
C ASP F 149 -35.03 -21.25 -25.67
N ILE F 150 -34.90 -19.93 -25.72
CA ILE F 150 -35.12 -19.20 -26.97
C ILE F 150 -34.38 -17.86 -26.96
N SER F 151 -33.92 -17.43 -28.12
CA SER F 151 -33.31 -16.12 -28.26
C SER F 151 -34.15 -15.29 -29.19
N VAL F 152 -34.33 -13.99 -28.86
CA VAL F 152 -35.05 -13.06 -29.73
C VAL F 152 -34.16 -11.90 -30.22
N GLN F 153 -34.25 -11.63 -31.53
CA GLN F 153 -33.50 -10.55 -32.14
C GLN F 153 -34.29 -9.69 -33.14
N TRP F 154 -33.89 -8.43 -33.26
CA TRP F 154 -34.55 -7.48 -34.15
C TRP F 154 -33.59 -6.85 -35.14
N LEU F 155 -33.99 -6.82 -36.42
CA LEU F 155 -33.11 -6.39 -37.54
C LEU F 155 -33.65 -5.30 -38.48
N HIS F 156 -32.74 -4.48 -38.99
CA HIS F 156 -33.09 -3.36 -39.87
C HIS F 156 -31.89 -3.02 -40.67
N ASN F 157 -32.06 -2.95 -42.00
CA ASN F 157 -30.93 -2.76 -42.93
C ASN F 157 -29.86 -3.84 -42.79
N GLU F 158 -30.29 -5.08 -42.61
CA GLU F 158 -29.37 -6.20 -42.42
C GLU F 158 -28.58 -6.19 -41.11
N VAL F 159 -28.71 -5.14 -40.29
CA VAL F 159 -27.94 -5.10 -39.01
C VAL F 159 -28.83 -5.31 -37.78
N GLN F 160 -28.24 -5.94 -36.75
CA GLN F 160 -28.98 -6.31 -35.58
C GLN F 160 -29.06 -5.16 -34.57
N LEU F 161 -30.29 -4.87 -34.13
CA LEU F 161 -30.54 -3.88 -33.07
C LEU F 161 -30.01 -4.30 -31.71
N PRO F 162 -29.42 -3.36 -30.95
CA PRO F 162 -28.90 -3.59 -29.57
C PRO F 162 -29.94 -4.09 -28.61
N ASP F 163 -29.48 -4.88 -27.65
CA ASP F 163 -30.35 -5.60 -26.73
C ASP F 163 -31.25 -4.70 -25.96
N ALA F 164 -30.71 -3.57 -25.50
CA ALA F 164 -31.46 -2.62 -24.71
C ALA F 164 -32.68 -2.09 -25.46
N ARG F 165 -32.60 -2.06 -26.79
CA ARG F 165 -33.62 -1.43 -27.64
C ARG F 165 -35.00 -2.08 -27.61
N HIS F 166 -35.02 -3.38 -27.31
CA HIS F 166 -36.27 -4.13 -27.25
C HIS F 166 -36.41 -4.82 -25.91
N SER F 167 -37.60 -5.34 -25.64
CA SER F 167 -37.85 -5.94 -24.33
C SER F 167 -38.75 -7.14 -24.50
N THR F 168 -38.30 -8.26 -23.97
CA THR F 168 -39.00 -9.51 -24.18
C THR F 168 -39.43 -10.09 -22.83
N THR F 169 -40.65 -10.64 -22.77
CA THR F 169 -41.19 -11.25 -21.56
C THR F 169 -40.52 -12.58 -21.24
N GLN F 170 -40.63 -13.04 -20.01
CA GLN F 170 -40.18 -14.38 -19.66
C GLN F 170 -41.15 -15.39 -20.29
N PRO F 171 -40.60 -16.47 -20.85
CA PRO F 171 -41.42 -17.54 -21.43
C PRO F 171 -42.49 -18.08 -20.48
N ARG F 172 -43.73 -18.02 -20.92
CA ARG F 172 -44.84 -18.60 -20.13
C ARG F 172 -45.30 -19.83 -20.86
N LYS F 173 -45.96 -20.76 -20.14
CA LYS F 173 -46.58 -21.93 -20.77
C LYS F 173 -47.79 -21.53 -21.57
N THR F 174 -47.99 -22.18 -22.71
CA THR F 174 -49.19 -22.00 -23.50
C THR F 174 -50.30 -22.94 -23.00
N LYS F 175 -51.53 -22.61 -23.39
CA LYS F 175 -52.74 -23.44 -23.18
C LYS F 175 -52.53 -24.89 -23.64
N GLY F 176 -51.65 -25.08 -24.61
CA GLY F 176 -51.28 -26.40 -25.11
C GLY F 176 -50.05 -26.87 -24.39
N SER F 177 -49.01 -27.28 -25.13
CA SER F 177 -47.78 -27.86 -24.56
C SER F 177 -46.53 -26.99 -24.68
N GLY F 178 -46.55 -26.08 -25.65
CA GLY F 178 -45.45 -25.15 -25.89
C GLY F 178 -45.30 -23.98 -24.92
N PHE F 179 -44.54 -22.98 -25.36
CA PHE F 179 -44.23 -21.81 -24.62
C PHE F 179 -44.48 -20.55 -25.48
N PHE F 180 -44.58 -19.39 -24.86
CA PHE F 180 -44.66 -18.18 -25.64
C PHE F 180 -43.97 -17.00 -25.01
N VAL F 181 -43.51 -16.10 -25.87
CA VAL F 181 -43.01 -14.80 -25.41
C VAL F 181 -43.55 -13.71 -26.29
N PHE F 182 -43.43 -12.46 -25.80
CA PHE F 182 -43.68 -11.25 -26.58
C PHE F 182 -42.47 -10.33 -26.52
N SER F 183 -42.11 -9.77 -27.66
CA SER F 183 -41.05 -8.78 -27.65
C SER F 183 -41.61 -7.48 -28.13
N ARG F 184 -41.09 -6.40 -27.54
CA ARG F 184 -41.61 -5.03 -27.79
C ARG F 184 -40.43 -4.20 -28.29
N LEU F 185 -40.67 -3.39 -29.32
CA LEU F 185 -39.62 -2.55 -29.89
C LEU F 185 -40.16 -1.21 -30.38
N GLU F 186 -39.80 -0.12 -29.69
CA GLU F 186 -40.16 1.24 -30.12
C GLU F 186 -39.17 1.72 -31.15
N VAL F 187 -39.70 2.27 -32.24
CA VAL F 187 -38.86 2.76 -33.35
C VAL F 187 -39.15 4.25 -33.68
N THR F 188 -38.10 5.03 -33.94
CA THR F 188 -38.25 6.42 -34.41
C THR F 188 -38.55 6.47 -35.90
N ARG F 189 -39.18 7.57 -36.32
CA ARG F 189 -39.56 7.78 -37.71
C ARG F 189 -38.35 7.71 -38.66
N ALA F 190 -37.20 8.22 -38.20
CA ALA F 190 -35.94 8.20 -38.96
C ALA F 190 -35.54 6.80 -39.41
N GLU F 191 -35.81 5.83 -38.54
CA GLU F 191 -35.47 4.45 -38.83
C GLU F 191 -36.34 3.84 -39.96
N TRP F 192 -37.66 3.98 -39.87
CA TRP F 192 -38.53 3.35 -40.90
C TRP F 192 -38.63 4.08 -42.19
N GLU F 193 -38.32 5.37 -42.16
CA GLU F 193 -38.24 6.09 -43.42
C GLU F 193 -37.02 5.64 -44.24
N GLN F 194 -35.99 5.20 -43.51
CA GLN F 194 -34.73 4.77 -44.06
C GLN F 194 -34.89 3.47 -44.85
N LYS F 195 -35.45 2.46 -44.20
CA LYS F 195 -35.95 1.26 -44.88
C LYS F 195 -37.12 0.79 -44.05
N ASP F 196 -38.32 0.95 -44.60
CA ASP F 196 -39.51 0.60 -43.86
C ASP F 196 -39.70 -0.92 -43.75
N GLU F 197 -38.66 -1.62 -43.29
CA GLU F 197 -38.73 -3.07 -42.98
C GLU F 197 -37.91 -3.48 -41.77
N PHE F 198 -38.58 -4.13 -40.82
CA PHE F 198 -37.97 -4.61 -39.60
C PHE F 198 -38.22 -6.12 -39.44
N ILE F 199 -37.16 -6.87 -39.16
CA ILE F 199 -37.21 -8.34 -39.06
C ILE F 199 -37.21 -8.77 -37.60
N CYS F 200 -38.18 -9.62 -37.27
CA CYS F 200 -38.25 -10.29 -35.98
C CYS F 200 -37.66 -11.70 -36.08
N ARG F 201 -36.49 -11.92 -35.49
CA ARG F 201 -35.77 -13.20 -35.64
C ARG F 201 -35.76 -14.06 -34.38
N ALA F 202 -35.92 -15.37 -34.59
CA ALA F 202 -36.09 -16.32 -33.51
C ALA F 202 -35.15 -17.49 -33.62
N VAL F 203 -34.19 -17.57 -32.70
CA VAL F 203 -33.24 -18.68 -32.64
C VAL F 203 -33.77 -19.69 -31.64
N HIS F 204 -34.06 -20.90 -32.10
CA HIS F 204 -34.51 -21.95 -31.18
C HIS F 204 -34.06 -23.25 -31.67
N GLU F 205 -33.76 -24.11 -30.70
CA GLU F 205 -33.33 -25.48 -30.90
C GLU F 205 -34.05 -26.14 -32.09
N ALA F 206 -35.37 -26.18 -32.04
CA ALA F 206 -36.19 -26.96 -33.01
C ALA F 206 -36.42 -26.34 -34.38
N ALA F 207 -36.03 -25.06 -34.49
CA ALA F 207 -36.28 -24.29 -35.69
C ALA F 207 -35.39 -24.71 -36.82
N SER F 208 -36.00 -25.12 -37.91
CA SER F 208 -35.22 -25.50 -39.07
C SER F 208 -35.64 -24.63 -40.28
N PRO F 209 -34.70 -24.40 -41.23
CA PRO F 209 -33.30 -24.85 -41.14
C PRO F 209 -32.41 -23.86 -40.39
N SER F 210 -31.28 -24.37 -39.90
CA SER F 210 -30.26 -23.57 -39.22
C SER F 210 -30.78 -22.83 -37.99
N GLN F 211 -31.67 -23.51 -37.26
CA GLN F 211 -32.18 -23.03 -35.97
C GLN F 211 -32.71 -21.56 -35.99
N THR F 212 -33.43 -21.20 -37.05
CA THR F 212 -33.94 -19.86 -37.25
C THR F 212 -35.33 -19.87 -37.90
N VAL F 213 -36.23 -19.06 -37.32
CA VAL F 213 -37.51 -18.65 -37.91
C VAL F 213 -37.56 -17.15 -37.77
N GLN F 214 -38.05 -16.47 -38.81
CA GLN F 214 -38.18 -15.01 -38.76
C GLN F 214 -39.44 -14.47 -39.45
N ARG F 215 -39.92 -13.29 -39.03
CA ARG F 215 -40.98 -12.50 -39.70
C ARG F 215 -40.41 -11.16 -40.13
N PHE G 3 17.13 -2.00 -56.49
CA PHE G 3 17.95 -1.29 -55.43
C PHE G 3 17.84 -1.80 -53.97
N VAL G 4 18.73 -2.71 -53.58
CA VAL G 4 18.71 -3.41 -52.29
C VAL G 4 19.84 -3.04 -51.33
N CYS G 5 19.47 -2.88 -50.07
CA CYS G 5 20.35 -2.27 -49.07
C CYS G 5 20.68 -3.22 -47.94
N ASN G 6 21.91 -3.70 -47.96
CA ASN G 6 22.38 -4.68 -47.02
C ASN G 6 23.92 -4.76 -47.02
N THR G 7 24.56 -3.92 -47.83
CA THR G 7 26.03 -3.82 -47.84
C THR G 7 26.49 -3.13 -46.52
N CYS G 8 27.39 -3.81 -45.81
CA CYS G 8 27.97 -3.26 -44.59
C CYS G 8 29.47 -3.29 -44.71
N PRO G 9 30.15 -2.29 -44.13
CA PRO G 9 31.62 -2.33 -44.11
C PRO G 9 32.08 -3.29 -43.02
N GLU G 10 33.31 -3.80 -43.12
CA GLU G 10 33.73 -4.99 -42.33
C GLU G 10 33.51 -4.78 -40.84
N LYS G 11 33.11 -5.85 -40.12
CA LYS G 11 32.87 -5.82 -38.65
C LYS G 11 31.47 -5.33 -38.25
N TRP G 12 30.79 -4.79 -39.26
CA TRP G 12 29.37 -4.45 -39.19
C TRP G 12 28.48 -5.62 -39.61
N ILE G 13 27.56 -5.97 -38.72
CA ILE G 13 26.49 -6.97 -39.02
C ILE G 13 25.29 -6.21 -39.60
N ASN G 14 24.70 -6.75 -40.64
CA ASN G 14 23.54 -6.09 -41.23
C ASN G 14 22.21 -6.56 -40.57
N PHE G 15 21.15 -5.77 -40.72
CA PHE G 15 19.78 -6.21 -40.44
C PHE G 15 18.90 -5.23 -41.19
N GLN G 16 17.93 -5.75 -41.93
CA GLN G 16 17.16 -4.92 -42.83
C GLN G 16 18.03 -3.88 -43.60
N ARG G 17 17.78 -2.58 -43.48
CA ARG G 17 18.48 -1.59 -44.27
C ARG G 17 19.53 -0.78 -43.47
N LYS G 18 19.94 -1.30 -42.33
CA LYS G 18 20.98 -0.65 -41.49
C LYS G 18 22.12 -1.58 -41.09
N CYS G 19 23.29 -1.01 -40.80
CA CYS G 19 24.40 -1.78 -40.31
C CYS G 19 24.55 -1.57 -38.80
N TYR G 20 25.03 -2.61 -38.11
CA TYR G 20 25.10 -2.58 -36.63
C TYR G 20 26.46 -3.03 -36.15
N TYR G 21 27.07 -2.28 -35.25
CA TYR G 21 28.35 -2.64 -34.63
C TYR G 21 28.11 -2.77 -33.13
N PHE G 22 28.58 -3.88 -32.55
CA PHE G 22 28.37 -4.15 -31.12
C PHE G 22 29.67 -4.02 -30.33
N GLY G 23 30.03 -2.79 -29.99
CA GLY G 23 31.30 -2.41 -29.36
C GLY G 23 31.42 -2.90 -27.94
N LYS G 24 32.66 -3.05 -27.49
CA LYS G 24 32.93 -3.55 -26.15
C LYS G 24 34.07 -2.78 -25.52
N GLY G 25 33.99 -2.64 -24.21
CA GLY G 25 34.91 -1.79 -23.45
C GLY G 25 34.15 -0.88 -22.48
N THR G 26 34.72 -0.69 -21.30
CA THR G 26 34.11 0.18 -20.30
C THR G 26 34.04 1.60 -20.84
N LYS G 27 32.82 2.04 -21.13
CA LYS G 27 32.60 3.41 -21.56
C LYS G 27 31.39 4.05 -20.88
N GLN G 28 31.50 5.34 -20.57
CA GLN G 28 30.33 6.13 -20.18
C GLN G 28 29.47 6.33 -21.41
N TRP G 29 28.27 6.84 -21.19
CA TRP G 29 27.35 7.04 -22.31
C TRP G 29 27.90 7.98 -23.33
N VAL G 30 28.43 9.11 -22.88
CA VAL G 30 28.90 10.12 -23.84
C VAL G 30 30.14 9.64 -24.54
N HIS G 31 30.95 8.86 -23.84
CA HIS G 31 32.11 8.22 -24.43
C HIS G 31 31.70 7.10 -25.41
N ALA G 32 30.56 6.47 -25.12
CA ALA G 32 29.95 5.56 -26.04
C ALA G 32 29.45 6.27 -27.30
N ARG G 33 29.00 7.50 -27.13
CA ARG G 33 28.52 8.30 -28.25
C ARG G 33 29.64 8.59 -29.24
N TYR G 34 30.77 9.06 -28.69
CA TYR G 34 31.95 9.46 -29.44
C TYR G 34 32.44 8.35 -30.34
N ALA G 35 32.50 7.15 -29.77
CA ALA G 35 32.98 5.94 -30.42
C ALA G 35 32.30 5.70 -31.77
N CYS G 36 30.99 5.85 -31.77
CA CYS G 36 30.23 5.60 -33.00
C CYS G 36 30.42 6.68 -34.04
N ASP G 37 30.70 7.91 -33.62
CA ASP G 37 30.97 9.01 -34.56
C ASP G 37 32.26 8.78 -35.30
N ASP G 38 33.20 8.27 -34.55
CA ASP G 38 34.54 8.02 -35.04
C ASP G 38 34.51 6.85 -36.01
N MET G 39 33.53 5.96 -35.82
CA MET G 39 33.20 4.83 -36.73
C MET G 39 32.16 5.21 -37.78
N GLU G 40 31.99 6.52 -37.96
CA GLU G 40 31.05 7.08 -38.95
C GLU G 40 29.66 6.48 -38.88
N GLY G 41 29.21 6.24 -37.66
CA GLY G 41 27.82 5.96 -37.42
C GLY G 41 27.36 6.82 -36.28
N GLN G 42 26.35 6.32 -35.58
CA GLN G 42 25.85 6.95 -34.38
C GLN G 42 25.38 5.82 -33.45
N LEU G 43 25.13 6.15 -32.19
CA LEU G 43 24.54 5.18 -31.27
C LEU G 43 23.21 4.69 -31.81
N VAL G 44 22.83 3.49 -31.41
CA VAL G 44 21.68 2.90 -32.06
C VAL G 44 20.37 3.65 -31.79
N SER G 45 19.53 3.70 -32.81
CA SER G 45 18.15 4.19 -32.73
C SER G 45 17.12 3.07 -33.13
N ILE G 46 16.51 2.47 -32.09
CA ILE G 46 15.54 1.39 -32.20
C ILE G 46 14.12 1.88 -32.52
N HIS G 47 13.55 1.37 -33.63
CA HIS G 47 12.31 1.83 -34.15
C HIS G 47 11.31 0.77 -34.44
N SER G 48 11.73 -0.48 -34.54
CA SER G 48 10.82 -1.60 -34.87
C SER G 48 11.03 -2.76 -33.91
N PRO G 49 9.94 -3.47 -33.53
CA PRO G 49 10.13 -4.59 -32.58
C PRO G 49 11.05 -5.67 -33.18
N GLU G 50 11.10 -5.71 -34.52
CA GLU G 50 11.98 -6.61 -35.24
C GLU G 50 13.41 -6.16 -35.05
N GLU G 51 13.65 -4.86 -35.14
CA GLU G 51 14.95 -4.33 -34.88
C GLU G 51 15.41 -4.73 -33.46
N GLN G 52 14.53 -4.61 -32.47
CA GLN G 52 14.84 -4.99 -31.09
C GLN G 52 15.14 -6.45 -30.92
N ASP G 53 14.39 -7.31 -31.61
CA ASP G 53 14.60 -8.79 -31.57
C ASP G 53 16.01 -9.21 -31.98
N PHE G 54 16.46 -8.59 -33.07
CA PHE G 54 17.75 -8.79 -33.66
C PHE G 54 18.81 -8.38 -32.66
N LEU G 55 18.66 -7.21 -32.04
CA LEU G 55 19.68 -6.69 -31.08
C LEU G 55 19.72 -7.51 -29.79
N THR G 56 18.55 -7.95 -29.30
CA THR G 56 18.45 -8.75 -28.06
C THR G 56 19.35 -9.99 -28.12
N LYS G 57 19.45 -10.56 -29.32
CA LYS G 57 20.24 -11.77 -29.54
C LYS G 57 21.74 -11.50 -29.66
N HIS G 58 22.13 -10.25 -29.90
CA HIS G 58 23.54 -9.86 -29.90
C HIS G 58 23.92 -9.03 -28.71
N ALA G 59 22.96 -8.72 -27.82
CA ALA G 59 23.15 -7.78 -26.69
C ALA G 59 23.95 -8.40 -25.58
N SER G 60 25.00 -7.68 -25.12
CA SER G 60 25.87 -8.13 -24.03
C SER G 60 25.05 -8.30 -22.78
N HIS G 61 25.28 -9.39 -22.04
CA HIS G 61 24.44 -9.65 -20.87
C HIS G 61 24.79 -8.76 -19.71
N THR G 62 26.01 -8.21 -19.72
CA THR G 62 26.43 -7.16 -18.77
C THR G 62 25.59 -5.90 -18.93
N GLY G 63 25.16 -5.61 -20.15
CA GLY G 63 24.39 -4.42 -20.45
C GLY G 63 25.07 -3.61 -21.54
N SER G 64 24.26 -2.86 -22.28
CA SER G 64 24.74 -2.06 -23.42
C SER G 64 24.18 -0.61 -23.34
N TRP G 65 24.94 0.35 -23.88
CA TRP G 65 24.51 1.74 -24.07
C TRP G 65 23.80 1.95 -25.39
N ILE G 66 22.57 2.48 -25.35
CA ILE G 66 21.82 2.77 -26.60
C ILE G 66 21.66 4.25 -26.86
N GLY G 67 21.38 4.64 -28.09
CA GLY G 67 21.33 6.05 -28.46
C GLY G 67 20.11 6.87 -28.03
N LEU G 68 19.62 6.60 -26.81
CA LEU G 68 18.47 7.30 -26.23
C LEU G 68 18.80 8.15 -24.99
N ARG G 69 18.44 9.44 -25.03
CA ARG G 69 18.67 10.38 -23.90
C ARG G 69 17.76 11.62 -24.05
N ASN G 70 17.99 12.70 -23.31
CA ASN G 70 17.24 13.93 -23.63
C ASN G 70 18.03 15.21 -23.63
N LEU G 71 17.58 16.24 -24.36
CA LEU G 71 18.26 17.56 -24.31
C LEU G 71 18.11 18.28 -22.94
N ASP G 72 17.53 17.59 -21.95
CA ASP G 72 17.14 18.16 -20.67
C ASP G 72 16.06 19.20 -20.89
N LEU G 73 16.36 20.16 -21.78
CA LEU G 73 15.46 21.20 -22.17
C LEU G 73 14.40 20.56 -23.06
N LYS G 74 13.87 19.50 -22.44
CA LYS G 74 12.96 18.52 -22.96
C LYS G 74 12.70 17.95 -21.58
N GLY G 75 12.27 16.71 -21.46
CA GLY G 75 12.29 16.01 -20.19
C GLY G 75 11.99 14.68 -20.82
N GLU G 76 11.88 14.73 -22.14
CA GLU G 76 11.47 13.64 -23.01
C GLU G 76 12.68 13.05 -23.74
N PHE G 77 12.76 11.72 -23.80
CA PHE G 77 13.88 11.04 -24.47
C PHE G 77 13.82 11.17 -25.97
N ILE G 78 15.00 11.25 -26.60
CA ILE G 78 15.13 11.37 -28.06
C ILE G 78 16.39 10.62 -28.53
N TRP G 79 16.23 9.91 -29.63
CA TRP G 79 17.32 9.14 -30.28
C TRP G 79 18.34 10.07 -30.81
N VAL G 80 19.56 9.57 -30.89
CA VAL G 80 20.64 10.40 -31.40
C VAL G 80 20.51 10.86 -32.87
N ASP G 81 19.64 10.21 -33.61
CA ASP G 81 19.36 10.66 -34.97
C ASP G 81 18.40 11.88 -35.03
N GLY G 82 17.82 12.25 -33.89
CA GLY G 82 16.86 13.35 -33.82
C GLY G 82 15.44 12.84 -33.58
N SER G 83 15.14 11.59 -34.02
CA SER G 83 13.80 10.97 -33.99
C SER G 83 13.22 10.76 -32.61
N HIS G 84 11.90 10.87 -32.50
CA HIS G 84 11.18 10.65 -31.27
C HIS G 84 11.03 9.20 -30.97
N VAL G 85 10.42 8.89 -29.83
CA VAL G 85 10.18 7.50 -29.44
C VAL G 85 8.83 7.00 -29.99
N ASP G 86 8.91 6.20 -31.06
CA ASP G 86 7.75 5.47 -31.56
C ASP G 86 7.75 4.10 -30.92
N TYR G 87 8.80 3.31 -31.16
CA TYR G 87 8.93 2.04 -30.49
C TYR G 87 9.65 2.17 -29.15
N SER G 88 9.11 1.48 -28.14
CA SER G 88 9.72 1.42 -26.77
C SER G 88 9.85 0.02 -26.25
N ASN G 89 10.94 -0.23 -25.56
CA ASN G 89 11.07 -1.52 -24.93
C ASN G 89 11.47 -1.36 -23.47
N TRP G 90 10.59 -0.72 -22.71
CA TRP G 90 10.87 -0.43 -21.31
C TRP G 90 10.69 -1.62 -20.41
N ALA G 91 11.74 -1.93 -19.63
CA ALA G 91 11.66 -2.86 -18.50
C ALA G 91 10.68 -2.35 -17.44
N PRO G 92 10.06 -3.25 -16.67
CA PRO G 92 9.27 -2.87 -15.50
C PRO G 92 9.93 -1.87 -14.55
N GLY G 93 9.16 -0.87 -14.15
CA GLY G 93 9.64 0.17 -13.26
C GLY G 93 10.32 1.29 -14.02
N GLU G 94 10.51 1.13 -15.33
CA GLU G 94 11.34 2.06 -16.10
C GLU G 94 10.58 2.69 -17.29
N PRO G 95 10.89 3.93 -17.62
CA PRO G 95 11.92 4.82 -17.02
C PRO G 95 11.59 5.30 -15.59
N THR G 96 12.53 5.09 -14.65
CA THR G 96 12.48 5.70 -13.29
C THR G 96 12.74 7.22 -13.38
N SER G 97 12.90 7.70 -14.61
CA SER G 97 13.22 9.11 -14.94
C SER G 97 12.09 10.09 -14.55
N ARG G 98 12.34 11.37 -14.84
CA ARG G 98 11.76 12.49 -14.11
C ARG G 98 12.74 12.79 -13.00
N SER G 99 13.73 11.92 -12.94
CA SER G 99 14.82 11.98 -12.03
C SER G 99 14.37 11.70 -10.61
N GLN G 100 15.23 10.94 -9.89
CA GLN G 100 16.57 10.48 -10.32
C GLN G 100 17.20 11.70 -11.02
N GLY G 101 17.59 11.81 -12.28
CA GLY G 101 18.70 11.21 -12.87
C GLY G 101 18.41 10.52 -14.16
N GLU G 102 19.50 9.97 -14.62
CA GLU G 102 19.47 8.85 -15.48
C GLU G 102 18.91 9.24 -16.83
N ASP G 103 19.32 10.40 -17.32
CA ASP G 103 18.92 10.90 -18.63
C ASP G 103 19.46 10.03 -19.82
N CYS G 104 20.27 9.02 -19.48
CA CYS G 104 20.71 8.01 -20.45
C CYS G 104 20.01 6.65 -20.32
N VAL G 105 19.65 6.07 -21.49
CA VAL G 105 18.99 4.75 -21.60
C VAL G 105 19.93 3.61 -21.98
N MET G 106 19.93 2.57 -21.16
CA MET G 106 20.79 1.42 -21.35
C MET G 106 19.94 0.21 -21.62
N MET G 107 20.54 -0.79 -22.27
CA MET G 107 19.86 -2.01 -22.59
C MET G 107 20.47 -3.15 -21.77
N ARG G 108 19.63 -3.88 -21.04
CA ARG G 108 20.06 -5.07 -20.33
C ARG G 108 20.37 -6.23 -21.29
N GLY G 109 20.74 -7.37 -20.73
CA GLY G 109 20.94 -8.61 -21.52
C GLY G 109 19.67 -9.04 -22.19
N SER G 110 18.58 -8.88 -21.42
CA SER G 110 17.22 -9.22 -21.85
C SER G 110 16.71 -8.38 -23.03
N GLY G 111 17.44 -7.34 -23.41
CA GLY G 111 17.01 -6.45 -24.46
C GLY G 111 16.12 -5.33 -23.93
N ARG G 112 15.70 -5.43 -22.67
CA ARG G 112 14.88 -4.44 -21.97
C ARG G 112 15.63 -3.14 -21.66
N TRP G 113 14.91 -2.02 -21.67
CA TRP G 113 15.52 -0.71 -21.42
C TRP G 113 15.33 -0.22 -20.00
N ASN G 114 16.34 0.47 -19.47
CA ASN G 114 16.27 1.09 -18.15
C ASN G 114 17.12 2.37 -18.11
N ASP G 115 16.67 3.41 -17.41
CA ASP G 115 17.42 4.64 -17.33
C ASP G 115 18.43 4.52 -16.19
N ALA G 116 19.70 4.76 -16.51
CA ALA G 116 20.85 4.75 -15.57
C ALA G 116 21.60 6.06 -15.72
N PHE G 117 22.33 6.49 -14.72
CA PHE G 117 23.08 7.75 -14.81
C PHE G 117 24.11 7.76 -15.95
N CYS G 118 24.37 8.95 -16.49
CA CYS G 118 25.25 9.10 -17.69
C CYS G 118 26.74 8.93 -17.43
N ASP G 119 27.12 9.21 -16.19
CA ASP G 119 28.50 9.03 -15.76
C ASP G 119 28.76 7.58 -15.35
N ARG G 120 27.71 6.78 -15.24
CA ARG G 120 27.84 5.33 -15.04
C ARG G 120 28.55 4.64 -16.21
N LYS G 121 29.36 3.64 -15.89
CA LYS G 121 30.21 2.97 -16.88
C LYS G 121 29.74 1.53 -17.18
N LEU G 122 29.59 1.25 -18.46
CA LEU G 122 29.09 -0.02 -18.94
C LEU G 122 30.08 -0.66 -19.94
N GLY G 123 30.06 -1.99 -20.02
CA GLY G 123 31.03 -2.70 -20.81
C GLY G 123 30.74 -2.88 -22.31
N ALA G 124 29.59 -2.37 -22.77
CA ALA G 124 29.18 -2.53 -24.18
C ALA G 124 28.31 -1.42 -24.68
N TRP G 125 28.34 -1.19 -25.99
CA TRP G 125 27.48 -0.18 -26.62
C TRP G 125 27.22 -0.58 -28.03
N VAL G 126 26.10 -0.12 -28.59
CA VAL G 126 25.67 -0.52 -29.94
C VAL G 126 25.60 0.69 -30.88
N CYS G 127 26.29 0.61 -32.01
CA CYS G 127 26.20 1.71 -32.98
C CYS G 127 25.24 1.34 -34.06
N ASP G 128 24.86 2.29 -34.89
CA ASP G 128 24.23 1.95 -36.18
C ASP G 128 24.68 2.91 -37.27
N ARG G 129 24.40 2.51 -38.50
CA ARG G 129 24.54 3.42 -39.61
C ARG G 129 23.62 2.90 -40.64
N LEU G 130 23.36 3.69 -41.67
CA LEU G 130 22.57 3.20 -42.77
C LEU G 130 23.40 2.23 -43.62
N ALA G 131 22.86 1.06 -43.90
CA ALA G 131 23.55 0.14 -44.79
C ALA G 131 23.60 0.79 -46.17
N THR G 132 24.54 0.36 -47.01
CA THR G 132 24.61 0.84 -48.39
C THR G 132 23.95 -0.17 -49.38
N CYS G 133 23.59 0.24 -50.60
CA CYS G 133 22.76 -0.61 -51.51
C CYS G 133 23.39 -1.02 -52.85
N THR G 134 22.60 -1.67 -53.70
CA THR G 134 23.10 -2.27 -54.97
C THR G 134 22.18 -2.19 -56.21
N PRO G 135 22.66 -1.46 -57.25
CA PRO G 135 21.82 -1.14 -58.43
C PRO G 135 21.29 -2.38 -59.18
N PRO G 136 20.03 -2.36 -59.65
CA PRO G 136 19.32 -3.56 -60.21
C PRO G 136 19.75 -4.08 -61.61
N ALA G 137 19.85 -5.40 -61.77
CA ALA G 137 20.31 -6.01 -63.03
C ALA G 137 19.64 -7.38 -63.38
N PHE H 3 41.80 69.97 57.87
CA PHE H 3 42.72 69.31 56.90
C PHE H 3 43.18 70.25 55.79
N VAL H 4 44.08 69.74 54.94
CA VAL H 4 44.63 70.40 53.75
C VAL H 4 45.20 69.37 52.79
N CYS H 5 44.72 69.40 51.55
CA CYS H 5 45.03 68.34 50.60
C CYS H 5 45.71 68.87 49.40
N ASN H 6 46.98 68.48 49.28
CA ASN H 6 47.87 68.88 48.19
C ASN H 6 49.09 67.97 48.11
N THR H 7 49.15 66.94 48.94
CA THR H 7 50.23 65.96 48.92
C THR H 7 50.02 64.96 47.78
N CYS H 8 51.10 64.71 47.03
CA CYS H 8 51.14 63.80 45.88
C CYS H 8 52.33 62.85 45.99
N PRO H 9 52.20 61.61 45.52
CA PRO H 9 53.37 60.70 45.42
C PRO H 9 54.31 61.18 44.31
N GLU H 10 55.61 60.89 44.40
CA GLU H 10 56.63 61.49 43.52
C GLU H 10 56.29 61.42 42.01
N LYS H 11 56.72 62.47 41.31
CA LYS H 11 56.54 62.65 39.86
C LYS H 11 55.13 63.08 39.50
N TRP H 12 54.25 63.09 40.48
CA TRP H 12 52.89 63.64 40.33
C TRP H 12 52.86 65.10 40.65
N ILE H 13 52.19 65.85 39.78
CA ILE H 13 51.97 67.31 39.92
C ILE H 13 50.64 67.56 40.62
N ASN H 14 50.61 68.47 41.58
CA ASN H 14 49.36 68.81 42.29
C ASN H 14 48.52 69.92 41.63
N PHE H 15 47.20 69.90 41.88
CA PHE H 15 46.26 71.00 41.54
C PHE H 15 44.96 70.74 42.27
N GLN H 16 44.55 71.79 42.96
CA GLN H 16 43.45 71.71 43.91
C GLN H 16 43.58 70.47 44.84
N ARG H 17 42.55 69.63 44.90
CA ARG H 17 42.62 68.48 45.78
C ARG H 17 43.04 67.22 45.07
N LYS H 18 43.63 67.33 43.87
CA LYS H 18 43.98 66.16 43.10
C LYS H 18 45.46 66.15 42.67
N CYS H 19 45.98 64.95 42.36
CA CYS H 19 47.31 64.77 41.74
C CYS H 19 47.13 64.35 40.26
N TYR H 20 48.09 64.77 39.44
CA TYR H 20 48.02 64.56 37.97
C TYR H 20 49.40 64.08 37.48
N TYR H 21 49.40 63.04 36.66
CA TYR H 21 50.64 62.53 36.05
C TYR H 21 50.52 62.73 34.56
N PHE H 22 51.52 63.31 33.92
CA PHE H 22 51.49 63.53 32.49
C PHE H 22 52.41 62.53 31.83
N GLY H 23 51.89 61.35 31.51
CA GLY H 23 52.68 60.28 30.91
C GLY H 23 52.97 60.55 29.46
N LYS H 24 53.99 59.90 28.93
CA LYS H 24 54.36 60.09 27.53
C LYS H 24 54.73 58.75 26.96
N GLY H 25 54.36 58.50 25.71
CA GLY H 25 54.59 57.20 25.07
C GLY H 25 53.44 56.82 24.16
N THR H 26 53.77 56.21 23.01
CA THR H 26 52.78 55.82 21.98
C THR H 26 51.88 54.73 22.53
N LYS H 27 50.64 55.08 22.82
CA LYS H 27 49.70 54.13 23.41
C LYS H 27 48.33 54.40 22.86
N GLN H 28 47.51 53.37 22.81
CA GLN H 28 46.11 53.56 22.41
C GLN H 28 45.40 54.04 23.64
N TRP H 29 44.13 54.44 23.49
CA TRP H 29 43.30 54.94 24.56
C TRP H 29 43.21 53.95 25.70
N VAL H 30 42.92 52.67 25.39
CA VAL H 30 42.73 51.67 26.44
C VAL H 30 44.05 51.25 27.06
N HIS H 31 45.13 51.31 26.28
CA HIS H 31 46.48 51.07 26.81
C HIS H 31 46.88 52.22 27.69
N ALA H 32 46.41 53.42 27.35
CA ALA H 32 46.59 54.61 28.16
C ALA H 32 45.79 54.49 29.45
N ARG H 33 44.60 53.88 29.38
CA ARG H 33 43.77 53.63 30.59
C ARG H 33 44.48 52.69 31.57
N TYR H 34 45.04 51.60 31.03
CA TYR H 34 45.78 50.60 31.81
C TYR H 34 46.89 51.23 32.60
N ALA H 35 47.64 52.09 31.91
CA ALA H 35 48.80 52.77 32.47
C ALA H 35 48.46 53.44 33.77
N CYS H 36 47.34 54.16 33.77
CA CYS H 36 46.88 54.90 34.93
C CYS H 36 46.49 53.98 36.09
N ASP H 37 45.98 52.79 35.77
CA ASP H 37 45.58 51.83 36.79
C ASP H 37 46.78 51.31 37.52
N ASP H 38 47.84 51.07 36.73
CA ASP H 38 49.07 50.49 37.22
C ASP H 38 49.75 51.51 38.15
N MET H 39 49.49 52.79 37.86
CA MET H 39 49.94 53.92 38.63
C MET H 39 49.00 54.26 39.80
N GLU H 40 48.06 53.36 40.06
CA GLU H 40 47.04 53.61 41.11
C GLU H 40 46.28 54.95 40.98
N GLY H 41 46.07 55.38 39.74
CA GLY H 41 45.17 56.49 39.46
C GLY H 41 44.22 56.05 38.37
N GLN H 42 43.71 57.01 37.62
CA GLN H 42 42.82 56.70 36.51
C GLN H 42 42.99 57.77 35.44
N LEU H 43 42.49 57.51 34.24
CA LEU H 43 42.52 58.55 33.24
C LEU H 43 41.83 59.82 33.76
N VAL H 44 42.33 60.98 33.38
CA VAL H 44 41.87 62.25 33.95
C VAL H 44 40.40 62.56 33.69
N SER H 45 39.74 63.17 34.65
CA SER H 45 38.35 63.56 34.51
C SER H 45 38.20 65.05 34.85
N ILE H 46 37.99 65.83 33.79
CA ILE H 46 37.92 67.28 33.86
C ILE H 46 36.51 67.79 34.21
N HIS H 47 36.41 68.64 35.25
CA HIS H 47 35.11 69.11 35.75
C HIS H 47 35.01 70.61 35.98
N SER H 48 36.14 71.30 35.96
CA SER H 48 36.09 72.74 36.15
C SER H 48 37.00 73.45 35.15
N PRO H 49 36.60 74.66 34.69
CA PRO H 49 37.41 75.41 33.72
C PRO H 49 38.83 75.64 34.19
N GLU H 50 38.99 75.74 35.50
CA GLU H 50 40.30 75.94 36.14
C GLU H 50 41.10 74.66 36.05
N GLU H 51 40.41 73.52 36.22
CA GLU H 51 41.05 72.23 36.15
C GLU H 51 41.60 72.04 34.70
N GLN H 52 40.79 72.38 33.70
CA GLN H 52 41.21 72.36 32.28
C GLN H 52 42.37 73.30 31.99
N ASP H 53 42.28 74.54 32.50
CA ASP H 53 43.33 75.57 32.34
C ASP H 53 44.71 75.10 32.86
N PHE H 54 44.66 74.34 33.94
CA PHE H 54 45.84 73.76 34.49
C PHE H 54 46.46 72.79 33.52
N LEU H 55 45.64 71.88 33.09
CA LEU H 55 46.02 70.82 32.18
C LEU H 55 46.52 71.38 30.83
N THR H 56 45.88 72.42 30.31
CA THR H 56 46.26 73.07 29.04
C THR H 56 47.73 73.49 29.04
N LYS H 57 48.20 73.95 30.20
CA LYS H 57 49.56 74.37 30.31
C LYS H 57 50.55 73.22 30.25
N HIS H 58 50.12 72.02 30.64
CA HIS H 58 51.02 70.88 30.66
C HIS H 58 50.78 69.90 29.55
N ALA H 59 49.75 70.13 28.74
CA ALA H 59 49.40 69.21 27.67
C ALA H 59 50.45 69.21 26.53
N SER H 60 50.88 68.02 26.13
CA SER H 60 51.83 67.82 25.03
C SER H 60 51.23 68.37 23.78
N HIS H 61 52.07 68.90 22.90
CA HIS H 61 51.58 69.42 21.61
C HIS H 61 51.02 68.38 20.70
N THR H 62 51.62 67.20 20.79
CA THR H 62 51.21 66.07 19.98
C THR H 62 49.71 65.71 20.19
N GLY H 63 49.23 66.01 21.41
CA GLY H 63 47.91 65.67 21.85
C GLY H 63 48.02 64.65 22.97
N SER H 64 46.92 64.47 23.68
CA SER H 64 46.90 63.64 24.89
C SER H 64 45.59 62.86 25.00
N TRP H 65 45.68 61.72 25.69
CA TRP H 65 44.49 60.91 26.00
C TRP H 65 43.85 61.34 27.26
N ILE H 66 42.53 61.60 27.20
CA ILE H 66 41.77 61.85 28.41
C ILE H 66 40.79 60.73 28.79
N GLY H 67 40.39 60.66 30.07
CA GLY H 67 39.48 59.63 30.55
C GLY H 67 37.99 59.76 30.19
N LEU H 68 37.70 60.18 28.97
CA LEU H 68 36.32 60.26 28.50
C LEU H 68 36.04 59.35 27.27
N ARG H 69 34.93 58.61 27.33
CA ARG H 69 34.43 57.67 26.28
C ARG H 69 32.94 57.29 26.51
N ASN H 70 32.44 56.23 25.91
CA ASN H 70 31.07 55.75 26.27
C ASN H 70 30.92 54.26 26.31
N LEU H 71 29.91 53.76 27.02
CA LEU H 71 29.70 52.33 26.99
C LEU H 71 29.06 51.82 25.69
N ASP H 72 29.01 52.64 24.65
CA ASP H 72 28.24 52.32 23.43
C ASP H 72 26.77 52.14 23.67
N LEU H 73 26.45 51.27 24.63
CA LEU H 73 25.13 51.11 25.28
C LEU H 73 24.90 52.42 26.06
N LYS H 74 25.06 53.51 25.31
CA LYS H 74 24.90 54.88 25.76
C LYS H 74 24.76 55.68 24.42
N GLY H 75 25.86 56.02 23.75
CA GLY H 75 25.83 57.09 22.73
C GLY H 75 26.26 58.41 23.41
N GLU H 76 26.25 58.36 24.75
CA GLU H 76 26.62 59.48 25.60
C GLU H 76 27.95 59.19 26.30
N PHE H 77 28.87 60.20 26.26
CA PHE H 77 30.21 60.13 26.89
C PHE H 77 30.18 60.18 28.45
N ILE H 78 31.10 59.46 29.07
CA ILE H 78 31.14 59.32 30.52
C ILE H 78 32.61 59.15 30.95
N TRP H 79 32.99 59.84 32.03
CA TRP H 79 34.35 59.81 32.52
C TRP H 79 34.62 58.49 33.16
N VAL H 80 35.88 58.01 33.07
CA VAL H 80 36.26 56.70 33.63
C VAL H 80 36.01 56.59 35.15
N ASP H 81 35.94 57.72 35.86
CA ASP H 81 35.53 57.72 37.25
C ASP H 81 34.02 57.49 37.46
N GLY H 82 33.23 57.47 36.37
CA GLY H 82 31.78 57.22 36.43
C GLY H 82 30.96 58.49 36.28
N SER H 83 31.60 59.65 36.51
CA SER H 83 30.89 60.93 36.43
C SER H 83 30.45 61.25 34.98
N HIS H 84 29.35 61.96 34.84
CA HIS H 84 28.95 62.49 33.54
C HIS H 84 29.66 63.76 33.21
N VAL H 85 29.36 64.26 32.03
CA VAL H 85 29.94 65.49 31.53
C VAL H 85 29.18 66.74 32.08
N ASP H 86 29.73 67.40 33.10
CA ASP H 86 29.21 68.70 33.53
C ASP H 86 29.99 69.81 32.81
N TYR H 87 31.31 69.88 32.97
CA TYR H 87 32.15 70.83 32.23
C TYR H 87 32.62 70.17 30.95
N SER H 88 32.54 70.92 29.82
CA SER H 88 33.02 70.43 28.47
C SER H 88 33.93 71.44 27.80
N ASN H 89 35.00 70.96 27.17
CA ASN H 89 35.89 71.81 26.39
C ASN H 89 36.05 71.29 24.99
N TRP H 90 34.93 71.23 24.25
CA TRP H 90 34.96 70.75 22.88
C TRP H 90 35.53 71.76 21.96
N ALA H 91 36.55 71.39 21.20
CA ALA H 91 36.95 72.10 19.99
C ALA H 91 35.80 72.19 18.99
N PRO H 92 35.78 73.22 18.14
CA PRO H 92 34.63 73.46 17.26
C PRO H 92 34.31 72.28 16.29
N GLY H 93 33.02 72.02 16.12
CA GLY H 93 32.54 70.91 15.30
C GLY H 93 32.77 69.54 15.92
N GLU H 94 33.16 69.56 17.19
CA GLU H 94 33.31 68.35 17.94
C GLU H 94 32.37 68.40 19.17
N PRO H 95 31.90 67.21 19.63
CA PRO H 95 32.22 65.84 19.11
C PRO H 95 31.65 65.57 17.73
N THR H 96 32.49 65.16 16.77
CA THR H 96 32.04 64.64 15.44
C THR H 96 31.32 63.30 15.61
N SER H 97 31.13 62.88 16.86
CA SER H 97 30.55 61.57 17.27
C SER H 97 29.09 61.39 16.88
N ARG H 98 28.58 60.21 17.23
CA ARG H 98 27.35 59.71 16.69
C ARG H 98 27.79 58.85 15.51
N SER H 99 29.08 58.92 15.21
CA SER H 99 29.75 57.96 14.34
C SER H 99 29.54 58.20 12.86
N GLN H 100 30.64 58.18 12.11
CA GLN H 100 32.03 57.95 12.59
C GLN H 100 32.15 56.82 13.59
N GLY H 101 32.70 57.16 14.74
CA GLY H 101 32.93 56.25 15.83
C GLY H 101 33.56 57.22 16.79
N GLU H 102 34.85 57.02 17.03
CA GLU H 102 35.61 58.00 17.84
C GLU H 102 35.05 58.14 19.24
N ASP H 103 34.70 56.99 19.79
CA ASP H 103 34.11 56.84 21.14
C ASP H 103 35.06 57.21 22.26
N CYS H 104 36.28 57.59 21.90
CA CYS H 104 37.29 58.11 22.87
C CYS H 104 37.71 59.55 22.60
N VAL H 105 37.93 60.28 23.67
CA VAL H 105 38.18 61.71 23.54
C VAL H 105 39.60 62.00 23.85
N MET H 106 40.22 62.82 23.00
CA MET H 106 41.57 63.26 23.22
C MET H 106 41.64 64.75 23.48
N MET H 107 42.73 65.20 24.06
CA MET H 107 42.95 66.61 24.26
C MET H 107 44.09 67.11 23.39
N ARG H 108 43.83 68.18 22.64
CA ARG H 108 44.85 68.76 21.79
C ARG H 108 45.96 69.46 22.61
N GLY H 109 46.91 70.03 21.87
CA GLY H 109 47.89 70.93 22.44
C GLY H 109 47.13 72.06 23.11
N SER H 110 46.13 72.57 22.40
CA SER H 110 45.33 73.73 22.80
C SER H 110 44.46 73.56 24.06
N GLY H 111 44.39 72.33 24.56
CA GLY H 111 43.53 71.99 25.69
C GLY H 111 42.10 71.67 25.28
N ARG H 112 41.80 71.89 24.00
CA ARG H 112 40.50 71.58 23.39
C ARG H 112 40.33 70.06 23.24
N TRP H 113 39.09 69.59 23.30
CA TRP H 113 38.80 68.16 23.13
C TRP H 113 38.28 67.84 21.75
N ASN H 114 38.63 66.67 21.24
CA ASN H 114 38.06 66.15 19.97
C ASN H 114 37.90 64.59 20.02
N ASP H 115 36.83 64.06 19.46
CA ASP H 115 36.66 62.63 19.49
C ASP H 115 37.55 62.05 18.41
N ALA H 116 38.40 61.09 18.75
CA ALA H 116 39.24 60.38 17.79
C ALA H 116 39.04 58.88 17.96
N PHE H 117 39.28 58.08 16.92
CA PHE H 117 39.16 56.63 17.05
C PHE H 117 40.09 56.04 18.10
N CYS H 118 39.62 55.00 18.77
CA CYS H 118 40.31 54.49 19.97
C CYS H 118 41.56 53.65 19.67
N ASP H 119 41.64 53.15 18.43
CA ASP H 119 42.77 52.33 17.93
C ASP H 119 43.95 53.20 17.46
N ARG H 120 43.66 54.49 17.25
CA ARG H 120 44.72 55.49 17.00
C ARG H 120 45.70 55.58 18.18
N LYS H 121 46.97 55.76 17.86
CA LYS H 121 47.98 55.83 18.88
C LYS H 121 48.51 57.25 19.07
N LEU H 122 48.49 57.70 20.33
CA LEU H 122 48.91 59.06 20.65
C LEU H 122 50.03 59.03 21.66
N GLY H 123 50.83 60.10 21.67
CA GLY H 123 52.12 60.13 22.39
C GLY H 123 52.10 60.51 23.85
N ALA H 124 50.92 60.83 24.36
CA ALA H 124 50.77 61.32 25.74
C ALA H 124 49.38 60.95 26.30
N TRP H 125 49.28 60.83 27.61
CA TRP H 125 48.03 60.67 28.34
C TRP H 125 48.14 61.27 29.72
N VAL H 126 46.99 61.65 30.25
CA VAL H 126 46.99 62.28 31.56
C VAL H 126 46.25 61.41 32.58
N CYS H 127 46.90 61.12 33.71
CA CYS H 127 46.24 60.39 34.78
C CYS H 127 45.80 61.34 35.86
N ASP H 128 44.86 60.88 36.71
CA ASP H 128 44.56 61.56 37.97
C ASP H 128 44.31 60.65 39.18
N ARG H 129 44.45 61.25 40.36
CA ARG H 129 44.19 60.60 41.61
C ARG H 129 43.97 61.68 42.66
N LEU H 130 43.34 61.28 43.76
CA LEU H 130 43.04 62.20 44.83
C LEU H 130 44.33 62.57 45.56
N ALA H 131 44.56 63.87 45.72
CA ALA H 131 45.66 64.36 46.57
C ALA H 131 45.43 63.89 47.99
N THR H 132 46.56 63.67 48.68
CA THR H 132 46.53 63.29 50.09
C THR H 132 46.66 64.53 50.96
N CYS H 133 46.33 64.43 52.24
CA CYS H 133 46.24 65.66 53.03
C CYS H 133 47.18 65.74 54.25
N THR H 134 47.57 66.98 54.60
CA THR H 134 48.37 67.21 55.83
C THR H 134 47.42 67.58 56.97
N PRO H 135 47.49 66.89 58.11
CA PRO H 135 46.48 66.93 59.17
C PRO H 135 46.01 68.31 59.69
N PHE I 3 46.13 -73.28 -14.93
CA PHE I 3 46.35 -72.31 -13.81
C PHE I 3 45.65 -72.54 -12.46
N VAL I 4 46.34 -73.17 -11.53
CA VAL I 4 45.68 -73.41 -10.24
C VAL I 4 45.76 -72.20 -9.33
N CYS I 5 44.61 -71.81 -8.82
CA CYS I 5 44.51 -70.75 -7.84
C CYS I 5 43.97 -71.23 -6.46
N ASN I 6 44.87 -71.31 -5.49
CA ASN I 6 44.53 -71.70 -4.13
C ASN I 6 45.54 -71.14 -3.17
N THR I 7 46.44 -70.25 -3.63
CA THR I 7 47.42 -69.59 -2.77
C THR I 7 46.80 -68.44 -1.94
N CYS I 8 46.93 -68.50 -0.61
CA CYS I 8 46.38 -67.44 0.31
C CYS I 8 47.48 -66.94 1.21
N PRO I 9 47.41 -65.72 1.64
CA PRO I 9 48.37 -65.25 2.63
C PRO I 9 47.97 -65.75 4.00
N GLU I 10 48.91 -65.64 4.94
CA GLU I 10 48.75 -66.19 6.28
C GLU I 10 47.47 -65.76 7.01
N LYS I 11 46.89 -66.70 7.74
CA LYS I 11 45.62 -66.56 8.46
C LYS I 11 44.41 -66.69 7.56
N TRP I 12 44.65 -66.78 6.25
CA TRP I 12 43.54 -66.91 5.30
C TRP I 12 43.27 -68.34 5.03
N ILE I 13 41.98 -68.68 5.03
CA ILE I 13 41.51 -70.00 4.62
C ILE I 13 41.04 -69.94 3.14
N ASN I 14 41.44 -70.89 2.31
CA ASN I 14 41.07 -70.92 0.88
C ASN I 14 39.74 -71.69 0.66
N PHE I 15 39.33 -71.85 -0.58
CA PHE I 15 38.17 -72.58 -1.05
C PHE I 15 38.00 -72.04 -2.49
N GLN I 16 37.79 -72.92 -3.45
CA GLN I 16 37.82 -72.57 -4.86
C GLN I 16 38.93 -71.50 -5.23
N ARG I 17 38.55 -70.41 -5.88
CA ARG I 17 39.49 -69.42 -6.38
C ARG I 17 39.78 -68.25 -5.44
N LYS I 18 39.29 -68.35 -4.21
CA LYS I 18 39.25 -67.19 -3.32
C LYS I 18 39.83 -67.46 -1.95
N CYS I 19 40.27 -66.41 -1.27
CA CYS I 19 40.73 -66.59 0.08
C CYS I 19 39.72 -66.04 1.05
N TYR I 20 39.62 -66.57 2.27
CA TYR I 20 38.59 -66.12 3.22
C TYR I 20 39.17 -65.94 4.62
N TYR I 21 38.89 -64.82 5.26
CA TYR I 21 39.31 -64.56 6.63
C TYR I 21 38.04 -64.38 7.48
N PHE I 22 37.99 -65.11 8.59
CA PHE I 22 36.83 -65.06 9.47
C PHE I 22 37.13 -64.27 10.73
N GLY I 23 36.97 -62.96 10.64
CA GLY I 23 37.25 -62.03 11.73
C GLY I 23 36.23 -62.07 12.87
N LYS I 24 36.69 -61.75 14.07
CA LYS I 24 35.84 -61.77 15.26
C LYS I 24 36.14 -60.55 16.05
N GLY I 25 35.11 -59.99 16.68
CA GLY I 25 35.20 -58.72 17.41
C GLY I 25 33.95 -57.91 17.19
N THR I 26 33.52 -57.17 18.20
CA THR I 26 32.30 -56.41 18.10
C THR I 26 32.54 -55.28 17.13
N LYS I 27 31.82 -55.33 16.01
CA LYS I 27 31.90 -54.28 15.01
C LYS I 27 30.53 -53.98 14.44
N GLN I 28 30.31 -52.71 14.06
CA GLN I 28 29.21 -52.36 13.18
C GLN I 28 29.48 -52.82 11.74
N TRP I 29 28.49 -52.65 10.90
CA TRP I 29 28.67 -53.15 9.53
C TRP I 29 29.74 -52.40 8.83
N VAL I 30 29.75 -51.07 8.99
CA VAL I 30 30.71 -50.33 8.25
C VAL I 30 32.09 -50.50 8.81
N HIS I 31 32.13 -50.71 10.09
CA HIS I 31 33.39 -50.94 10.71
C HIS I 31 33.92 -52.32 10.27
N ALA I 32 33.01 -53.28 10.09
CA ALA I 32 33.45 -54.57 9.57
C ALA I 32 33.97 -54.44 8.10
N ARG I 33 33.48 -53.43 7.39
CA ARG I 33 33.97 -53.13 6.04
C ARG I 33 35.38 -52.63 6.09
N TYR I 34 35.62 -51.68 6.97
CA TYR I 34 36.93 -51.10 7.08
C TYR I 34 37.95 -52.16 7.40
N ALA I 35 37.57 -53.11 8.27
CA ALA I 35 38.47 -54.19 8.66
C ALA I 35 39.02 -54.89 7.46
N CYS I 36 38.13 -55.28 6.56
CA CYS I 36 38.54 -56.05 5.42
C CYS I 36 39.44 -55.23 4.49
N ASP I 37 39.28 -53.90 4.46
CA ASP I 37 40.05 -53.06 3.54
C ASP I 37 41.45 -52.99 4.00
N ASP I 38 41.59 -52.93 5.32
CA ASP I 38 42.86 -52.79 5.95
C ASP I 38 43.69 -54.04 5.72
N MET I 39 42.99 -55.18 5.58
CA MET I 39 43.55 -56.49 5.26
C MET I 39 43.62 -56.69 3.77
N GLU I 40 43.46 -55.62 3.00
CA GLU I 40 43.39 -55.64 1.55
C GLU I 40 42.46 -56.71 0.95
N GLY I 41 41.38 -57.00 1.68
CA GLY I 41 40.31 -57.84 1.22
C GLY I 41 39.06 -56.99 1.22
N GLN I 42 37.93 -57.63 1.14
CA GLN I 42 36.68 -56.89 1.17
C GLN I 42 35.69 -57.84 1.76
N LEU I 43 34.52 -57.28 2.14
CA LEU I 43 33.44 -58.15 2.64
C LEU I 43 33.08 -59.24 1.61
N VAL I 44 32.79 -60.40 2.13
CA VAL I 44 32.57 -61.59 1.29
C VAL I 44 31.41 -61.43 0.36
N SER I 45 31.52 -61.96 -0.81
CA SER I 45 30.43 -61.86 -1.77
C SER I 45 30.04 -63.25 -2.28
N ILE I 46 28.92 -63.75 -1.78
CA ILE I 46 28.57 -65.17 -1.95
C ILE I 46 27.79 -65.35 -3.27
N HIS I 47 28.22 -66.30 -4.10
CA HIS I 47 27.63 -66.41 -5.43
C HIS I 47 27.25 -67.80 -5.86
N SER I 48 27.67 -68.80 -5.10
CA SER I 48 27.33 -70.20 -5.39
C SER I 48 26.92 -70.93 -4.09
N PRO I 49 26.00 -71.88 -4.20
CA PRO I 49 25.56 -72.61 -3.02
C PRO I 49 26.74 -73.31 -2.32
N GLU I 50 27.74 -73.70 -3.11
CA GLU I 50 28.92 -74.35 -2.54
C GLU I 50 29.71 -73.34 -1.70
N GLU I 51 29.83 -72.13 -2.23
CA GLU I 51 30.48 -71.05 -1.52
C GLU I 51 29.80 -70.87 -0.17
N GLN I 52 28.47 -70.80 -0.21
CA GLN I 52 27.67 -70.64 1.00
C GLN I 52 27.89 -71.80 1.98
N ASP I 53 27.84 -73.01 1.46
CA ASP I 53 28.06 -74.17 2.28
C ASP I 53 29.35 -74.07 3.05
N PHE I 54 30.38 -73.57 2.38
CA PHE I 54 31.70 -73.49 2.96
C PHE I 54 31.70 -72.60 4.17
N LEU I 55 31.14 -71.44 3.97
CA LEU I 55 31.02 -70.42 4.98
C LEU I 55 30.19 -70.88 6.16
N THR I 56 29.06 -71.53 5.89
CA THR I 56 28.17 -72.06 6.93
C THR I 56 28.92 -72.89 7.95
N LYS I 57 29.91 -73.63 7.47
CA LYS I 57 30.71 -74.48 8.33
C LYS I 57 31.67 -73.72 9.26
N HIS I 58 31.99 -72.49 8.88
CA HIS I 58 32.88 -71.64 9.68
C HIS I 58 32.18 -70.44 10.26
N ALA I 59 30.88 -70.30 10.00
CA ALA I 59 30.11 -69.12 10.45
C ALA I 59 29.85 -69.13 11.94
N SER I 60 30.17 -68.02 12.59
CA SER I 60 30.03 -67.89 14.02
C SER I 60 28.55 -67.94 14.35
N HIS I 61 28.22 -68.50 15.51
CA HIS I 61 26.81 -68.65 15.91
C HIS I 61 26.15 -67.39 16.31
N THR I 62 26.96 -66.44 16.82
CA THR I 62 26.46 -65.09 17.21
C THR I 62 25.89 -64.33 16.02
N GLY I 63 26.44 -64.61 14.83
CA GLY I 63 26.06 -63.95 13.60
C GLY I 63 27.26 -63.25 12.99
N SER I 64 27.28 -63.14 11.65
CA SER I 64 28.43 -62.57 10.91
C SER I 64 27.97 -61.52 9.91
N TRP I 65 28.84 -60.52 9.67
CA TRP I 65 28.56 -59.42 8.70
C TRP I 65 29.04 -59.80 7.34
N ILE I 66 28.19 -59.81 6.33
CA ILE I 66 28.65 -60.16 4.98
C ILE I 66 28.60 -58.98 4.00
N GLY I 67 29.28 -59.14 2.86
CA GLY I 67 29.46 -58.07 1.87
C GLY I 67 28.29 -57.49 1.10
N LEU I 68 27.07 -57.52 1.66
CA LEU I 68 25.83 -57.16 0.95
C LEU I 68 25.09 -56.09 1.66
N ARG I 69 24.64 -55.07 0.88
CA ARG I 69 23.95 -53.87 1.42
C ARG I 69 23.39 -53.02 0.26
N ASN I 70 22.98 -51.76 0.48
CA ASN I 70 22.52 -51.01 -0.67
C ASN I 70 22.96 -49.57 -0.74
N LEU I 71 23.22 -48.89 -1.87
CA LEU I 71 23.38 -47.41 -1.65
C LEU I 71 22.06 -46.74 -1.58
N ASP I 72 21.22 -47.08 -0.63
CA ASP I 72 19.98 -46.36 -0.51
C ASP I 72 19.52 -45.78 -1.82
N LEU I 73 20.38 -45.00 -2.49
CA LEU I 73 20.24 -44.58 -3.93
C LEU I 73 20.26 -45.83 -4.75
N LYS I 74 19.49 -46.78 -4.27
CA LYS I 74 19.40 -48.11 -4.77
C LYS I 74 18.01 -48.60 -4.26
N GLY I 75 17.93 -49.07 -3.02
CA GLY I 75 16.76 -49.80 -2.57
C GLY I 75 16.96 -51.25 -2.99
N GLU I 76 17.89 -51.46 -3.93
CA GLU I 76 18.33 -52.78 -4.29
C GLU I 76 19.70 -53.14 -3.68
N PHE I 77 19.79 -54.33 -3.07
CA PHE I 77 21.03 -54.80 -2.45
C PHE I 77 22.12 -55.01 -3.46
N ILE I 78 23.38 -54.90 -3.06
CA ILE I 78 24.52 -55.09 -3.98
C ILE I 78 25.73 -55.51 -3.17
N TRP I 79 26.48 -56.50 -3.65
CA TRP I 79 27.72 -56.92 -2.99
C TRP I 79 28.77 -55.87 -3.11
N VAL I 80 29.66 -55.77 -2.12
CA VAL I 80 30.70 -54.71 -2.09
C VAL I 80 31.63 -54.78 -3.31
N ASP I 81 31.83 -55.97 -3.86
CA ASP I 81 32.62 -56.08 -5.08
C ASP I 81 31.86 -55.57 -6.32
N GLY I 82 30.62 -55.20 -6.18
CA GLY I 82 29.94 -54.57 -7.29
C GLY I 82 28.86 -55.45 -7.83
N SER I 83 28.97 -56.74 -7.64
CA SER I 83 28.07 -57.66 -8.30
C SER I 83 26.67 -57.55 -7.74
N HIS I 84 25.67 -57.89 -8.56
CA HIS I 84 24.32 -58.05 -8.06
C HIS I 84 24.14 -59.40 -7.43
N VAL I 85 22.92 -59.62 -6.95
CA VAL I 85 22.62 -60.85 -6.24
C VAL I 85 22.12 -61.91 -7.22
N ASP I 86 22.95 -62.90 -7.50
CA ASP I 86 22.51 -64.03 -8.30
C ASP I 86 22.03 -65.14 -7.39
N TYR I 87 22.97 -65.72 -6.65
CA TYR I 87 22.64 -66.67 -5.62
C TYR I 87 22.18 -65.92 -4.35
N SER I 88 21.10 -66.40 -3.75
CA SER I 88 20.58 -65.84 -2.54
C SER I 88 20.34 -66.93 -1.49
N ASN I 89 20.60 -66.62 -0.22
CA ASN I 89 20.33 -67.52 0.89
C ASN I 89 19.54 -66.84 2.01
N TRP I 90 18.35 -66.37 1.65
CA TRP I 90 17.46 -65.66 2.58
C TRP I 90 16.77 -66.51 3.55
N ALA I 91 16.95 -66.23 4.83
CA ALA I 91 16.13 -66.87 5.86
C ALA I 91 14.66 -66.45 5.67
N PRO I 92 13.71 -67.31 6.10
CA PRO I 92 12.29 -67.09 5.86
C PRO I 92 11.80 -65.71 6.28
N GLY I 93 11.02 -65.04 5.41
CA GLY I 93 10.44 -63.72 5.69
C GLY I 93 11.43 -62.56 5.58
N GLU I 94 12.60 -62.89 5.07
CA GLU I 94 13.64 -61.90 4.83
C GLU I 94 13.99 -61.91 3.34
N PRO I 95 14.39 -60.75 2.77
CA PRO I 95 14.59 -59.46 3.45
C PRO I 95 13.28 -58.78 3.98
N THR I 96 13.23 -58.47 5.28
CA THR I 96 12.13 -57.65 5.87
C THR I 96 12.23 -56.20 5.35
N SER I 97 13.14 -56.00 4.41
CA SER I 97 13.57 -54.69 3.87
C SER I 97 12.58 -53.99 2.95
N ARG I 98 13.02 -52.79 2.57
CA ARG I 98 12.14 -51.76 1.99
C ARG I 98 11.60 -50.83 3.06
N SER I 99 12.09 -51.18 4.22
CA SER I 99 11.94 -50.35 5.39
C SER I 99 10.71 -50.66 6.16
N GLN I 100 10.88 -50.83 7.47
CA GLN I 100 12.15 -51.00 8.11
C GLN I 100 13.25 -50.10 7.59
N GLY I 101 14.41 -50.70 7.42
CA GLY I 101 15.60 -50.14 6.86
C GLY I 101 16.37 -51.44 6.74
N GLU I 102 17.35 -51.66 7.61
CA GLU I 102 18.14 -52.89 7.64
C GLU I 102 18.86 -53.10 6.30
N ASP I 103 19.37 -52.00 5.78
CA ASP I 103 20.02 -51.95 4.49
C ASP I 103 21.28 -52.82 4.41
N CYS I 104 21.64 -53.47 5.53
CA CYS I 104 22.77 -54.41 5.60
C CYS I 104 22.34 -55.82 5.82
N VAL I 105 23.18 -56.72 5.30
CA VAL I 105 22.96 -58.15 5.44
C VAL I 105 23.97 -58.80 6.38
N MET I 106 23.43 -59.55 7.34
CA MET I 106 24.19 -60.43 8.20
C MET I 106 23.84 -61.90 7.95
N MET I 107 24.78 -62.79 8.28
CA MET I 107 24.60 -64.23 8.20
C MET I 107 24.53 -64.88 9.60
N ARG I 108 23.45 -65.61 9.85
CA ARG I 108 23.25 -66.26 11.14
C ARG I 108 24.25 -67.39 11.32
N GLY I 109 24.16 -68.10 12.45
CA GLY I 109 24.98 -69.29 12.62
C GLY I 109 24.69 -70.31 11.54
N SER I 110 23.40 -70.39 11.21
CA SER I 110 22.86 -71.35 10.24
C SER I 110 23.33 -71.11 8.80
N GLY I 111 23.95 -69.96 8.55
CA GLY I 111 24.35 -69.58 7.20
C GLY I 111 23.25 -68.82 6.47
N ARG I 112 22.06 -68.77 7.06
CA ARG I 112 20.95 -68.02 6.47
C ARG I 112 21.14 -66.53 6.62
N TRP I 113 20.58 -65.78 5.67
CA TRP I 113 20.70 -64.32 5.65
C TRP I 113 19.46 -63.62 6.20
N ASN I 114 19.68 -62.54 6.95
CA ASN I 114 18.60 -61.63 7.40
C ASN I 114 19.05 -60.15 7.36
N ASP I 115 18.13 -59.26 6.99
CA ASP I 115 18.47 -57.88 7.04
C ASP I 115 18.37 -57.40 8.49
N ALA I 116 19.46 -56.74 8.89
CA ALA I 116 19.58 -56.13 10.19
C ALA I 116 20.06 -54.68 9.98
N PHE I 117 19.71 -53.79 10.92
CA PHE I 117 20.20 -52.41 10.84
C PHE I 117 21.72 -52.34 10.99
N CYS I 118 22.29 -51.35 10.32
CA CYS I 118 23.73 -51.28 10.10
C CYS I 118 24.53 -50.76 11.27
N ASP I 119 23.85 -50.03 12.14
CA ASP I 119 24.39 -49.49 13.42
C ASP I 119 24.36 -50.59 14.50
N ARG I 120 23.61 -51.66 14.25
CA ARG I 120 23.67 -52.84 15.08
C ARG I 120 25.09 -53.46 15.06
N LYS I 121 25.53 -53.93 16.23
CA LYS I 121 26.91 -54.43 16.38
C LYS I 121 26.94 -55.95 16.49
N LEU I 122 27.79 -56.56 15.68
CA LEU I 122 27.89 -57.99 15.69
C LEU I 122 29.31 -58.45 16.07
N GLY I 123 29.43 -59.69 16.57
CA GLY I 123 30.69 -60.27 17.02
C GLY I 123 31.59 -60.86 15.95
N ALA I 124 31.13 -60.94 14.71
CA ALA I 124 31.93 -61.56 13.64
C ALA I 124 31.65 -60.97 12.26
N TRP I 125 32.59 -61.15 11.35
CA TRP I 125 32.41 -60.73 9.98
C TRP I 125 33.35 -61.46 9.13
N VAL I 126 33.05 -61.59 7.82
CA VAL I 126 33.83 -62.44 6.89
C VAL I 126 34.32 -61.66 5.68
N CYS I 127 35.63 -61.76 5.43
CA CYS I 127 36.22 -61.07 4.29
C CYS I 127 36.56 -62.04 3.18
N ASP I 128 36.87 -61.54 1.99
CA ASP I 128 37.45 -62.33 0.91
C ASP I 128 38.42 -61.53 0.04
N ARG I 129 39.22 -62.23 -0.72
CA ARG I 129 40.07 -61.64 -1.76
C ARG I 129 40.29 -62.75 -2.75
N LEU I 130 40.81 -62.42 -3.92
CA LEU I 130 41.00 -63.50 -4.92
C LEU I 130 42.25 -64.24 -4.58
N ALA I 131 42.17 -65.56 -4.46
CA ALA I 131 43.34 -66.28 -4.22
C ALA I 131 44.35 -66.03 -5.36
N THR I 132 45.64 -66.22 -5.07
CA THR I 132 46.70 -66.18 -6.07
C THR I 132 47.06 -67.57 -6.61
N CYS I 133 47.72 -67.61 -7.78
CA CYS I 133 47.84 -68.86 -8.55
C CYS I 133 49.27 -69.32 -8.84
N THR I 134 49.39 -70.38 -9.66
CA THR I 134 50.70 -70.97 -9.99
C THR I 134 50.77 -71.49 -11.44
N PRO I 135 51.80 -71.06 -12.19
CA PRO I 135 51.82 -71.25 -13.64
C PRO I 135 52.24 -72.62 -14.14
N PRO I 136 51.51 -73.15 -15.13
CA PRO I 136 51.93 -74.43 -15.71
C PRO I 136 53.43 -74.53 -15.96
N PHE J 3 -28.44 25.68 43.74
CA PHE J 3 -27.49 24.69 43.10
C PHE J 3 -26.57 25.26 42.02
N VAL J 4 -25.28 25.44 42.39
CA VAL J 4 -24.19 26.00 41.53
C VAL J 4 -22.93 25.14 41.71
N CYS J 5 -22.25 24.82 40.59
CA CYS J 5 -21.17 23.84 40.59
C CYS J 5 -19.83 24.40 40.18
N ASN J 6 -18.91 24.40 41.16
CA ASN J 6 -17.52 24.92 41.02
C ASN J 6 -16.61 24.50 42.20
N THR J 7 -17.10 23.58 43.02
CA THR J 7 -16.35 23.12 44.21
C THR J 7 -15.46 21.96 43.81
N CYS J 8 -14.19 22.02 44.21
CA CYS J 8 -13.15 21.02 43.86
C CYS J 8 -12.41 20.59 45.08
N PRO J 9 -12.05 19.32 45.17
CA PRO J 9 -11.23 18.87 46.29
C PRO J 9 -9.82 19.42 46.12
N GLU J 10 -9.04 19.44 47.20
CA GLU J 10 -7.80 20.22 47.31
C GLU J 10 -6.79 19.94 46.20
N LYS J 11 -6.09 20.98 45.74
CA LYS J 11 -5.08 20.91 44.65
C LYS J 11 -5.71 20.84 43.26
N TRP J 12 -7.04 20.67 43.22
CA TRP J 12 -7.79 20.59 41.95
C TRP J 12 -8.20 21.96 41.51
N ILE J 13 -7.90 22.27 40.24
CA ILE J 13 -8.26 23.56 39.67
C ILE J 13 -9.65 23.42 39.03
N ASN J 14 -10.54 24.43 39.22
CA ASN J 14 -11.89 24.42 38.62
C ASN J 14 -11.96 25.02 37.17
N PHE J 15 -12.95 24.60 36.38
CA PHE J 15 -13.35 25.28 35.16
C PHE J 15 -14.74 24.75 34.76
N GLN J 16 -15.66 25.69 34.54
CA GLN J 16 -17.06 25.40 34.32
C GLN J 16 -17.60 24.38 35.34
N ARG J 17 -18.14 23.23 34.91
CA ARG J 17 -18.72 22.31 35.92
C ARG J 17 -17.82 21.17 36.37
N LYS J 18 -16.54 21.33 36.05
CA LYS J 18 -15.55 20.26 36.27
C LYS J 18 -14.32 20.69 37.04
N CYS J 19 -13.65 19.69 37.60
CA CYS J 19 -12.35 19.88 38.28
C CYS J 19 -11.20 19.24 37.45
N TYR J 20 -10.06 19.90 37.48
CA TYR J 20 -8.90 19.53 36.66
C TYR J 20 -7.61 19.42 37.49
N TYR J 21 -6.95 18.27 37.42
CA TYR J 21 -5.65 18.03 38.07
C TYR J 21 -4.53 17.88 37.07
N PHE J 22 -3.52 18.74 37.17
CA PHE J 22 -2.43 18.72 36.25
C PHE J 22 -1.23 18.01 36.85
N GLY J 23 -1.24 16.70 36.68
CA GLY J 23 -0.19 15.83 37.19
C GLY J 23 1.09 16.02 36.42
N LYS J 24 2.21 15.78 37.10
CA LYS J 24 3.50 15.83 36.45
C LYS J 24 4.32 14.64 36.93
N GLY J 25 5.17 14.13 36.03
CA GLY J 25 5.94 12.90 36.24
C GLY J 25 5.93 12.02 34.99
N THR J 26 7.04 11.35 34.75
CA THR J 26 7.19 10.52 33.62
C THR J 26 6.25 9.33 33.77
N LYS J 27 5.24 9.27 32.90
CA LYS J 27 4.32 8.14 32.88
C LYS J 27 4.00 7.75 31.43
N GLN J 28 3.81 6.45 31.16
CA GLN J 28 3.22 6.01 29.88
C GLN J 28 1.76 6.37 29.90
N TRP J 29 1.11 6.21 28.74
CA TRP J 29 -0.28 6.61 28.68
C TRP J 29 -1.12 5.84 29.68
N VAL J 30 -0.90 4.54 29.78
CA VAL J 30 -1.74 3.70 30.66
C VAL J 30 -1.45 3.96 32.14
N HIS J 31 -0.20 4.30 32.40
CA HIS J 31 0.19 4.69 33.72
C HIS J 31 -0.36 6.06 34.08
N ALA J 32 -0.49 6.91 33.06
CA ALA J 32 -1.18 8.18 33.17
C ALA J 32 -2.67 7.98 33.44
N ARG J 33 -3.25 6.95 32.83
CA ARG J 33 -4.63 6.62 33.13
C ARG J 33 -4.79 6.20 34.62
N TYR J 34 -3.88 5.34 35.11
CA TYR J 34 -3.94 4.83 36.48
C TYR J 34 -3.94 5.98 37.50
N ALA J 35 -3.04 6.93 37.26
CA ALA J 35 -2.85 8.09 38.10
C ALA J 35 -4.13 8.74 38.42
N CYS J 36 -4.94 8.95 37.41
CA CYS J 36 -6.19 9.61 37.57
C CYS J 36 -7.20 8.77 38.35
N ASP J 37 -7.12 7.45 38.33
CA ASP J 37 -8.12 6.62 39.08
C ASP J 37 -7.84 6.69 40.56
N ASP J 38 -6.55 6.71 40.87
CA ASP J 38 -6.11 6.73 42.25
C ASP J 38 -6.48 8.03 42.86
N MET J 39 -6.59 9.08 42.03
CA MET J 39 -7.10 10.42 42.41
C MET J 39 -8.61 10.54 42.34
N GLU J 40 -9.25 9.39 42.12
CA GLU J 40 -10.68 9.27 41.94
C GLU J 40 -11.18 10.14 40.80
N GLY J 41 -10.42 10.21 39.72
CA GLY J 41 -10.69 11.11 38.58
C GLY J 41 -10.60 10.28 37.35
N GLN J 42 -10.49 10.90 36.21
CA GLN J 42 -10.21 10.14 34.99
C GLN J 42 -9.40 11.01 34.08
N LEU J 43 -8.78 10.41 33.07
CA LEU J 43 -8.09 11.26 32.12
C LEU J 43 -9.04 12.30 31.52
N VAL J 44 -8.51 13.48 31.23
CA VAL J 44 -9.36 14.53 30.74
C VAL J 44 -10.11 14.24 29.40
N SER J 45 -11.35 14.72 29.32
CA SER J 45 -12.21 14.60 28.11
C SER J 45 -12.74 15.98 27.66
N ILE J 46 -12.08 16.53 26.65
CA ILE J 46 -12.34 17.87 26.06
C ILE J 46 -13.51 17.90 25.03
N HIS J 47 -14.42 18.83 25.30
CA HIS J 47 -15.67 18.90 24.49
C HIS J 47 -16.03 20.28 23.95
N SER J 48 -15.36 21.31 24.45
CA SER J 48 -15.64 22.66 24.02
C SER J 48 -14.37 23.49 23.84
N PRO J 49 -14.36 24.38 22.84
CA PRO J 49 -13.14 25.15 22.59
C PRO J 49 -12.71 25.92 23.84
N GLU J 50 -13.68 26.26 24.69
CA GLU J 50 -13.41 27.00 25.92
C GLU J 50 -12.67 26.10 26.88
N GLU J 51 -13.12 24.85 26.95
CA GLU J 51 -12.47 23.88 27.79
C GLU J 51 -11.01 23.74 27.35
N GLN J 52 -10.78 23.61 26.03
CA GLN J 52 -9.41 23.50 25.49
C GLN J 52 -8.55 24.72 25.80
N ASP J 53 -9.13 25.92 25.67
CA ASP J 53 -8.46 27.18 25.97
C ASP J 53 -7.94 27.20 27.38
N PHE J 54 -8.77 26.76 28.31
CA PHE J 54 -8.40 26.71 29.71
C PHE J 54 -7.20 25.79 29.94
N LEU J 55 -7.30 24.61 29.32
CA LEU J 55 -6.27 23.59 29.44
C LEU J 55 -4.94 23.98 28.76
N THR J 56 -5.04 24.61 27.58
CA THR J 56 -3.87 25.09 26.85
C THR J 56 -2.98 25.94 27.78
N LYS J 57 -3.60 26.72 28.67
CA LYS J 57 -2.89 27.61 29.57
C LYS J 57 -2.25 26.92 30.77
N HIS J 58 -2.65 25.68 31.07
CA HIS J 58 -2.00 24.90 32.13
C HIS J 58 -1.25 23.65 31.62
N ALA J 59 -1.26 23.46 30.30
CA ALA J 59 -0.53 22.35 29.67
C ALA J 59 0.96 22.49 29.72
N SER J 60 1.62 21.48 30.28
CA SER J 60 3.08 21.40 30.34
C SER J 60 3.63 21.47 28.94
N HIS J 61 4.75 22.16 28.79
CA HIS J 61 5.31 22.40 27.47
C HIS J 61 5.98 21.17 26.91
N THR J 62 6.43 20.29 27.80
CA THR J 62 6.97 18.95 27.41
C THR J 62 5.92 18.11 26.69
N GLY J 63 4.66 18.32 27.06
CA GLY J 63 3.54 17.55 26.54
C GLY J 63 2.76 16.92 27.67
N SER J 64 1.46 16.75 27.49
CA SER J 64 0.61 16.09 28.49
C SER J 64 -0.25 15.01 27.84
N TRP J 65 -0.54 13.93 28.59
CA TRP J 65 -1.43 12.83 28.16
C TRP J 65 -2.89 13.24 28.40
N ILE J 66 -3.71 12.98 27.39
CA ILE J 66 -5.18 13.19 27.55
C ILE J 66 -5.95 11.86 27.52
N GLY J 67 -7.18 11.89 28.03
CA GLY J 67 -7.99 10.66 28.03
C GLY J 67 -8.57 10.14 26.69
N LEU J 68 -7.80 10.31 25.63
CA LEU J 68 -8.25 9.95 24.31
C LEU J 68 -7.38 8.84 23.66
N ARG J 69 -8.06 7.76 23.22
CA ARG J 69 -7.45 6.51 22.71
C ARG J 69 -8.56 5.68 22.05
N ASN J 70 -8.27 4.44 21.62
CA ASN J 70 -9.40 3.58 21.11
C ASN J 70 -9.35 2.20 21.63
N LEU J 71 -10.48 1.51 21.58
CA LEU J 71 -10.43 0.10 21.94
C LEU J 71 -9.91 -0.81 20.81
N ASP J 72 -9.31 -0.24 19.75
CA ASP J 72 -8.82 -0.98 18.54
C ASP J 72 -9.94 -1.60 17.77
N LEU J 73 -10.76 -2.37 18.49
CA LEU J 73 -12.02 -2.96 18.04
C LEU J 73 -12.98 -1.78 17.93
N LYS J 74 -12.43 -0.84 17.15
CA LYS J 74 -12.83 0.52 16.88
C LYS J 74 -11.67 0.81 15.91
N GLY J 75 -11.38 2.02 15.56
CA GLY J 75 -10.17 2.33 14.81
C GLY J 75 -10.41 3.79 14.96
N GLU J 76 -11.47 4.10 15.74
CA GLU J 76 -11.93 5.44 16.09
C GLU J 76 -11.58 5.76 17.54
N PHE J 77 -11.04 6.95 17.79
CA PHE J 77 -10.75 7.42 19.16
C PHE J 77 -11.98 7.60 20.00
N ILE J 78 -11.86 7.40 21.29
CA ILE J 78 -12.98 7.59 22.21
C ILE J 78 -12.44 8.04 23.51
N TRP J 79 -13.08 9.03 24.13
CA TRP J 79 -12.69 9.58 25.43
C TRP J 79 -12.87 8.61 26.53
N VAL J 80 -12.05 8.69 27.58
CA VAL J 80 -12.11 7.68 28.69
C VAL J 80 -13.43 7.62 29.41
N ASP J 81 -14.21 8.69 29.36
CA ASP J 81 -15.55 8.69 29.92
C ASP J 81 -16.54 7.96 29.07
N GLY J 82 -16.26 7.67 27.81
CA GLY J 82 -17.22 6.91 26.98
C GLY J 82 -17.69 7.69 25.79
N SER J 83 -17.68 9.01 25.89
CA SER J 83 -18.12 9.92 24.83
C SER J 83 -17.31 9.84 23.50
N HIS J 84 -17.99 10.10 22.36
CA HIS J 84 -17.38 10.35 21.05
C HIS J 84 -16.67 11.68 20.97
N VAL J 85 -15.99 11.92 19.87
CA VAL J 85 -15.28 13.19 19.69
C VAL J 85 -16.10 14.18 18.86
N ASP J 86 -16.66 15.15 19.54
CA ASP J 86 -17.44 16.27 18.95
C ASP J 86 -16.46 17.41 18.71
N TYR J 87 -15.88 17.95 19.79
CA TYR J 87 -14.82 18.97 19.65
C TYR J 87 -13.47 18.36 19.47
N SER J 88 -12.76 18.86 18.47
CA SER J 88 -11.42 18.36 18.16
C SER J 88 -10.44 19.52 18.15
N ASN J 89 -9.22 19.22 18.62
CA ASN J 89 -8.12 20.14 18.49
C ASN J 89 -6.90 19.43 17.95
N TRP J 90 -7.02 18.86 16.76
CA TRP J 90 -5.92 18.20 16.11
C TRP J 90 -4.87 19.15 15.61
N ALA J 91 -3.61 18.84 15.95
CA ALA J 91 -2.50 19.51 15.31
C ALA J 91 -2.43 19.05 13.84
N PRO J 92 -1.81 19.87 12.95
CA PRO J 92 -1.74 19.60 11.50
C PRO J 92 -1.27 18.20 11.10
N GLY J 93 -2.05 17.55 10.22
CA GLY J 93 -1.79 16.19 9.72
C GLY J 93 -1.90 15.11 10.77
N GLU J 94 -2.57 15.48 11.84
CA GLU J 94 -2.94 14.52 12.86
C GLU J 94 -4.47 14.45 12.93
N PRO J 95 -5.01 13.28 13.32
CA PRO J 95 -4.31 12.07 13.73
C PRO J 95 -3.55 11.33 12.58
N THR J 96 -2.26 11.04 12.82
CA THR J 96 -1.44 10.22 11.93
C THR J 96 -1.82 8.75 12.11
N SER J 97 -2.96 8.55 12.80
CA SER J 97 -3.50 7.23 13.09
C SER J 97 -4.03 6.49 11.85
N ARG J 98 -4.57 5.28 12.07
CA ARG J 98 -4.81 4.31 10.98
C ARG J 98 -3.63 3.39 10.88
N SER J 99 -2.62 3.82 11.64
CA SER J 99 -1.40 3.12 11.93
C SER J 99 -0.43 3.22 10.79
N GLN J 100 0.84 3.48 11.10
CA GLN J 100 1.33 3.73 12.47
C GLN J 100 0.70 2.88 13.52
N GLY J 101 0.16 3.55 14.50
CA GLY J 101 -0.43 2.95 15.64
C GLY J 101 -0.75 4.22 16.34
N GLU J 102 -0.01 4.52 17.42
CA GLU J 102 -0.23 5.77 18.11
C GLU J 102 -1.70 5.87 18.49
N ASP J 103 -2.22 4.76 18.98
CA ASP J 103 -3.57 4.63 19.41
C ASP J 103 -3.84 5.47 20.64
N CYS J 104 -2.85 6.25 21.12
CA CYS J 104 -2.99 7.22 22.25
C CYS J 104 -2.74 8.68 21.84
N VAL J 105 -3.58 9.59 22.36
CA VAL J 105 -3.50 11.01 22.08
C VAL J 105 -2.96 11.85 23.28
N MET J 106 -1.99 12.69 22.92
CA MET J 106 -1.35 13.66 23.81
C MET J 106 -1.62 15.10 23.35
N MET J 107 -1.44 16.01 24.29
CA MET J 107 -1.58 17.44 24.04
C MET J 107 -0.23 18.13 24.21
N ARG J 108 0.16 18.86 23.18
CA ARG J 108 1.45 19.54 23.16
C ARG J 108 1.43 20.74 24.11
N GLY J 109 2.53 21.51 24.16
CA GLY J 109 2.55 22.76 24.90
C GLY J 109 1.51 23.69 24.35
N SER J 110 1.36 23.66 23.02
CA SER J 110 0.44 24.51 22.26
C SER J 110 -1.06 24.23 22.47
N GLY J 111 -1.37 23.13 23.13
CA GLY J 111 -2.78 22.69 23.32
C GLY J 111 -3.28 21.76 22.23
N ARG J 112 -2.48 21.69 21.19
CA ARG J 112 -2.80 20.91 20.04
C ARG J 112 -2.62 19.40 20.35
N TRP J 113 -3.40 18.55 19.68
CA TRP J 113 -3.39 17.08 19.90
C TRP J 113 -2.60 16.43 18.82
N ASN J 114 -1.89 15.35 19.19
CA ASN J 114 -1.24 14.44 18.25
C ASN J 114 -1.25 12.96 18.75
N ASP J 115 -1.43 12.01 17.83
CA ASP J 115 -1.32 10.58 18.14
C ASP J 115 0.20 10.18 18.24
N ALA J 116 0.61 9.71 19.42
CA ALA J 116 1.96 9.11 19.65
C ALA J 116 1.76 7.72 20.28
N PHE J 117 2.74 6.85 20.15
CA PHE J 117 2.65 5.47 20.65
C PHE J 117 2.42 5.37 22.14
N CYS J 118 1.75 4.29 22.54
CA CYS J 118 1.23 4.20 23.90
C CYS J 118 2.27 3.88 24.98
N ASP J 119 3.34 3.22 24.52
CA ASP J 119 4.48 2.89 25.35
C ASP J 119 5.39 4.09 25.58
N ARG J 120 5.17 5.17 24.81
CA ARG J 120 5.93 6.40 24.96
C ARG J 120 5.72 7.07 26.31
N LYS J 121 6.77 7.69 26.83
CA LYS J 121 6.75 8.25 28.16
C LYS J 121 6.76 9.82 28.20
N LEU J 122 5.75 10.43 28.84
CA LEU J 122 5.61 11.90 28.88
C LEU J 122 5.56 12.44 30.28
N GLY J 123 6.01 13.68 30.41
CA GLY J 123 6.23 14.29 31.72
C GLY J 123 5.03 14.88 32.43
N ALA J 124 3.86 14.83 31.81
CA ALA J 124 2.64 15.37 32.40
C ALA J 124 1.40 14.63 31.87
N TRP J 125 0.30 14.71 32.60
CA TRP J 125 -1.01 14.23 32.18
C TRP J 125 -2.08 15.05 32.89
N VAL J 126 -3.25 15.19 32.27
CA VAL J 126 -4.32 16.00 32.86
C VAL J 126 -5.51 15.11 33.19
N CYS J 127 -5.95 15.19 34.44
CA CYS J 127 -7.17 14.48 34.82
C CYS J 127 -8.38 15.40 34.86
N ASP J 128 -9.54 14.78 35.05
CA ASP J 128 -10.76 15.53 35.29
C ASP J 128 -11.70 14.76 36.21
N ARG J 129 -12.57 15.53 36.88
CA ARG J 129 -13.71 14.97 37.59
C ARG J 129 -14.81 16.02 37.59
N LEU J 130 -16.05 15.57 37.79
CA LEU J 130 -17.17 16.49 37.90
C LEU J 130 -17.05 17.36 39.17
N ALA J 131 -17.12 18.68 39.01
CA ALA J 131 -17.07 19.54 40.17
C ALA J 131 -18.36 19.26 40.96
N THR J 132 -18.29 19.51 42.27
CA THR J 132 -19.41 19.30 43.19
C THR J 132 -20.10 20.66 43.40
N CYS J 133 -21.34 20.66 43.95
CA CYS J 133 -22.23 21.84 43.88
C CYS J 133 -22.76 22.35 45.24
N THR J 134 -23.19 23.64 45.29
CA THR J 134 -23.66 24.34 46.53
C THR J 134 -25.18 24.29 46.73
N PRO J 135 -25.66 23.63 47.81
CA PRO J 135 -27.11 23.55 47.93
C PRO J 135 -27.75 24.94 48.15
N PRO J 136 -28.99 25.18 47.67
CA PRO J 136 -29.63 26.50 47.81
C PRO J 136 -30.08 26.80 49.24
N ALA J 137 -30.18 28.07 49.62
CA ALA J 137 -30.71 28.48 50.96
C ALA J 137 -32.20 28.23 51.14
N GLY K 2 -82.73 38.74 18.40
CA GLY K 2 -82.56 37.81 17.23
C GLY K 2 -81.61 36.66 17.49
N PHE K 3 -81.20 35.98 16.42
CA PHE K 3 -80.18 34.92 16.50
C PHE K 3 -78.89 35.37 15.76
N VAL K 4 -77.81 35.55 16.51
CA VAL K 4 -76.50 35.91 15.93
C VAL K 4 -75.49 34.79 16.10
N CYS K 5 -74.79 34.43 15.02
CA CYS K 5 -73.88 33.29 15.03
C CYS K 5 -72.43 33.68 14.97
N ASN K 6 -71.76 33.42 16.09
CA ASN K 6 -70.37 33.73 16.25
C ASN K 6 -69.75 32.98 17.44
N THR K 7 -70.54 32.09 18.06
CA THR K 7 -70.06 31.31 19.21
C THR K 7 -69.22 30.14 18.75
N CYS K 8 -68.03 30.03 19.33
CA CYS K 8 -67.11 28.92 19.03
C CYS K 8 -66.69 28.20 20.32
N PRO K 9 -66.60 26.87 20.26
CA PRO K 9 -66.04 26.19 21.40
C PRO K 9 -64.53 26.49 21.50
N GLU K 10 -63.97 26.31 22.69
CA GLU K 10 -62.59 26.71 22.97
C GLU K 10 -61.58 26.32 21.90
N LYS K 11 -60.60 27.19 21.70
CA LYS K 11 -59.51 27.02 20.73
C LYS K 11 -59.93 27.27 19.30
N TRP K 12 -61.23 27.40 19.07
CA TRP K 12 -61.76 27.77 17.77
C TRP K 12 -61.91 29.27 17.59
N ILE K 13 -61.35 29.76 16.50
CA ILE K 13 -61.43 31.16 16.08
C ILE K 13 -62.65 31.35 15.17
N ASN K 14 -63.41 32.42 15.37
CA ASN K 14 -64.62 32.68 14.58
C ASN K 14 -64.36 33.59 13.38
N PHE K 15 -65.28 33.63 12.43
CA PHE K 15 -65.31 34.62 11.36
C PHE K 15 -66.66 34.40 10.70
N GLN K 16 -67.39 35.48 10.45
CA GLN K 16 -68.76 35.37 9.95
C GLN K 16 -69.60 34.35 10.74
N ARG K 17 -70.17 33.37 10.06
CA ARG K 17 -71.00 32.39 10.72
C ARG K 17 -70.35 31.03 10.94
N LYS K 18 -69.03 30.96 10.80
CA LYS K 18 -68.28 29.70 10.93
C LYS K 18 -67.14 29.75 11.95
N CYS K 19 -66.76 28.61 12.51
CA CYS K 19 -65.60 28.52 13.40
C CYS K 19 -64.43 27.89 12.66
N TYR K 20 -63.21 28.24 13.05
CA TYR K 20 -62.00 27.80 12.36
C TYR K 20 -60.93 27.29 13.35
N TYR K 21 -60.37 26.12 13.05
CA TYR K 21 -59.24 25.52 13.79
C TYR K 21 -57.97 25.43 12.91
N PHE K 22 -56.89 26.07 13.36
CA PHE K 22 -55.58 26.05 12.67
C PHE K 22 -54.61 25.09 13.32
N GLY K 23 -54.78 23.82 12.99
CA GLY K 23 -53.93 22.75 13.48
C GLY K 23 -52.52 22.82 12.92
N LYS K 24 -51.56 22.30 13.68
CA LYS K 24 -50.18 22.28 13.24
C LYS K 24 -49.58 20.93 13.56
N GLY K 25 -48.72 20.45 12.68
CA GLY K 25 -48.15 19.11 12.79
C GLY K 25 -48.01 18.47 11.42
N THR K 26 -46.95 17.67 11.26
CA THR K 26 -46.69 16.98 10.00
C THR K 26 -47.74 15.92 9.75
N LYS K 27 -48.56 16.17 8.73
CA LYS K 27 -49.61 15.24 8.31
C LYS K 27 -49.80 15.25 6.80
N GLN K 28 -50.16 14.09 6.26
CA GLN K 28 -50.59 14.00 4.87
C GLN K 28 -51.98 14.58 4.76
N TRP K 29 -52.45 14.76 3.53
CA TRP K 29 -53.74 15.36 3.31
C TRP K 29 -54.86 14.58 3.95
N VAL K 30 -54.84 13.26 3.79
CA VAL K 30 -55.93 12.44 4.31
C VAL K 30 -55.88 12.38 5.81
N HIS K 31 -54.67 12.41 6.34
CA HIS K 31 -54.48 12.44 7.78
C HIS K 31 -54.90 13.77 8.34
N ALA K 32 -54.74 14.82 7.54
CA ALA K 32 -55.27 16.12 7.87
C ALA K 32 -56.80 16.12 7.86
N ARG K 33 -57.38 15.37 6.93
CA ARG K 33 -58.82 15.26 6.89
C ARG K 33 -59.38 14.61 8.16
N TYR K 34 -58.72 13.53 8.60
CA TYR K 34 -59.16 12.76 9.79
C TYR K 34 -59.20 13.62 11.04
N ALA K 35 -58.15 14.43 11.18
CA ALA K 35 -57.99 15.32 12.33
C ALA K 35 -59.21 16.18 12.57
N CYS K 36 -59.74 16.73 11.46
CA CYS K 36 -60.90 17.60 11.50
C CYS K 36 -62.15 16.86 11.94
N ASP K 37 -62.27 15.60 11.57
CA ASP K 37 -63.43 14.79 11.90
C ASP K 37 -63.42 14.43 13.36
N ASP K 38 -62.24 14.25 13.91
CA ASP K 38 -62.06 13.90 15.31
C ASP K 38 -62.40 15.10 16.18
N MET K 39 -62.23 16.29 15.60
CA MET K 39 -62.60 17.56 16.23
C MET K 39 -64.00 17.99 15.86
N GLU K 40 -64.78 17.07 15.30
CA GLU K 40 -66.18 17.36 14.90
C GLU K 40 -66.38 18.55 13.94
N GLY K 41 -65.33 18.85 13.14
CA GLY K 41 -65.42 19.83 12.07
C GLY K 41 -65.05 19.15 10.76
N GLN K 42 -64.56 19.89 9.80
CA GLN K 42 -64.13 19.31 8.53
C GLN K 42 -63.07 20.19 7.93
N LEU K 43 -62.37 19.70 6.91
CA LEU K 43 -61.40 20.55 6.22
C LEU K 43 -62.08 21.80 5.65
N VAL K 44 -61.36 22.91 5.66
CA VAL K 44 -61.96 24.20 5.33
C VAL K 44 -62.50 24.29 3.89
N SER K 45 -63.60 25.02 3.73
CA SER K 45 -64.16 25.28 2.41
C SER K 45 -64.35 26.77 2.19
N ILE K 46 -63.50 27.29 1.32
CA ILE K 46 -63.42 28.73 1.04
C ILE K 46 -64.37 29.18 -0.07
N HIS K 47 -65.21 30.18 0.22
CA HIS K 47 -66.26 30.61 -0.70
C HIS K 47 -66.38 32.09 -0.91
N SER K 48 -65.65 32.89 -0.14
CA SER K 48 -65.68 34.34 -0.31
C SER K 48 -64.28 34.94 -0.16
N PRO K 49 -63.97 36.02 -0.92
CA PRO K 49 -62.64 36.63 -0.83
C PRO K 49 -62.32 37.11 0.58
N GLU K 50 -63.36 37.46 1.33
CA GLU K 50 -63.23 37.89 2.72
C GLU K 50 -62.82 36.73 3.60
N GLU K 51 -63.41 35.56 3.31
CA GLU K 51 -63.09 34.32 4.00
C GLU K 51 -61.60 34.04 3.81
N GLN K 52 -61.14 34.10 2.56
CA GLN K 52 -59.74 33.87 2.21
C GLN K 52 -58.79 34.86 2.89
N ASP K 53 -59.16 36.14 2.87
CA ASP K 53 -58.36 37.16 3.49
C ASP K 53 -58.10 36.87 4.96
N PHE K 54 -59.16 36.47 5.65
CA PHE K 54 -59.11 36.11 7.07
C PHE K 54 -58.09 35.00 7.29
N LEU K 55 -58.23 33.97 6.47
CA LEU K 55 -57.41 32.78 6.57
C LEU K 55 -55.94 33.09 6.27
N THR K 56 -55.69 33.90 5.23
CA THR K 56 -54.34 34.30 4.86
C THR K 56 -53.55 34.81 6.05
N LYS K 57 -54.25 35.47 6.97
CA LYS K 57 -53.61 36.07 8.14
C LYS K 57 -53.27 35.04 9.23
N HIS K 58 -53.94 33.90 9.23
CA HIS K 58 -53.62 32.86 10.20
C HIS K 58 -52.95 31.66 9.60
N ALA K 59 -52.76 31.65 8.28
CA ALA K 59 -52.16 30.52 7.56
C ALA K 59 -50.69 30.39 7.89
N SER K 60 -50.27 29.18 8.22
CA SER K 60 -48.90 28.95 8.59
C SER K 60 -48.03 29.17 7.36
N HIS K 61 -46.82 29.69 7.59
CA HIS K 61 -45.91 30.01 6.51
C HIS K 61 -45.33 28.78 5.84
N THR K 62 -45.22 27.71 6.62
CA THR K 62 -44.76 26.40 6.14
C THR K 62 -45.67 25.81 5.05
N GLY K 63 -46.96 26.14 5.13
CA GLY K 63 -47.98 25.62 4.22
C GLY K 63 -49.08 24.94 5.02
N SER K 64 -50.28 24.92 4.44
CA SER K 64 -51.47 24.35 5.10
C SER K 64 -52.29 23.47 4.16
N TRP K 65 -52.90 22.43 4.70
CA TRP K 65 -53.80 21.57 3.94
C TRP K 65 -55.21 22.09 3.99
N ILE K 66 -55.83 22.23 2.82
CA ILE K 66 -57.22 22.70 2.77
C ILE K 66 -58.19 21.64 2.24
N GLY K 67 -59.49 21.79 2.53
CA GLY K 67 -60.51 20.80 2.15
C GLY K 67 -60.89 20.68 0.67
N LEU K 68 -59.94 20.89 -0.24
CA LEU K 68 -60.18 20.72 -1.67
C LEU K 68 -59.35 19.60 -2.32
N ARG K 69 -60.05 18.73 -3.05
CA ARG K 69 -59.49 17.57 -3.80
C ARG K 69 -60.50 17.10 -4.88
N ASN K 70 -60.24 15.96 -5.53
CA ASN K 70 -61.28 15.36 -6.37
C ASN K 70 -61.46 13.87 -6.15
N LEU K 71 -62.63 13.36 -6.51
CA LEU K 71 -62.84 11.95 -6.41
C LEU K 71 -62.17 11.15 -7.55
N ASP K 72 -61.28 11.78 -8.33
CA ASP K 72 -60.72 11.18 -9.56
C ASP K 72 -61.75 10.94 -10.62
N LEU K 73 -62.83 10.25 -10.24
CA LEU K 73 -64.07 10.09 -11.00
C LEU K 73 -64.69 11.47 -11.19
N LYS K 74 -63.82 12.44 -11.46
CA LYS K 74 -64.16 13.84 -11.60
C LYS K 74 -63.11 14.41 -12.53
N GLY K 75 -61.92 14.71 -12.01
CA GLY K 75 -60.98 15.50 -12.76
C GLY K 75 -61.18 16.94 -12.33
N GLU K 76 -62.36 17.20 -11.75
CA GLU K 76 -62.70 18.50 -11.19
C GLU K 76 -62.63 18.46 -9.67
N PHE K 77 -62.10 19.53 -9.08
CA PHE K 77 -61.97 19.62 -7.63
C PHE K 77 -63.31 19.89 -6.96
N ILE K 78 -63.48 19.39 -5.74
CA ILE K 78 -64.70 19.56 -4.96
C ILE K 78 -64.36 19.68 -3.48
N TRP K 79 -64.98 20.64 -2.80
CA TRP K 79 -64.79 20.81 -1.35
C TRP K 79 -65.33 19.62 -0.59
N VAL K 80 -64.72 19.28 0.54
CA VAL K 80 -65.19 18.17 1.38
C VAL K 80 -66.64 18.32 1.91
N ASP K 81 -67.17 19.54 1.92
CA ASP K 81 -68.58 19.78 2.29
C ASP K 81 -69.56 19.49 1.15
N GLY K 82 -69.04 19.30 -0.05
CA GLY K 82 -69.86 18.93 -1.19
C GLY K 82 -69.96 20.01 -2.23
N SER K 83 -69.79 21.25 -1.81
CA SER K 83 -69.93 22.39 -2.70
C SER K 83 -68.85 22.42 -3.79
N HIS K 84 -69.20 22.98 -4.94
CA HIS K 84 -68.25 23.12 -6.02
C HIS K 84 -67.40 24.33 -5.77
N VAL K 85 -66.45 24.60 -6.65
CA VAL K 85 -65.60 25.77 -6.50
C VAL K 85 -66.21 26.99 -7.17
N ASP K 86 -66.75 27.89 -6.36
CA ASP K 86 -67.22 29.20 -6.84
C ASP K 86 -66.09 30.20 -6.73
N TYR K 87 -65.63 30.45 -5.51
CA TYR K 87 -64.49 31.31 -5.30
C TYR K 87 -63.20 30.50 -5.45
N SER K 88 -62.24 31.07 -6.20
CA SER K 88 -60.93 30.44 -6.39
C SER K 88 -59.77 31.38 -6.06
N ASN K 89 -58.75 30.86 -5.40
CA ASN K 89 -57.53 31.62 -5.11
C ASN K 89 -56.28 30.84 -5.53
N TRP K 90 -56.21 30.54 -6.83
CA TRP K 90 -55.06 29.81 -7.40
C TRP K 90 -53.85 30.67 -7.54
N ALA K 91 -52.73 30.19 -7.04
CA ALA K 91 -51.42 30.75 -7.36
C ALA K 91 -51.12 30.54 -8.85
N PRO K 92 -50.26 31.40 -9.45
CA PRO K 92 -49.93 31.33 -10.87
C PRO K 92 -49.42 29.96 -11.31
N GLY K 93 -49.94 29.47 -12.44
CA GLY K 93 -49.55 28.17 -12.98
C GLY K 93 -50.27 26.99 -12.35
N GLU K 94 -51.18 27.31 -11.43
CA GLU K 94 -51.93 26.28 -10.72
C GLU K 94 -53.43 26.48 -10.94
N PRO K 95 -54.20 25.38 -10.95
CA PRO K 95 -53.76 23.99 -10.72
C PRO K 95 -52.85 23.42 -11.83
N THR K 96 -51.70 22.87 -11.45
CA THR K 96 -50.86 22.09 -12.35
C THR K 96 -51.49 20.70 -12.61
N SER K 97 -52.72 20.53 -12.12
CA SER K 97 -53.47 19.27 -12.15
C SER K 97 -53.93 18.82 -13.54
N ARG K 98 -54.57 17.67 -13.56
CA ARG K 98 -54.78 16.91 -14.80
C ARG K 98 -53.59 15.97 -14.91
N SER K 99 -52.72 16.11 -13.92
CA SER K 99 -51.64 15.19 -13.66
C SER K 99 -50.51 15.42 -14.60
N GLN K 100 -49.28 15.39 -14.10
CA GLN K 100 -49.01 15.24 -12.65
C GLN K 100 -49.93 14.27 -11.96
N GLY K 101 -50.56 14.81 -10.93
CA GLY K 101 -51.52 14.15 -10.07
C GLY K 101 -51.90 15.31 -9.19
N GLU K 102 -51.42 15.30 -7.95
CA GLU K 102 -51.63 16.42 -7.02
C GLU K 102 -53.10 16.73 -6.85
N ASP K 103 -53.87 15.67 -6.77
CA ASP K 103 -55.32 15.75 -6.60
C ASP K 103 -55.72 16.40 -5.29
N CYS K 104 -54.75 16.82 -4.48
CA CYS K 104 -54.98 17.59 -3.24
C CYS K 104 -54.48 19.04 -3.32
N VAL K 105 -55.26 19.95 -2.74
CA VAL K 105 -54.91 21.35 -2.71
C VAL K 105 -54.39 21.80 -1.35
N MET K 106 -53.24 22.46 -1.38
CA MET K 106 -52.66 23.06 -0.20
C MET K 106 -52.68 24.58 -0.31
N MET K 107 -52.61 25.26 0.84
CA MET K 107 -52.57 26.72 0.90
C MET K 107 -51.20 27.22 1.38
N ARG K 108 -50.57 28.07 0.58
CA ARG K 108 -49.26 28.60 0.90
C ARG K 108 -49.34 29.55 2.09
N GLY K 109 -48.19 30.12 2.49
CA GLY K 109 -48.17 31.20 3.48
C GLY K 109 -48.96 32.38 2.95
N SER K 110 -48.78 32.65 1.66
CA SER K 110 -49.41 33.77 0.96
C SER K 110 -50.92 33.68 0.83
N GLY K 111 -51.49 32.54 1.18
CA GLY K 111 -52.94 32.32 1.06
C GLY K 111 -53.34 31.74 -0.28
N ARG K 112 -52.41 31.77 -1.23
CA ARG K 112 -52.59 31.20 -2.55
C ARG K 112 -52.67 29.67 -2.53
N TRP K 113 -53.40 29.11 -3.50
CA TRP K 113 -53.58 27.66 -3.59
C TRP K 113 -52.68 27.03 -4.65
N ASN K 114 -52.21 25.80 -4.38
CA ASN K 114 -51.47 24.96 -5.36
C ASN K 114 -51.77 23.47 -5.18
N ASP K 115 -51.89 22.71 -6.27
CA ASP K 115 -52.09 21.28 -6.15
C ASP K 115 -50.76 20.60 -5.85
N ALA K 116 -50.70 19.85 -4.74
CA ALA K 116 -49.53 19.07 -4.35
C ALA K 116 -49.97 17.63 -4.15
N PHE K 117 -49.05 16.66 -4.28
CA PHE K 117 -49.39 15.26 -4.06
C PHE K 117 -49.88 14.98 -2.65
N CYS K 118 -50.80 14.03 -2.55
CA CYS K 118 -51.55 13.81 -1.30
C CYS K 118 -50.80 13.04 -0.24
N ASP K 119 -49.79 12.31 -0.67
CA ASP K 119 -48.90 11.62 0.24
C ASP K 119 -47.88 12.57 0.83
N ARG K 120 -47.72 13.74 0.22
CA ARG K 120 -46.81 14.77 0.70
C ARG K 120 -47.20 15.20 2.11
N LYS K 121 -46.19 15.53 2.92
CA LYS K 121 -46.45 15.89 4.30
C LYS K 121 -46.19 17.37 4.57
N LEU K 122 -47.18 18.02 5.17
CA LEU K 122 -47.15 19.45 5.47
C LEU K 122 -47.39 19.72 6.94
N GLY K 123 -46.92 20.86 7.42
CA GLY K 123 -46.93 21.18 8.84
C GLY K 123 -48.16 21.85 9.41
N ALA K 124 -49.17 22.08 8.60
CA ALA K 124 -50.40 22.69 9.08
C ALA K 124 -51.62 22.26 8.27
N TRP K 125 -52.80 22.39 8.85
CA TRP K 125 -54.07 22.14 8.14
C TRP K 125 -55.15 22.91 8.80
N VAL K 126 -56.16 23.30 8.03
CA VAL K 126 -57.21 24.22 8.53
C VAL K 126 -58.61 23.59 8.51
N CYS K 127 -59.25 23.45 9.66
CA CYS K 127 -60.59 22.88 9.72
C CYS K 127 -61.62 23.98 9.84
N ASP K 128 -62.88 23.66 9.54
CA ASP K 128 -64.00 24.53 9.80
C ASP K 128 -65.24 23.83 10.34
N ARG K 129 -66.12 24.59 10.99
CA ARG K 129 -67.45 24.14 11.41
C ARG K 129 -68.36 25.33 11.45
N LEU K 130 -69.65 25.07 11.47
CA LEU K 130 -70.58 26.16 11.58
C LEU K 130 -70.55 26.69 13.01
N ALA K 131 -70.43 28.00 13.17
CA ALA K 131 -70.53 28.64 14.47
C ALA K 131 -71.89 28.43 15.07
N THR K 132 -71.94 28.34 16.40
CA THR K 132 -73.22 28.25 17.10
C THR K 132 -73.77 29.68 17.38
N CYS K 133 -75.07 29.81 17.66
CA CYS K 133 -75.71 31.14 17.70
C CYS K 133 -76.30 31.51 19.07
N THR K 134 -76.76 32.78 19.21
CA THR K 134 -77.22 33.39 20.47
C THR K 134 -78.69 33.86 20.44
N PRO K 135 -79.52 33.41 21.41
CA PRO K 135 -81.00 33.65 21.41
C PRO K 135 -81.38 35.13 21.61
N PRO K 136 -82.64 35.51 21.26
CA PRO K 136 -83.06 36.90 21.41
C PRO K 136 -83.16 37.31 22.87
N PHE L 3 2.05 -55.76 -44.32
CA PHE L 3 1.53 -54.85 -43.27
C PHE L 3 0.17 -55.25 -42.79
N VAL L 4 0.16 -55.71 -41.54
CA VAL L 4 -0.98 -56.44 -41.05
C VAL L 4 -1.45 -55.92 -39.70
N CYS L 5 -2.75 -55.65 -39.61
CA CYS L 5 -3.30 -54.94 -38.47
C CYS L 5 -4.29 -55.73 -37.66
N ASN L 6 -3.85 -56.05 -36.45
CA ASN L 6 -4.64 -56.79 -35.47
C ASN L 6 -4.06 -56.63 -34.07
N THR L 7 -3.09 -55.72 -33.89
CA THR L 7 -2.48 -55.41 -32.59
C THR L 7 -3.40 -54.49 -31.78
N CYS L 8 -3.78 -54.91 -30.56
CA CYS L 8 -4.48 -54.08 -29.59
C CYS L 8 -3.69 -53.90 -28.30
N PRO L 9 -3.85 -52.73 -27.67
CA PRO L 9 -3.32 -52.58 -26.32
C PRO L 9 -4.21 -53.31 -25.31
N GLU L 10 -3.65 -53.58 -24.14
CA GLU L 10 -4.29 -54.45 -23.15
C GLU L 10 -5.74 -54.11 -22.86
N LYS L 11 -6.58 -55.16 -22.72
CA LYS L 11 -8.03 -55.01 -22.42
C LYS L 11 -8.88 -54.63 -23.62
N TRP L 12 -8.22 -54.41 -24.75
CA TRP L 12 -8.88 -54.16 -25.99
C TRP L 12 -9.06 -55.39 -26.83
N ILE L 13 -10.29 -55.68 -27.25
CA ILE L 13 -10.56 -56.78 -28.19
C ILE L 13 -10.42 -56.28 -29.64
N ASN L 14 -9.85 -57.12 -30.49
CA ASN L 14 -9.70 -56.75 -31.89
C ASN L 14 -10.90 -57.16 -32.75
N PHE L 15 -11.06 -56.59 -33.93
CA PHE L 15 -11.89 -57.19 -34.98
C PHE L 15 -11.55 -56.43 -36.24
N GLN L 16 -11.31 -57.16 -37.31
CA GLN L 16 -10.78 -56.57 -38.54
C GLN L 16 -9.64 -55.53 -38.22
N ARG L 17 -9.84 -54.26 -38.60
CA ARG L 17 -8.78 -53.24 -38.53
C ARG L 17 -8.82 -52.40 -37.26
N LYS L 18 -9.69 -52.75 -36.33
CA LYS L 18 -9.99 -51.88 -35.19
C LYS L 18 -9.98 -52.58 -33.82
N CYS L 19 -9.72 -51.79 -32.78
CA CYS L 19 -9.78 -52.31 -31.39
C CYS L 19 -11.06 -51.84 -30.76
N TYR L 20 -11.62 -52.66 -29.88
CA TYR L 20 -12.93 -52.37 -29.25
C TYR L 20 -12.79 -52.60 -27.73
N TYR L 21 -13.24 -51.64 -26.95
CA TYR L 21 -13.28 -51.84 -25.51
C TYR L 21 -14.75 -51.89 -25.14
N PHE L 22 -15.17 -52.90 -24.37
CA PHE L 22 -16.56 -52.97 -23.94
C PHE L 22 -16.70 -52.58 -22.49
N GLY L 23 -16.86 -51.28 -22.28
CA GLY L 23 -16.98 -50.71 -20.94
C GLY L 23 -18.32 -50.96 -20.31
N LYS L 24 -18.28 -51.07 -18.96
CA LYS L 24 -19.49 -51.15 -18.20
C LYS L 24 -19.50 -50.16 -17.04
N GLY L 25 -20.71 -49.74 -16.72
CA GLY L 25 -20.93 -48.73 -15.73
C GLY L 25 -22.00 -47.76 -16.20
N THR L 26 -22.80 -47.28 -15.22
CA THR L 26 -23.89 -46.36 -15.48
C THR L 26 -23.27 -45.06 -15.94
N LYS L 27 -23.48 -44.74 -17.22
CA LYS L 27 -23.03 -43.44 -17.78
C LYS L 27 -24.07 -42.90 -18.74
N GLN L 28 -24.16 -41.58 -18.78
CA GLN L 28 -24.96 -40.90 -19.82
C GLN L 28 -24.23 -41.03 -21.14
N TRP L 29 -24.85 -40.63 -22.21
CA TRP L 29 -24.16 -40.72 -23.46
C TRP L 29 -22.93 -39.86 -23.51
N VAL L 30 -22.97 -38.63 -23.02
CA VAL L 30 -21.78 -37.80 -23.16
C VAL L 30 -20.70 -38.21 -22.21
N HIS L 31 -21.12 -38.73 -21.08
CA HIS L 31 -20.15 -39.30 -20.15
C HIS L 31 -19.47 -40.55 -20.73
N ALA L 32 -20.23 -41.27 -21.54
CA ALA L 32 -19.74 -42.40 -22.32
C ALA L 32 -18.76 -41.93 -23.35
N ARG L 33 -18.99 -40.77 -23.91
CA ARG L 33 -18.06 -40.20 -24.86
C ARG L 33 -16.73 -39.93 -24.16
N TYR L 34 -16.79 -39.30 -22.98
CA TYR L 34 -15.60 -38.95 -22.24
C TYR L 34 -14.74 -40.17 -21.96
N ALA L 35 -15.37 -41.25 -21.49
CA ALA L 35 -14.66 -42.54 -21.12
C ALA L 35 -13.79 -43.03 -22.18
N CYS L 36 -14.26 -42.97 -23.42
CA CYS L 36 -13.49 -43.41 -24.56
C CYS L 36 -12.34 -42.43 -24.88
N ASP L 37 -12.51 -41.13 -24.60
CA ASP L 37 -11.43 -40.17 -24.88
C ASP L 37 -10.35 -40.33 -23.90
N ASP L 38 -10.71 -40.68 -22.68
CA ASP L 38 -9.76 -40.94 -21.62
C ASP L 38 -8.97 -42.23 -21.88
N MET L 39 -9.62 -43.16 -22.57
CA MET L 39 -9.01 -44.39 -23.06
C MET L 39 -8.35 -44.23 -24.43
N GLU L 40 -8.23 -42.97 -24.85
CA GLU L 40 -7.66 -42.54 -26.13
C GLU L 40 -8.29 -43.20 -27.38
N GLY L 41 -9.61 -43.27 -27.34
CA GLY L 41 -10.38 -43.79 -28.48
C GLY L 41 -11.60 -42.92 -28.58
N GLN L 42 -12.68 -43.45 -29.12
CA GLN L 42 -13.92 -42.68 -29.26
C GLN L 42 -15.06 -43.69 -29.25
N LEU L 43 -16.29 -43.22 -29.12
CA LEU L 43 -17.37 -44.15 -29.24
C LEU L 43 -17.43 -44.88 -30.57
N VAL L 44 -17.94 -46.09 -30.53
CA VAL L 44 -17.84 -47.01 -31.65
C VAL L 44 -18.58 -46.55 -32.87
N SER L 45 -18.04 -46.89 -34.02
CA SER L 45 -18.66 -46.52 -35.27
C SER L 45 -18.84 -47.75 -36.17
N ILE L 46 -20.08 -48.18 -36.23
CA ILE L 46 -20.42 -49.37 -36.95
C ILE L 46 -20.66 -49.09 -38.45
N HIS L 47 -19.98 -49.85 -39.30
CA HIS L 47 -20.08 -49.65 -40.72
C HIS L 47 -20.23 -50.93 -41.51
N SER L 48 -20.14 -52.09 -40.90
CA SER L 48 -20.32 -53.31 -41.68
C SER L 48 -21.15 -54.34 -40.94
N PRO L 49 -21.96 -55.11 -41.69
CA PRO L 49 -22.82 -56.08 -41.00
C PRO L 49 -21.99 -57.02 -40.12
N GLU L 50 -20.76 -57.30 -40.56
CA GLU L 50 -19.82 -58.18 -39.83
C GLU L 50 -19.34 -57.50 -38.55
N GLU L 51 -19.09 -56.21 -38.66
CA GLU L 51 -18.73 -55.45 -37.48
C GLU L 51 -19.85 -55.58 -36.47
N GLN L 52 -21.09 -55.35 -36.92
CA GLN L 52 -22.28 -55.40 -36.06
C GLN L 52 -22.47 -56.78 -35.43
N ASP L 53 -22.35 -57.82 -36.25
CA ASP L 53 -22.49 -59.15 -35.72
C ASP L 53 -21.54 -59.43 -34.57
N PHE L 54 -20.32 -58.91 -34.70
CA PHE L 54 -19.26 -59.05 -33.69
C PHE L 54 -19.65 -58.40 -32.39
N LEU L 55 -20.10 -57.17 -32.54
CA LEU L 55 -20.56 -56.37 -31.40
C LEU L 55 -21.79 -56.99 -30.70
N THR L 56 -22.71 -57.50 -31.50
CA THR L 56 -23.90 -58.17 -30.99
C THR L 56 -23.52 -59.22 -29.96
N LYS L 57 -22.41 -59.91 -30.20
CA LYS L 57 -21.98 -61.00 -29.33
C LYS L 57 -21.32 -60.56 -28.02
N HIS L 58 -20.88 -59.31 -27.98
CA HIS L 58 -20.28 -58.76 -26.76
C HIS L 58 -21.07 -57.67 -26.14
N ALA L 59 -22.24 -57.37 -26.73
CA ALA L 59 -23.09 -56.31 -26.23
C ALA L 59 -23.76 -56.74 -24.93
N SER L 60 -23.77 -55.85 -23.93
CA SER L 60 -24.46 -56.09 -22.67
C SER L 60 -25.94 -56.15 -22.95
N HIS L 61 -26.63 -57.00 -22.21
CA HIS L 61 -28.07 -57.24 -22.38
C HIS L 61 -28.90 -56.10 -21.83
N THR L 62 -28.32 -55.34 -20.88
CA THR L 62 -28.90 -54.08 -20.38
C THR L 62 -29.02 -53.04 -21.51
N GLY L 63 -28.09 -53.08 -22.44
CA GLY L 63 -28.02 -52.11 -23.53
C GLY L 63 -26.68 -51.40 -23.51
N SER L 64 -26.27 -50.83 -24.64
CA SER L 64 -24.96 -50.19 -24.76
C SER L 64 -25.01 -48.90 -25.59
N TRP L 65 -24.20 -47.90 -25.21
CA TRP L 65 -24.10 -46.58 -25.89
C TRP L 65 -23.17 -46.63 -27.07
N ILE L 66 -23.62 -46.20 -28.24
CA ILE L 66 -22.73 -46.20 -29.45
C ILE L 66 -22.37 -44.79 -29.89
N GLY L 67 -21.38 -44.64 -30.76
CA GLY L 67 -20.95 -43.30 -31.17
C GLY L 67 -21.76 -42.61 -32.27
N LEU L 68 -23.09 -42.66 -32.13
CA LEU L 68 -24.03 -42.07 -33.11
C LEU L 68 -25.00 -41.07 -32.46
N ARG L 69 -25.10 -39.88 -33.08
CA ARG L 69 -25.95 -38.71 -32.64
C ARG L 69 -26.06 -37.68 -33.75
N ASN L 70 -26.52 -36.46 -33.48
CA ASN L 70 -26.36 -35.34 -34.48
C ASN L 70 -25.92 -34.03 -33.87
N LEU L 71 -25.44 -33.08 -34.65
CA LEU L 71 -25.09 -31.77 -34.08
C LEU L 71 -26.31 -30.83 -33.82
N ASP L 72 -27.51 -31.40 -33.86
CA ASP L 72 -28.75 -30.68 -33.82
C ASP L 72 -28.93 -29.88 -35.06
N LEU L 73 -27.95 -29.01 -35.33
CA LEU L 73 -27.85 -28.23 -36.54
C LEU L 73 -27.61 -29.24 -37.65
N LYS L 74 -28.48 -30.24 -37.66
CA LYS L 74 -28.45 -31.31 -38.65
C LYS L 74 -29.92 -31.78 -38.73
N GLY L 75 -30.31 -32.66 -37.81
CA GLY L 75 -31.50 -33.43 -38.00
C GLY L 75 -31.08 -34.71 -38.67
N GLU L 76 -29.78 -34.84 -39.00
CA GLU L 76 -29.20 -36.09 -39.49
C GLU L 76 -28.11 -36.63 -38.55
N PHE L 77 -28.15 -37.94 -38.32
CA PHE L 77 -27.18 -38.68 -37.44
C PHE L 77 -25.80 -38.85 -38.06
N ILE L 78 -24.76 -38.73 -37.23
CA ILE L 78 -23.35 -38.82 -37.67
C ILE L 78 -22.50 -39.43 -36.57
N TRP L 79 -21.66 -40.39 -36.97
CA TRP L 79 -20.78 -41.11 -36.05
C TRP L 79 -19.76 -40.20 -35.50
N VAL L 80 -19.40 -40.36 -34.21
CA VAL L 80 -18.47 -39.44 -33.61
C VAL L 80 -17.12 -39.34 -34.33
N ASP L 81 -16.76 -40.38 -35.11
CA ASP L 81 -15.58 -40.33 -35.97
C ASP L 81 -15.75 -39.40 -37.20
N GLY L 82 -16.97 -38.91 -37.44
CA GLY L 82 -17.13 -37.98 -38.53
C GLY L 82 -17.88 -38.59 -39.67
N SER L 83 -17.81 -39.90 -39.83
CA SER L 83 -18.47 -40.54 -40.94
C SER L 83 -19.98 -40.52 -40.83
N HIS L 84 -20.66 -40.46 -41.98
CA HIS L 84 -22.13 -40.48 -42.10
C HIS L 84 -22.63 -41.88 -41.97
N VAL L 85 -23.95 -42.07 -42.10
CA VAL L 85 -24.47 -43.42 -41.85
C VAL L 85 -24.62 -44.24 -43.12
N ASP L 86 -23.72 -45.19 -43.32
CA ASP L 86 -23.79 -46.10 -44.48
C ASP L 86 -24.47 -47.39 -44.09
N TYR L 87 -23.89 -48.12 -43.14
CA TYR L 87 -24.58 -49.29 -42.59
C TYR L 87 -25.49 -48.85 -41.44
N SER L 88 -26.71 -49.36 -41.43
CA SER L 88 -27.65 -49.10 -40.32
C SER L 88 -28.19 -50.42 -39.79
N ASN L 89 -28.38 -50.48 -38.48
CA ASN L 89 -29.08 -51.59 -37.90
C ASN L 89 -30.16 -51.09 -36.99
N TRP L 90 -31.15 -50.39 -37.58
CA TRP L 90 -32.31 -49.89 -36.83
C TRP L 90 -33.26 -50.98 -36.45
N ALA L 91 -33.57 -51.04 -35.15
CA ALA L 91 -34.73 -51.77 -34.67
C ALA L 91 -36.04 -51.18 -35.27
N PRO L 92 -37.07 -52.04 -35.44
CA PRO L 92 -38.38 -51.58 -35.95
C PRO L 92 -38.92 -50.40 -35.16
N GLY L 93 -39.42 -49.42 -35.91
CA GLY L 93 -40.00 -48.21 -35.33
C GLY L 93 -38.99 -47.15 -34.94
N GLU L 94 -37.71 -47.47 -35.21
CA GLU L 94 -36.66 -46.54 -34.92
C GLU L 94 -35.89 -46.15 -36.21
N PRO L 95 -35.34 -44.92 -36.25
CA PRO L 95 -35.37 -43.83 -35.23
C PRO L 95 -36.74 -43.14 -34.97
N THR L 96 -37.19 -43.20 -33.71
CA THR L 96 -38.36 -42.42 -33.25
C THR L 96 -37.98 -40.94 -33.18
N SER L 97 -36.80 -40.60 -33.73
CA SER L 97 -36.23 -39.26 -33.71
C SER L 97 -36.94 -38.27 -34.68
N ARG L 98 -36.36 -37.07 -34.80
CA ARG L 98 -37.06 -35.94 -35.31
C ARG L 98 -37.71 -35.26 -34.12
N SER L 99 -37.54 -35.94 -32.99
CA SER L 99 -38.03 -35.52 -31.72
C SER L 99 -39.52 -35.63 -31.69
N GLN L 100 -40.09 -36.17 -30.60
CA GLN L 100 -39.33 -36.75 -29.48
C GLN L 100 -38.21 -35.89 -29.01
N GLY L 101 -37.06 -36.51 -28.99
CA GLY L 101 -35.83 -35.89 -28.62
C GLY L 101 -34.90 -36.83 -29.31
N GLU L 102 -34.15 -37.50 -28.45
CA GLU L 102 -33.54 -38.80 -28.63
C GLU L 102 -32.42 -38.74 -29.67
N ASP L 103 -31.71 -37.63 -29.64
CA ASP L 103 -30.62 -37.33 -30.52
C ASP L 103 -29.38 -38.26 -30.33
N CYS L 104 -29.46 -39.20 -29.36
CA CYS L 104 -28.44 -40.27 -29.11
C CYS L 104 -28.89 -41.70 -29.42
N VAL L 105 -27.98 -42.47 -29.97
CA VAL L 105 -28.30 -43.82 -30.37
C VAL L 105 -27.65 -44.84 -29.42
N MET L 106 -28.47 -45.78 -28.94
CA MET L 106 -27.99 -46.94 -28.14
C MET L 106 -28.22 -48.24 -28.89
N MET L 107 -27.41 -49.24 -28.54
CA MET L 107 -27.57 -50.55 -29.10
C MET L 107 -28.14 -51.50 -28.04
N ARG L 108 -29.20 -52.22 -28.41
CA ARG L 108 -29.82 -53.16 -27.50
C ARG L 108 -28.95 -54.40 -27.30
N GLY L 109 -29.43 -55.31 -26.45
CA GLY L 109 -28.78 -56.59 -26.32
C GLY L 109 -28.84 -57.31 -27.65
N SER L 110 -29.94 -57.14 -28.37
CA SER L 110 -30.12 -57.77 -29.66
C SER L 110 -29.21 -57.25 -30.75
N GLY L 111 -28.48 -56.18 -30.48
CA GLY L 111 -27.60 -55.56 -31.45
C GLY L 111 -28.29 -54.46 -32.25
N ARG L 112 -29.61 -54.42 -32.14
CA ARG L 112 -30.46 -53.46 -32.83
C ARG L 112 -30.25 -52.08 -32.24
N TRP L 113 -30.45 -51.03 -33.06
CA TRP L 113 -30.31 -49.66 -32.59
C TRP L 113 -31.65 -48.99 -32.34
N ASN L 114 -31.69 -48.11 -31.33
CA ASN L 114 -32.85 -47.24 -31.02
C ASN L 114 -32.44 -45.84 -30.51
N ASP L 115 -33.18 -44.81 -30.85
CA ASP L 115 -32.87 -43.50 -30.35
C ASP L 115 -33.48 -43.34 -28.96
N ALA L 116 -32.65 -42.94 -28.01
CA ALA L 116 -33.10 -42.65 -26.65
C ALA L 116 -32.47 -41.34 -26.21
N PHE L 117 -33.06 -40.69 -25.21
CA PHE L 117 -32.54 -39.42 -24.73
C PHE L 117 -31.12 -39.57 -24.13
N CYS L 118 -30.32 -38.54 -24.33
CA CYS L 118 -28.91 -38.54 -24.03
C CYS L 118 -28.62 -38.28 -22.56
N ASP L 119 -29.60 -37.78 -21.82
CA ASP L 119 -29.50 -37.69 -20.35
C ASP L 119 -29.89 -38.98 -19.69
N ARG L 120 -30.51 -39.89 -20.45
CA ARG L 120 -30.74 -41.28 -20.00
C ARG L 120 -29.45 -42.03 -19.64
N LYS L 121 -29.54 -42.86 -18.62
CA LYS L 121 -28.37 -43.56 -18.10
C LYS L 121 -28.40 -45.09 -18.39
N LEU L 122 -27.32 -45.59 -19.03
CA LEU L 122 -27.23 -47.00 -19.37
C LEU L 122 -26.02 -47.66 -18.70
N GLY L 123 -26.05 -48.99 -18.63
CA GLY L 123 -25.03 -49.82 -17.96
C GLY L 123 -23.75 -50.14 -18.73
N ALA L 124 -23.73 -49.83 -20.02
CA ALA L 124 -22.62 -50.18 -20.91
C ALA L 124 -22.43 -49.21 -22.07
N TRP L 125 -21.21 -49.21 -22.61
CA TRP L 125 -20.85 -48.42 -23.79
C TRP L 125 -19.71 -49.13 -24.48
N VAL L 126 -19.61 -48.92 -25.80
CA VAL L 126 -18.56 -49.52 -26.62
C VAL L 126 -17.64 -48.45 -27.18
N CYS L 127 -16.34 -48.57 -26.98
CA CYS L 127 -15.43 -47.63 -27.64
C CYS L 127 -14.80 -48.32 -28.86
N ASP L 128 -14.17 -47.56 -29.75
CA ASP L 128 -13.24 -48.15 -30.70
C ASP L 128 -11.96 -47.30 -30.87
N ARG L 129 -10.97 -47.89 -31.54
CA ARG L 129 -9.75 -47.21 -31.92
C ARG L 129 -9.14 -48.03 -33.02
N LEU L 130 -8.28 -47.40 -33.82
CA LEU L 130 -7.64 -48.13 -34.96
C LEU L 130 -6.62 -49.11 -34.47
N ALA L 131 -6.79 -50.40 -34.76
CA ALA L 131 -5.81 -51.41 -34.38
C ALA L 131 -4.47 -51.05 -34.99
N THR L 132 -3.39 -51.42 -34.31
CA THR L 132 -2.03 -51.05 -34.75
C THR L 132 -1.49 -52.21 -35.55
N CYS L 133 -0.38 -52.05 -36.27
CA CYS L 133 -0.07 -53.09 -37.27
C CYS L 133 1.28 -53.63 -37.16
N THR L 134 1.50 -54.79 -37.80
CA THR L 134 2.80 -55.44 -37.74
C THR L 134 3.67 -54.94 -38.84
N PRO L 135 4.94 -54.64 -38.50
CA PRO L 135 5.83 -54.21 -39.52
C PRO L 135 6.30 -55.44 -40.22
N PRO L 136 6.00 -55.57 -41.53
CA PRO L 136 6.32 -56.89 -42.17
C PRO L 136 7.76 -57.04 -42.73
N ALA L 137 8.20 -58.28 -42.99
CA ALA L 137 9.51 -58.54 -43.65
C ALA L 137 10.66 -58.83 -42.64
N SER L 138 11.93 -58.67 -43.03
CA SER L 138 13.05 -58.94 -42.11
C SER L 138 14.19 -57.94 -42.27
#